data_9DCL
# 
_entry.id   9DCL 
# 
_audit_conform.dict_name       mmcif_pdbx.dic 
_audit_conform.dict_version    5.404 
_audit_conform.dict_location   http://mmcif.pdb.org/dictionaries/ascii/mmcif_pdbx.dic 
# 
loop_
_database_2.database_id 
_database_2.database_code 
_database_2.pdbx_database_accession 
_database_2.pdbx_DOI 
PDB   9DCL         pdb_00009dcl 10.2210/pdb9dcl/pdb 
WWPDB D_1000287867 ?            ?                   
# 
_pdbx_audit_revision_history.ordinal             1 
_pdbx_audit_revision_history.data_content_type   'Structure model' 
_pdbx_audit_revision_history.major_revision      1 
_pdbx_audit_revision_history.minor_revision      0 
_pdbx_audit_revision_history.revision_date       2025-07-30 
_pdbx_audit_revision_history.part_number         ? 
# 
_pdbx_audit_revision_details.ordinal             1 
_pdbx_audit_revision_details.revision_ordinal    1 
_pdbx_audit_revision_details.data_content_type   'Structure model' 
_pdbx_audit_revision_details.provider            repository 
_pdbx_audit_revision_details.type                'Initial release' 
_pdbx_audit_revision_details.description         ? 
_pdbx_audit_revision_details.details             ? 
# 
_pdbx_database_status.status_code                     REL 
_pdbx_database_status.status_code_sf                  REL 
_pdbx_database_status.status_code_mr                  ? 
_pdbx_database_status.entry_id                        9DCL 
_pdbx_database_status.recvd_initial_deposition_date   2024-08-26 
_pdbx_database_status.SG_entry                        N 
_pdbx_database_status.deposit_site                    RCSB 
_pdbx_database_status.process_site                    RCSB 
_pdbx_database_status.status_code_cs                  ? 
_pdbx_database_status.status_code_nmr_data            ? 
_pdbx_database_status.methods_development_category    ? 
_pdbx_database_status.pdb_format_compatible           Y 
# 
_pdbx_contact_author.id                 2 
_pdbx_contact_author.email              g.bashiri@auckland.ac.nz 
_pdbx_contact_author.name_first         Ghader 
_pdbx_contact_author.name_last          Bashiri 
_pdbx_contact_author.name_mi            ? 
_pdbx_contact_author.role               'principal investigator/group leader' 
_pdbx_contact_author.identifier_ORCID   0000-0002-5092-3749 
# 
loop_
_audit_author.name 
_audit_author.pdbx_ordinal 
_audit_author.identifier_ORCID 
'Stuteley, S.M.' 1 0009-0003-1851-224X 
'Bashiri, G.'    2 0000-0002-5092-3749 
# 
_citation.abstract                  ? 
_citation.abstract_id_CAS           ? 
_citation.book_id_ISBN              ? 
_citation.book_publisher            ? 
_citation.book_publisher_city       ? 
_citation.book_title                ? 
_citation.coordinate_linkage        ? 
_citation.country                   US 
_citation.database_id_Medline       ? 
_citation.details                   ? 
_citation.id                        primary 
_citation.journal_abbrev            Biorxiv 
_citation.journal_id_ASTM           ? 
_citation.journal_id_CSD            ? 
_citation.journal_id_ISSN           2692-8205 
_citation.journal_full              ? 
_citation.journal_issue             ? 
_citation.journal_volume            ? 
_citation.language                  ? 
_citation.page_first                ? 
_citation.page_last                 ? 
_citation.title                     'Feedback regulation of iron-sulfur cluster biogenesis.' 
_citation.year                      2025 
_citation.database_id_CSD           ? 
_citation.pdbx_database_id_DOI      10.1101/2025.06.15.659787 
_citation.pdbx_database_id_PubMed   40667192 
_citation.pdbx_database_id_patent   ? 
_citation.unpublished_flag          ? 
# 
loop_
_citation_author.citation_id 
_citation_author.name 
_citation_author.ordinal 
_citation_author.identifier_ORCID 
primary 'Stuteley, S.M.' 1 0009-0003-1851-224X 
primary 'Chen, J.'       2 0000-0002-7573-6333 
primary 'Wang, J.'       3 0000-0002-7837-4745 
primary 'Dawes, S.'      4 0000-0002-5533-0213 
primary 'Baker, E.N.'    5 0000-0003-2456-7661 
primary 'Squire, C.J.'   6 0000-0001-9212-0461 
primary 'Pandelia, M.E.' 7 0000-0002-6750-1948 
primary 'Bashiri, G.'    8 0000-0002-5092-3749 
# 
loop_
_entity.id 
_entity.type 
_entity.src_method 
_entity.pdbx_description 
_entity.formula_weight 
_entity.pdbx_number_of_molecules 
_entity.pdbx_ec 
_entity.pdbx_mutation 
_entity.pdbx_fragment 
_entity.details 
1 polymer     man 'Possible nitrogen fixation related protein' 17697.777 1  ? ? ? ? 
2 non-polymer syn 'FE2/S2 (INORGANIC) CLUSTER'                 175.820   1  ? ? ? ? 
3 water       nat water                                        18.015    36 ? ? ? ? 
# 
_entity_poly.entity_id                      1 
_entity_poly.type                           'polypeptide(L)' 
_entity_poly.nstd_linkage                   no 
_entity_poly.nstd_monomer                   no 
_entity_poly.pdbx_seq_one_letter_code       
;VTLRLEQIYQDVILDHYKHPQHRGLREPFGAQVYHVNPICGDEVTLRVALSEDGTRVTDVSYDGQGCSISQAATSVLTEQ
VIGQRVPRALNIVDAFTEMVSSRGTVPGDEDVLGDGVAFAGVAKYPARVKCALLGWMAFKDALAQASEAFEEVTDERNQR
TG
;
_entity_poly.pdbx_seq_one_letter_code_can   
;VTLRLEQIYQDVILDHYKHPQHRGLREPFGAQVYHVNPICGDEVTLRVALSEDGTRVTDVSYDGQGCSISQAATSVLTEQ
VIGQRVPRALNIVDAFTEMVSSRGTVPGDEDVLGDGVAFAGVAKYPARVKCALLGWMAFKDALAQASEAFEEVTDERNQR
TG
;
_entity_poly.pdbx_strand_id                 A 
_entity_poly.pdbx_target_identifier         ? 
# 
loop_
_pdbx_entity_nonpoly.entity_id 
_pdbx_entity_nonpoly.name 
_pdbx_entity_nonpoly.comp_id 
2 'FE2/S2 (INORGANIC) CLUSTER' FES 
3 water                        HOH 
# 
loop_
_entity_poly_seq.entity_id 
_entity_poly_seq.num 
_entity_poly_seq.mon_id 
_entity_poly_seq.hetero 
1 1   VAL n 
1 2   THR n 
1 3   LEU n 
1 4   ARG n 
1 5   LEU n 
1 6   GLU n 
1 7   GLN n 
1 8   ILE n 
1 9   TYR n 
1 10  GLN n 
1 11  ASP n 
1 12  VAL n 
1 13  ILE n 
1 14  LEU n 
1 15  ASP n 
1 16  HIS n 
1 17  TYR n 
1 18  LYS n 
1 19  HIS n 
1 20  PRO n 
1 21  GLN n 
1 22  HIS n 
1 23  ARG n 
1 24  GLY n 
1 25  LEU n 
1 26  ARG n 
1 27  GLU n 
1 28  PRO n 
1 29  PHE n 
1 30  GLY n 
1 31  ALA n 
1 32  GLN n 
1 33  VAL n 
1 34  TYR n 
1 35  HIS n 
1 36  VAL n 
1 37  ASN n 
1 38  PRO n 
1 39  ILE n 
1 40  CYS n 
1 41  GLY n 
1 42  ASP n 
1 43  GLU n 
1 44  VAL n 
1 45  THR n 
1 46  LEU n 
1 47  ARG n 
1 48  VAL n 
1 49  ALA n 
1 50  LEU n 
1 51  SER n 
1 52  GLU n 
1 53  ASP n 
1 54  GLY n 
1 55  THR n 
1 56  ARG n 
1 57  VAL n 
1 58  THR n 
1 59  ASP n 
1 60  VAL n 
1 61  SER n 
1 62  TYR n 
1 63  ASP n 
1 64  GLY n 
1 65  GLN n 
1 66  GLY n 
1 67  CYS n 
1 68  SER n 
1 69  ILE n 
1 70  SER n 
1 71  GLN n 
1 72  ALA n 
1 73  ALA n 
1 74  THR n 
1 75  SER n 
1 76  VAL n 
1 77  LEU n 
1 78  THR n 
1 79  GLU n 
1 80  GLN n 
1 81  VAL n 
1 82  ILE n 
1 83  GLY n 
1 84  GLN n 
1 85  ARG n 
1 86  VAL n 
1 87  PRO n 
1 88  ARG n 
1 89  ALA n 
1 90  LEU n 
1 91  ASN n 
1 92  ILE n 
1 93  VAL n 
1 94  ASP n 
1 95  ALA n 
1 96  PHE n 
1 97  THR n 
1 98  GLU n 
1 99  MET n 
1 100 VAL n 
1 101 SER n 
1 102 SER n 
1 103 ARG n 
1 104 GLY n 
1 105 THR n 
1 106 VAL n 
1 107 PRO n 
1 108 GLY n 
1 109 ASP n 
1 110 GLU n 
1 111 ASP n 
1 112 VAL n 
1 113 LEU n 
1 114 GLY n 
1 115 ASP n 
1 116 GLY n 
1 117 VAL n 
1 118 ALA n 
1 119 PHE n 
1 120 ALA n 
1 121 GLY n 
1 122 VAL n 
1 123 ALA n 
1 124 LYS n 
1 125 TYR n 
1 126 PRO n 
1 127 ALA n 
1 128 ARG n 
1 129 VAL n 
1 130 LYS n 
1 131 CYS n 
1 132 ALA n 
1 133 LEU n 
1 134 LEU n 
1 135 GLY n 
1 136 TRP n 
1 137 MET n 
1 138 ALA n 
1 139 PHE n 
1 140 LYS n 
1 141 ASP n 
1 142 ALA n 
1 143 LEU n 
1 144 ALA n 
1 145 GLN n 
1 146 ALA n 
1 147 SER n 
1 148 GLU n 
1 149 ALA n 
1 150 PHE n 
1 151 GLU n 
1 152 GLU n 
1 153 VAL n 
1 154 THR n 
1 155 ASP n 
1 156 GLU n 
1 157 ARG n 
1 158 ASN n 
1 159 GLN n 
1 160 ARG n 
1 161 THR n 
1 162 GLY n 
# 
_entity_src_gen.entity_id                          1 
_entity_src_gen.pdbx_src_id                        1 
_entity_src_gen.pdbx_alt_source_flag               sample 
_entity_src_gen.pdbx_seq_type                      'Biological sequence' 
_entity_src_gen.pdbx_beg_seq_num                   1 
_entity_src_gen.pdbx_end_seq_num                   162 
_entity_src_gen.gene_src_common_name               ? 
_entity_src_gen.gene_src_genus                     ? 
_entity_src_gen.pdbx_gene_src_gene                 Rv1465 
_entity_src_gen.gene_src_species                   ? 
_entity_src_gen.gene_src_strain                    ? 
_entity_src_gen.gene_src_tissue                    ? 
_entity_src_gen.gene_src_tissue_fraction           ? 
_entity_src_gen.gene_src_details                   ? 
_entity_src_gen.pdbx_gene_src_fragment             ? 
_entity_src_gen.pdbx_gene_src_scientific_name      'Mycobacterium tuberculosis H37Rv' 
_entity_src_gen.pdbx_gene_src_ncbi_taxonomy_id     83332 
_entity_src_gen.pdbx_gene_src_variant              ? 
_entity_src_gen.pdbx_gene_src_cell_line            ? 
_entity_src_gen.pdbx_gene_src_atcc                 ? 
_entity_src_gen.pdbx_gene_src_organ                ? 
_entity_src_gen.pdbx_gene_src_organelle            ? 
_entity_src_gen.pdbx_gene_src_cell                 ? 
_entity_src_gen.pdbx_gene_src_cellular_location    ? 
_entity_src_gen.host_org_common_name               ? 
_entity_src_gen.pdbx_host_org_scientific_name      'Escherichia coli BL21' 
_entity_src_gen.pdbx_host_org_ncbi_taxonomy_id     511693 
_entity_src_gen.host_org_genus                     ? 
_entity_src_gen.pdbx_host_org_gene                 ? 
_entity_src_gen.pdbx_host_org_organ                ? 
_entity_src_gen.host_org_species                   ? 
_entity_src_gen.pdbx_host_org_tissue               ? 
_entity_src_gen.pdbx_host_org_tissue_fraction      ? 
_entity_src_gen.pdbx_host_org_strain               ? 
_entity_src_gen.pdbx_host_org_variant              LOBSTR 
_entity_src_gen.pdbx_host_org_cell_line            ? 
_entity_src_gen.pdbx_host_org_atcc                 ? 
_entity_src_gen.pdbx_host_org_culture_collection   ? 
_entity_src_gen.pdbx_host_org_cell                 ? 
_entity_src_gen.pdbx_host_org_organelle            ? 
_entity_src_gen.pdbx_host_org_cellular_location    ? 
_entity_src_gen.pdbx_host_org_vector_type          ? 
_entity_src_gen.pdbx_host_org_vector               ? 
_entity_src_gen.host_org_details                   ? 
_entity_src_gen.expression_system_id               ? 
_entity_src_gen.plasmid_name                       ? 
_entity_src_gen.plasmid_details                    ? 
_entity_src_gen.pdbx_description                   ? 
# 
loop_
_chem_comp.id 
_chem_comp.type 
_chem_comp.mon_nstd_flag 
_chem_comp.name 
_chem_comp.pdbx_synonyms 
_chem_comp.formula 
_chem_comp.formula_weight 
ALA 'L-peptide linking' y ALANINE                      ? 'C3 H7 N O2'     89.093  
ARG 'L-peptide linking' y ARGININE                     ? 'C6 H15 N4 O2 1' 175.209 
ASN 'L-peptide linking' y ASPARAGINE                   ? 'C4 H8 N2 O3'    132.118 
ASP 'L-peptide linking' y 'ASPARTIC ACID'              ? 'C4 H7 N O4'     133.103 
CYS 'L-peptide linking' y CYSTEINE                     ? 'C3 H7 N O2 S'   121.158 
FES non-polymer         . 'FE2/S2 (INORGANIC) CLUSTER' ? 'Fe2 S2'         175.820 
GLN 'L-peptide linking' y GLUTAMINE                    ? 'C5 H10 N2 O3'   146.144 
GLU 'L-peptide linking' y 'GLUTAMIC ACID'              ? 'C5 H9 N O4'     147.129 
GLY 'peptide linking'   y GLYCINE                      ? 'C2 H5 N O2'     75.067  
HIS 'L-peptide linking' y HISTIDINE                    ? 'C6 H10 N3 O2 1' 156.162 
HOH non-polymer         . WATER                        ? 'H2 O'           18.015  
ILE 'L-peptide linking' y ISOLEUCINE                   ? 'C6 H13 N O2'    131.173 
LEU 'L-peptide linking' y LEUCINE                      ? 'C6 H13 N O2'    131.173 
LYS 'L-peptide linking' y LYSINE                       ? 'C6 H15 N2 O2 1' 147.195 
MET 'L-peptide linking' y METHIONINE                   ? 'C5 H11 N O2 S'  149.211 
PHE 'L-peptide linking' y PHENYLALANINE                ? 'C9 H11 N O2'    165.189 
PRO 'L-peptide linking' y PROLINE                      ? 'C5 H9 N O2'     115.130 
SER 'L-peptide linking' y SERINE                       ? 'C3 H7 N O3'     105.093 
THR 'L-peptide linking' y THREONINE                    ? 'C4 H9 N O3'     119.119 
TRP 'L-peptide linking' y TRYPTOPHAN                   ? 'C11 H12 N2 O2'  204.225 
TYR 'L-peptide linking' y TYROSINE                     ? 'C9 H11 N O3'    181.189 
VAL 'L-peptide linking' y VALINE                       ? 'C5 H11 N O2'    117.146 
# 
loop_
_pdbx_poly_seq_scheme.asym_id 
_pdbx_poly_seq_scheme.entity_id 
_pdbx_poly_seq_scheme.seq_id 
_pdbx_poly_seq_scheme.mon_id 
_pdbx_poly_seq_scheme.ndb_seq_num 
_pdbx_poly_seq_scheme.pdb_seq_num 
_pdbx_poly_seq_scheme.auth_seq_num 
_pdbx_poly_seq_scheme.pdb_mon_id 
_pdbx_poly_seq_scheme.auth_mon_id 
_pdbx_poly_seq_scheme.pdb_strand_id 
_pdbx_poly_seq_scheme.pdb_ins_code 
_pdbx_poly_seq_scheme.hetero 
A 1 1   VAL 1   1   ?   ?   ?   A . n 
A 1 2   THR 2   2   ?   ?   ?   A . n 
A 1 3   LEU 3   3   ?   ?   ?   A . n 
A 1 4   ARG 4   4   ?   ?   ?   A . n 
A 1 5   LEU 5   5   5   LEU LEU A . n 
A 1 6   GLU 6   6   6   GLU GLU A . n 
A 1 7   GLN 7   7   7   GLN GLN A . n 
A 1 8   ILE 8   8   8   ILE ILE A . n 
A 1 9   TYR 9   9   9   TYR TYR A . n 
A 1 10  GLN 10  10  10  GLN GLN A . n 
A 1 11  ASP 11  11  11  ASP ASP A . n 
A 1 12  VAL 12  12  12  VAL VAL A . n 
A 1 13  ILE 13  13  13  ILE ILE A . n 
A 1 14  LEU 14  14  14  LEU LEU A . n 
A 1 15  ASP 15  15  15  ASP ASP A . n 
A 1 16  HIS 16  16  16  HIS HIS A . n 
A 1 17  TYR 17  17  17  TYR TYR A . n 
A 1 18  LYS 18  18  18  LYS LYS A . n 
A 1 19  HIS 19  19  19  HIS HIS A . n 
A 1 20  PRO 20  20  20  PRO PRO A . n 
A 1 21  GLN 21  21  21  GLN GLN A . n 
A 1 22  HIS 22  22  22  HIS HIS A . n 
A 1 23  ARG 23  23  23  ARG ARG A . n 
A 1 24  GLY 24  24  24  GLY GLY A . n 
A 1 25  LEU 25  25  25  LEU LEU A . n 
A 1 26  ARG 26  26  26  ARG ARG A . n 
A 1 27  GLU 27  27  27  GLU GLU A . n 
A 1 28  PRO 28  28  28  PRO PRO A . n 
A 1 29  PHE 29  29  29  PHE PHE A . n 
A 1 30  GLY 30  30  30  GLY GLY A . n 
A 1 31  ALA 31  31  31  ALA ALA A . n 
A 1 32  GLN 32  32  32  GLN GLN A . n 
A 1 33  VAL 33  33  33  VAL VAL A . n 
A 1 34  TYR 34  34  34  TYR TYR A . n 
A 1 35  HIS 35  35  35  HIS HIS A . n 
A 1 36  VAL 36  36  36  VAL VAL A . n 
A 1 37  ASN 37  37  37  ASN ASN A . n 
A 1 38  PRO 38  38  38  PRO PRO A . n 
A 1 39  ILE 39  39  39  ILE ILE A . n 
A 1 40  CYS 40  40  40  CYS CYS A . n 
A 1 41  GLY 41  41  41  GLY GLY A . n 
A 1 42  ASP 42  42  42  ASP ASP A . n 
A 1 43  GLU 43  43  43  GLU GLU A . n 
A 1 44  VAL 44  44  44  VAL VAL A . n 
A 1 45  THR 45  45  45  THR THR A . n 
A 1 46  LEU 46  46  46  LEU LEU A . n 
A 1 47  ARG 47  47  47  ARG ARG A . n 
A 1 48  VAL 48  48  48  VAL VAL A . n 
A 1 49  ALA 49  49  49  ALA ALA A . n 
A 1 50  LEU 50  50  50  LEU LEU A . n 
A 1 51  SER 51  51  51  SER SER A . n 
A 1 52  GLU 52  52  52  GLU GLU A . n 
A 1 53  ASP 53  53  53  ASP ASP A . n 
A 1 54  GLY 54  54  54  GLY GLY A . n 
A 1 55  THR 55  55  55  THR THR A . n 
A 1 56  ARG 56  56  56  ARG ARG A . n 
A 1 57  VAL 57  57  57  VAL VAL A . n 
A 1 58  THR 58  58  58  THR THR A . n 
A 1 59  ASP 59  59  59  ASP ASP A . n 
A 1 60  VAL 60  60  60  VAL VAL A . n 
A 1 61  SER 61  61  61  SER SER A . n 
A 1 62  TYR 62  62  62  TYR TYR A . n 
A 1 63  ASP 63  63  63  ASP ASP A . n 
A 1 64  GLY 64  64  64  GLY GLY A . n 
A 1 65  GLN 65  65  65  GLN GLN A . n 
A 1 66  GLY 66  66  66  GLY GLY A . n 
A 1 67  CYS 67  67  67  CYS CYS A . n 
A 1 68  SER 68  68  68  SER SER A . n 
A 1 69  ILE 69  69  69  ILE ILE A . n 
A 1 70  SER 70  70  70  SER SER A . n 
A 1 71  GLN 71  71  71  GLN GLN A . n 
A 1 72  ALA 72  72  72  ALA ALA A . n 
A 1 73  ALA 73  73  73  ALA ALA A . n 
A 1 74  THR 74  74  74  THR THR A . n 
A 1 75  SER 75  75  75  SER SER A . n 
A 1 76  VAL 76  76  76  VAL VAL A . n 
A 1 77  LEU 77  77  77  LEU LEU A . n 
A 1 78  THR 78  78  78  THR THR A . n 
A 1 79  GLU 79  79  79  GLU GLU A . n 
A 1 80  GLN 80  80  80  GLN GLN A . n 
A 1 81  VAL 81  81  81  VAL VAL A . n 
A 1 82  ILE 82  82  82  ILE ILE A . n 
A 1 83  GLY 83  83  83  GLY GLY A . n 
A 1 84  GLN 84  84  84  GLN GLN A . n 
A 1 85  ARG 85  85  85  ARG ARG A . n 
A 1 86  VAL 86  86  86  VAL VAL A . n 
A 1 87  PRO 87  87  87  PRO PRO A . n 
A 1 88  ARG 88  88  88  ARG ARG A . n 
A 1 89  ALA 89  89  89  ALA ALA A . n 
A 1 90  LEU 90  90  90  LEU LEU A . n 
A 1 91  ASN 91  91  91  ASN ASN A . n 
A 1 92  ILE 92  92  92  ILE ILE A . n 
A 1 93  VAL 93  93  93  VAL VAL A . n 
A 1 94  ASP 94  94  94  ASP ASP A . n 
A 1 95  ALA 95  95  95  ALA ALA A . n 
A 1 96  PHE 96  96  96  PHE PHE A . n 
A 1 97  THR 97  97  97  THR THR A . n 
A 1 98  GLU 98  98  98  GLU GLU A . n 
A 1 99  MET 99  99  99  MET MET A . n 
A 1 100 VAL 100 100 100 VAL VAL A . n 
A 1 101 SER 101 101 101 SER SER A . n 
A 1 102 SER 102 102 102 SER SER A . n 
A 1 103 ARG 103 103 103 ARG ARG A . n 
A 1 104 GLY 104 104 104 GLY GLY A . n 
A 1 105 THR 105 105 105 THR THR A . n 
A 1 106 VAL 106 106 106 VAL VAL A . n 
A 1 107 PRO 107 107 107 PRO PRO A . n 
A 1 108 GLY 108 108 108 GLY GLY A . n 
A 1 109 ASP 109 109 109 ASP ASP A . n 
A 1 110 GLU 110 110 110 GLU GLU A . n 
A 1 111 ASP 111 111 111 ASP ASP A . n 
A 1 112 VAL 112 112 112 VAL VAL A . n 
A 1 113 LEU 113 113 113 LEU LEU A . n 
A 1 114 GLY 114 114 114 GLY GLY A . n 
A 1 115 ASP 115 115 115 ASP ASP A . n 
A 1 116 GLY 116 116 116 GLY GLY A . n 
A 1 117 VAL 117 117 117 VAL VAL A . n 
A 1 118 ALA 118 118 118 ALA ALA A . n 
A 1 119 PHE 119 119 119 PHE PHE A . n 
A 1 120 ALA 120 120 120 ALA ALA A . n 
A 1 121 GLY 121 121 121 GLY GLY A . n 
A 1 122 VAL 122 122 122 VAL VAL A . n 
A 1 123 ALA 123 123 123 ALA ALA A . n 
A 1 124 LYS 124 124 124 LYS LYS A . n 
A 1 125 TYR 125 125 125 TYR TYR A . n 
A 1 126 PRO 126 126 126 PRO PRO A . n 
A 1 127 ALA 127 127 127 ALA ALA A . n 
A 1 128 ARG 128 128 128 ARG ARG A . n 
A 1 129 VAL 129 129 129 VAL VAL A . n 
A 1 130 LYS 130 130 130 LYS LYS A . n 
A 1 131 CYS 131 131 131 CYS CYS A . n 
A 1 132 ALA 132 132 132 ALA ALA A . n 
A 1 133 LEU 133 133 133 LEU LEU A . n 
A 1 134 LEU 134 134 134 LEU LEU A . n 
A 1 135 GLY 135 135 135 GLY GLY A . n 
A 1 136 TRP 136 136 136 TRP TRP A . n 
A 1 137 MET 137 137 137 MET MET A . n 
A 1 138 ALA 138 138 138 ALA ALA A . n 
A 1 139 PHE 139 139 139 PHE PHE A . n 
A 1 140 LYS 140 140 140 LYS LYS A . n 
A 1 141 ASP 141 141 141 ASP ASP A . n 
A 1 142 ALA 142 142 142 ALA ALA A . n 
A 1 143 LEU 143 143 143 LEU LEU A . n 
A 1 144 ALA 144 144 144 ALA ALA A . n 
A 1 145 GLN 145 145 145 GLN GLN A . n 
A 1 146 ALA 146 146 146 ALA ALA A . n 
A 1 147 SER 147 147 147 SER SER A . n 
A 1 148 GLU 148 148 148 GLU GLU A . n 
A 1 149 ALA 149 149 149 ALA ALA A . n 
A 1 150 PHE 150 150 150 PHE PHE A . n 
A 1 151 GLU 151 151 151 GLU GLU A . n 
A 1 152 GLU 152 152 ?   ?   ?   A . n 
A 1 153 VAL 153 153 ?   ?   ?   A . n 
A 1 154 THR 154 154 ?   ?   ?   A . n 
A 1 155 ASP 155 155 ?   ?   ?   A . n 
A 1 156 GLU 156 156 ?   ?   ?   A . n 
A 1 157 ARG 157 157 ?   ?   ?   A . n 
A 1 158 ASN 158 158 ?   ?   ?   A . n 
A 1 159 GLN 159 159 ?   ?   ?   A . n 
A 1 160 ARG 160 160 ?   ?   ?   A . n 
A 1 161 THR 161 161 ?   ?   ?   A . n 
A 1 162 GLY 162 162 ?   ?   ?   A . n 
# 
_pdbx_entity_instance_feature.ordinal        1 
_pdbx_entity_instance_feature.comp_id        FES 
_pdbx_entity_instance_feature.asym_id        ? 
_pdbx_entity_instance_feature.seq_num        ? 
_pdbx_entity_instance_feature.auth_comp_id   FES 
_pdbx_entity_instance_feature.auth_asym_id   ? 
_pdbx_entity_instance_feature.auth_seq_num   ? 
_pdbx_entity_instance_feature.feature_type   'SUBJECT OF INVESTIGATION' 
_pdbx_entity_instance_feature.details        ? 
# 
loop_
_pdbx_nonpoly_scheme.asym_id 
_pdbx_nonpoly_scheme.entity_id 
_pdbx_nonpoly_scheme.mon_id 
_pdbx_nonpoly_scheme.ndb_seq_num 
_pdbx_nonpoly_scheme.pdb_seq_num 
_pdbx_nonpoly_scheme.auth_seq_num 
_pdbx_nonpoly_scheme.pdb_mon_id 
_pdbx_nonpoly_scheme.auth_mon_id 
_pdbx_nonpoly_scheme.pdb_strand_id 
_pdbx_nonpoly_scheme.pdb_ins_code 
B 2 FES 1  201 201 FES FES A . 
C 3 HOH 1  301 25  HOH HOH A . 
C 3 HOH 2  302 34  HOH HOH A . 
C 3 HOH 3  303 4   HOH HOH A . 
C 3 HOH 4  304 2   HOH HOH A . 
C 3 HOH 5  305 36  HOH HOH A . 
C 3 HOH 6  306 26  HOH HOH A . 
C 3 HOH 7  307 1   HOH HOH A . 
C 3 HOH 8  308 5   HOH HOH A . 
C 3 HOH 9  309 9   HOH HOH A . 
C 3 HOH 10 310 14  HOH HOH A . 
C 3 HOH 11 311 29  HOH HOH A . 
C 3 HOH 12 312 20  HOH HOH A . 
C 3 HOH 13 313 28  HOH HOH A . 
C 3 HOH 14 314 10  HOH HOH A . 
C 3 HOH 15 315 7   HOH HOH A . 
C 3 HOH 16 316 6   HOH HOH A . 
C 3 HOH 17 317 24  HOH HOH A . 
C 3 HOH 18 318 18  HOH HOH A . 
C 3 HOH 19 319 8   HOH HOH A . 
C 3 HOH 20 320 22  HOH HOH A . 
C 3 HOH 21 321 3   HOH HOH A . 
C 3 HOH 22 322 13  HOH HOH A . 
C 3 HOH 23 323 19  HOH HOH A . 
C 3 HOH 24 324 12  HOH HOH A . 
C 3 HOH 25 325 27  HOH HOH A . 
C 3 HOH 26 326 21  HOH HOH A . 
C 3 HOH 27 327 23  HOH HOH A . 
C 3 HOH 28 328 32  HOH HOH A . 
C 3 HOH 29 329 11  HOH HOH A . 
C 3 HOH 30 330 15  HOH HOH A . 
C 3 HOH 31 331 17  HOH HOH A . 
C 3 HOH 32 332 33  HOH HOH A . 
C 3 HOH 33 333 35  HOH HOH A . 
C 3 HOH 34 334 16  HOH HOH A . 
C 3 HOH 35 335 31  HOH HOH A . 
C 3 HOH 36 336 30  HOH HOH A . 
# 
loop_
_pdbx_unobs_or_zero_occ_atoms.id 
_pdbx_unobs_or_zero_occ_atoms.PDB_model_num 
_pdbx_unobs_or_zero_occ_atoms.polymer_flag 
_pdbx_unobs_or_zero_occ_atoms.occupancy_flag 
_pdbx_unobs_or_zero_occ_atoms.auth_asym_id 
_pdbx_unobs_or_zero_occ_atoms.auth_comp_id 
_pdbx_unobs_or_zero_occ_atoms.auth_seq_id 
_pdbx_unobs_or_zero_occ_atoms.PDB_ins_code 
_pdbx_unobs_or_zero_occ_atoms.auth_atom_id 
_pdbx_unobs_or_zero_occ_atoms.label_alt_id 
_pdbx_unobs_or_zero_occ_atoms.label_asym_id 
_pdbx_unobs_or_zero_occ_atoms.label_comp_id 
_pdbx_unobs_or_zero_occ_atoms.label_seq_id 
_pdbx_unobs_or_zero_occ_atoms.label_atom_id 
1 1 Y 1 A ASP 11  ? CG  ? A ASP 11  CG  
2 1 Y 1 A ASP 11  ? OD1 ? A ASP 11  OD1 
3 1 Y 1 A ASP 11  ? OD2 ? A ASP 11  OD2 
4 1 Y 1 A ARG 103 ? CG  ? A ARG 103 CG  
5 1 Y 1 A ARG 103 ? CD  ? A ARG 103 CD  
6 1 Y 1 A ARG 103 ? NE  ? A ARG 103 NE  
7 1 Y 1 A ARG 103 ? CZ  ? A ARG 103 CZ  
8 1 Y 1 A ARG 103 ? NH1 ? A ARG 103 NH1 
9 1 Y 1 A ARG 103 ? NH2 ? A ARG 103 NH2 
# 
loop_
_software.citation_id 
_software.classification 
_software.compiler_name 
_software.compiler_version 
_software.contact_author 
_software.contact_author_email 
_software.date 
_software.description 
_software.dependencies 
_software.hardware 
_software.language 
_software.location 
_software.mods 
_software.name 
_software.os 
_software.os_version 
_software.type 
_software.version 
_software.pdbx_ordinal 
? refinement       ? ? ? ? ? ? ? ? ? ? ? REFMAC  ? ? ? 5.8.0349 1 
? 'data reduction' ? ? ? ? ? ? ? ? ? ? ? XDS     ? ? ? .        2 
? 'data scaling'   ? ? ? ? ? ? ? ? ? ? ? Aimless ? ? ? .        3 
? phasing          ? ? ? ? ? ? ? ? ? ? ? PHENIX  ? ? ? .        4 
# 
_cell.angle_alpha                  90.000 
_cell.angle_alpha_esd              ? 
_cell.angle_beta                   90.000 
_cell.angle_beta_esd               ? 
_cell.angle_gamma                  90.000 
_cell.angle_gamma_esd              ? 
_cell.entry_id                     9DCL 
_cell.details                      ? 
_cell.formula_units_Z              ? 
_cell.length_a                     100.118 
_cell.length_a_esd                 ? 
_cell.length_b                     100.118 
_cell.length_b_esd                 ? 
_cell.length_c                     31.333 
_cell.length_c_esd                 ? 
_cell.volume                       ? 
_cell.volume_esd                   ? 
_cell.Z_PDB                        8 
_cell.reciprocal_angle_alpha       ? 
_cell.reciprocal_angle_beta        ? 
_cell.reciprocal_angle_gamma       ? 
_cell.reciprocal_angle_alpha_esd   ? 
_cell.reciprocal_angle_beta_esd    ? 
_cell.reciprocal_angle_gamma_esd   ? 
_cell.reciprocal_length_a          ? 
_cell.reciprocal_length_b          ? 
_cell.reciprocal_length_c          ? 
_cell.reciprocal_length_a_esd      ? 
_cell.reciprocal_length_b_esd      ? 
_cell.reciprocal_length_c_esd      ? 
_cell.pdbx_unique_axis             ? 
_cell.pdbx_esd_method              ? 
# 
_symmetry.entry_id                         9DCL 
_symmetry.cell_setting                     ? 
_symmetry.Int_Tables_number                79 
_symmetry.space_group_name_Hall            ? 
_symmetry.space_group_name_H-M             'I 4' 
_symmetry.pdbx_full_space_group_name_H-M   ? 
# 
_exptl.absorpt_coefficient_mu     ? 
_exptl.absorpt_correction_T_max   ? 
_exptl.absorpt_correction_T_min   ? 
_exptl.absorpt_correction_type    ? 
_exptl.absorpt_process_details    ? 
_exptl.entry_id                   9DCL 
_exptl.crystals_number            1 
_exptl.details                    ? 
_exptl.method                     'X-RAY DIFFRACTION' 
_exptl.method_details             ? 
# 
_exptl_crystal.colour                       ? 
_exptl_crystal.density_diffrn               ? 
_exptl_crystal.density_Matthews             2.23 
_exptl_crystal.density_method               ? 
_exptl_crystal.density_percent_sol          44.79 
_exptl_crystal.description                  ? 
_exptl_crystal.F_000                        ? 
_exptl_crystal.id                           1 
_exptl_crystal.preparation                  ? 
_exptl_crystal.size_max                     ? 
_exptl_crystal.size_mid                     ? 
_exptl_crystal.size_min                     ? 
_exptl_crystal.size_rad                     ? 
_exptl_crystal.colour_lustre                ? 
_exptl_crystal.colour_modifier              ? 
_exptl_crystal.colour_primary               ? 
_exptl_crystal.density_meas                 ? 
_exptl_crystal.density_meas_esd             ? 
_exptl_crystal.density_meas_gt              ? 
_exptl_crystal.density_meas_lt              ? 
_exptl_crystal.density_meas_temp            ? 
_exptl_crystal.density_meas_temp_esd        ? 
_exptl_crystal.density_meas_temp_gt         ? 
_exptl_crystal.density_meas_temp_lt         ? 
_exptl_crystal.pdbx_crystal_image_url       ? 
_exptl_crystal.pdbx_crystal_image_format    ? 
_exptl_crystal.pdbx_mosaicity               ? 
_exptl_crystal.pdbx_mosaicity_esd           ? 
_exptl_crystal.pdbx_mosaic_method           ? 
_exptl_crystal.pdbx_mosaic_block_size       ? 
_exptl_crystal.pdbx_mosaic_block_size_esd   ? 
# 
_exptl_crystal_grow.apparatus       ? 
_exptl_crystal_grow.atmosphere      ? 
_exptl_crystal_grow.crystal_id      1 
_exptl_crystal_grow.details         ? 
_exptl_crystal_grow.method          'VAPOR DIFFUSION, SITTING DROP' 
_exptl_crystal_grow.method_ref      ? 
_exptl_crystal_grow.pH              6.5 
_exptl_crystal_grow.pressure        ? 
_exptl_crystal_grow.pressure_esd    ? 
_exptl_crystal_grow.seeding         ? 
_exptl_crystal_grow.seeding_ref     ? 
_exptl_crystal_grow.temp_details    ? 
_exptl_crystal_grow.temp_esd        ? 
_exptl_crystal_grow.time            ? 
_exptl_crystal_grow.pdbx_details    '0.2 M calcium acetate hydrate, 0.1 M sodium cacodylate pH 6.5, 40% v/v PEG 3000' 
_exptl_crystal_grow.pdbx_pH_range   ? 
_exptl_crystal_grow.temp            292 
# 
_diffrn.ambient_environment              ? 
_diffrn.ambient_temp                     100 
_diffrn.ambient_temp_details             ? 
_diffrn.ambient_temp_esd                 ? 
_diffrn.crystal_id                       1 
_diffrn.crystal_support                  ? 
_diffrn.crystal_treatment                ? 
_diffrn.details                          ? 
_diffrn.id                               1 
_diffrn.ambient_pressure                 ? 
_diffrn.ambient_pressure_esd             ? 
_diffrn.ambient_pressure_gt              ? 
_diffrn.ambient_pressure_lt              ? 
_diffrn.ambient_temp_gt                  ? 
_diffrn.ambient_temp_lt                  ? 
_diffrn.pdbx_serial_crystal_experiment   N 
# 
_diffrn_detector.details                      ? 
_diffrn_detector.detector                     PIXEL 
_diffrn_detector.diffrn_id                    1 
_diffrn_detector.type                         'DECTRIS EIGER X 16M' 
_diffrn_detector.area_resol_mean              ? 
_diffrn_detector.dtime                        ? 
_diffrn_detector.pdbx_frames_total            ? 
_diffrn_detector.pdbx_collection_time_total   ? 
_diffrn_detector.pdbx_collection_date         2022-07-07 
_diffrn_detector.pdbx_frequency               ? 
_diffrn_detector.id                           ? 
_diffrn_detector.number_of_axes               ? 
# 
_diffrn_radiation.collimation                      ? 
_diffrn_radiation.diffrn_id                        1 
_diffrn_radiation.filter_edge                      ? 
_diffrn_radiation.inhomogeneity                    ? 
_diffrn_radiation.monochromator                    ? 
_diffrn_radiation.polarisn_norm                    ? 
_diffrn_radiation.polarisn_ratio                   ? 
_diffrn_radiation.probe                            ? 
_diffrn_radiation.type                             ? 
_diffrn_radiation.xray_symbol                      ? 
_diffrn_radiation.wavelength_id                    1 
_diffrn_radiation.pdbx_monochromatic_or_laue_m_l   M 
_diffrn_radiation.pdbx_wavelength_list             ? 
_diffrn_radiation.pdbx_wavelength                  ? 
_diffrn_radiation.pdbx_diffrn_protocol             'SINGLE WAVELENGTH' 
_diffrn_radiation.pdbx_analyzer                    ? 
_diffrn_radiation.pdbx_scattering_type             x-ray 
# 
_diffrn_radiation_wavelength.id           1 
_diffrn_radiation_wavelength.wavelength   0.9537 
_diffrn_radiation_wavelength.wt           1.0 
# 
_diffrn_source.current                     ? 
_diffrn_source.details                     ? 
_diffrn_source.diffrn_id                   1 
_diffrn_source.power                       ? 
_diffrn_source.size                        ? 
_diffrn_source.source                      SYNCHROTRON 
_diffrn_source.target                      ? 
_diffrn_source.type                        'AUSTRALIAN SYNCHROTRON BEAMLINE MX2' 
_diffrn_source.voltage                     ? 
_diffrn_source.take-off_angle              ? 
_diffrn_source.pdbx_wavelength_list        0.9537 
_diffrn_source.pdbx_wavelength             ? 
_diffrn_source.pdbx_synchrotron_beamline   MX2 
_diffrn_source.pdbx_synchrotron_site       'Australian Synchrotron' 
# 
_reflns.B_iso_Wilson_estimate                          ? 
_reflns.entry_id                                       9DCL 
_reflns.data_reduction_details                         ? 
_reflns.data_reduction_method                          ? 
_reflns.d_resolution_high                              1.95 
_reflns.d_resolution_low                               35.42 
_reflns.details                                        ? 
_reflns.limit_h_max                                    ? 
_reflns.limit_h_min                                    ? 
_reflns.limit_k_max                                    ? 
_reflns.limit_k_min                                    ? 
_reflns.limit_l_max                                    ? 
_reflns.limit_l_min                                    ? 
_reflns.number_all                                     ? 
_reflns.number_obs                                     11785 
_reflns.observed_criterion                             ? 
_reflns.observed_criterion_F_max                       ? 
_reflns.observed_criterion_F_min                       ? 
_reflns.observed_criterion_I_max                       ? 
_reflns.observed_criterion_I_min                       ? 
_reflns.observed_criterion_sigma_F                     ? 
_reflns.observed_criterion_sigma_I                     ? 
_reflns.percent_possible_obs                           100 
_reflns.R_free_details                                 ? 
_reflns.Rmerge_F_all                                   ? 
_reflns.Rmerge_F_obs                                   ? 
_reflns.Friedel_coverage                               ? 
_reflns.number_gt                                      ? 
_reflns.threshold_expression                           ? 
_reflns.pdbx_redundancy                                27.3 
_reflns.pdbx_netI_over_av_sigmaI                       ? 
_reflns.pdbx_netI_over_sigmaI                          7.8 
_reflns.pdbx_res_netI_over_av_sigmaI_2                 ? 
_reflns.pdbx_res_netI_over_sigmaI_2                    ? 
_reflns.pdbx_chi_squared                               ? 
_reflns.pdbx_scaling_rejects                           ? 
_reflns.pdbx_d_res_high_opt                            ? 
_reflns.pdbx_d_res_low_opt                             ? 
_reflns.pdbx_d_res_opt_method                          ? 
_reflns.phase_calculation_details                      ? 
_reflns.pdbx_Rrim_I_all                                ? 
_reflns.pdbx_Rpim_I_all                                ? 
_reflns.pdbx_d_opt                                     ? 
_reflns.pdbx_number_measured_all                       ? 
_reflns.pdbx_diffrn_id                                 1 
_reflns.pdbx_ordinal                                   1 
_reflns.pdbx_CC_half                                   0.995 
_reflns.pdbx_CC_star                                   ? 
_reflns.pdbx_R_split                                   ? 
_reflns.pdbx_Rmerge_I_obs                              ? 
_reflns.pdbx_Rmerge_I_all                              ? 
_reflns.pdbx_Rsym_value                                ? 
_reflns.pdbx_CC_split_method                           ? 
_reflns.pdbx_aniso_diffraction_limit_axis_1_ortho[1]   ? 
_reflns.pdbx_aniso_diffraction_limit_axis_1_ortho[2]   ? 
_reflns.pdbx_aniso_diffraction_limit_axis_1_ortho[3]   ? 
_reflns.pdbx_aniso_diffraction_limit_axis_2_ortho[1]   ? 
_reflns.pdbx_aniso_diffraction_limit_axis_2_ortho[2]   ? 
_reflns.pdbx_aniso_diffraction_limit_axis_2_ortho[3]   ? 
_reflns.pdbx_aniso_diffraction_limit_axis_3_ortho[1]   ? 
_reflns.pdbx_aniso_diffraction_limit_axis_3_ortho[2]   ? 
_reflns.pdbx_aniso_diffraction_limit_axis_3_ortho[3]   ? 
_reflns.pdbx_aniso_diffraction_limit_1                 ? 
_reflns.pdbx_aniso_diffraction_limit_2                 ? 
_reflns.pdbx_aniso_diffraction_limit_3                 ? 
_reflns.pdbx_aniso_B_tensor_eigenvector_1_ortho[1]     ? 
_reflns.pdbx_aniso_B_tensor_eigenvector_1_ortho[2]     ? 
_reflns.pdbx_aniso_B_tensor_eigenvector_1_ortho[3]     ? 
_reflns.pdbx_aniso_B_tensor_eigenvector_2_ortho[1]     ? 
_reflns.pdbx_aniso_B_tensor_eigenvector_2_ortho[2]     ? 
_reflns.pdbx_aniso_B_tensor_eigenvector_2_ortho[3]     ? 
_reflns.pdbx_aniso_B_tensor_eigenvector_3_ortho[1]     ? 
_reflns.pdbx_aniso_B_tensor_eigenvector_3_ortho[2]     ? 
_reflns.pdbx_aniso_B_tensor_eigenvector_3_ortho[3]     ? 
_reflns.pdbx_aniso_B_tensor_eigenvalue_1               ? 
_reflns.pdbx_aniso_B_tensor_eigenvalue_2               ? 
_reflns.pdbx_aniso_B_tensor_eigenvalue_3               ? 
_reflns.pdbx_orthogonalization_convention              ? 
_reflns.pdbx_percent_possible_ellipsoidal              ? 
_reflns.pdbx_percent_possible_spherical                ? 
_reflns.pdbx_percent_possible_ellipsoidal_anomalous    ? 
_reflns.pdbx_percent_possible_spherical_anomalous      ? 
_reflns.pdbx_redundancy_anomalous                      ? 
_reflns.pdbx_CC_half_anomalous                         ? 
_reflns.pdbx_absDiff_over_sigma_anomalous              ? 
_reflns.pdbx_percent_possible_anomalous                ? 
_reflns.pdbx_observed_signal_threshold                 ? 
_reflns.pdbx_signal_type                               ? 
_reflns.pdbx_signal_details                            ? 
_reflns.pdbx_signal_software_id                        ? 
# 
_reflns_shell.d_res_high                                    1.95 
_reflns_shell.d_res_low                                     2.05 
_reflns_shell.meanI_over_sigI_all                           ? 
_reflns_shell.meanI_over_sigI_obs                           ? 
_reflns_shell.number_measured_all                           ? 
_reflns_shell.number_measured_obs                           ? 
_reflns_shell.number_possible                               ? 
_reflns_shell.number_unique_all                             ? 
_reflns_shell.number_unique_obs                             796 
_reflns_shell.percent_possible_obs                          ? 
_reflns_shell.Rmerge_F_all                                  ? 
_reflns_shell.Rmerge_F_obs                                  ? 
_reflns_shell.meanI_over_sigI_gt                            ? 
_reflns_shell.meanI_over_uI_all                             ? 
_reflns_shell.meanI_over_uI_gt                              ? 
_reflns_shell.number_measured_gt                            ? 
_reflns_shell.number_unique_gt                              ? 
_reflns_shell.percent_possible_gt                           ? 
_reflns_shell.Rmerge_F_gt                                   ? 
_reflns_shell.Rmerge_I_gt                                   ? 
_reflns_shell.pdbx_redundancy                               ? 
_reflns_shell.pdbx_chi_squared                              ? 
_reflns_shell.pdbx_netI_over_sigmaI_all                     ? 
_reflns_shell.pdbx_netI_over_sigmaI_obs                     ? 
_reflns_shell.pdbx_Rrim_I_all                               ? 
_reflns_shell.pdbx_Rpim_I_all                               ? 
_reflns_shell.pdbx_rejects                                  ? 
_reflns_shell.pdbx_ordinal                                  1 
_reflns_shell.pdbx_diffrn_id                                1 
_reflns_shell.pdbx_CC_half                                  0.699 
_reflns_shell.pdbx_CC_star                                  ? 
_reflns_shell.pdbx_R_split                                  ? 
_reflns_shell.percent_possible_all                          100 
_reflns_shell.Rmerge_I_all                                  ? 
_reflns_shell.Rmerge_I_obs                                  ? 
_reflns_shell.pdbx_Rsym_value                               ? 
_reflns_shell.pdbx_percent_possible_ellipsoidal             ? 
_reflns_shell.pdbx_percent_possible_spherical               ? 
_reflns_shell.pdbx_percent_possible_ellipsoidal_anomalous   ? 
_reflns_shell.pdbx_percent_possible_spherical_anomalous     ? 
_reflns_shell.pdbx_redundancy_anomalous                     ? 
_reflns_shell.pdbx_CC_half_anomalous                        ? 
_reflns_shell.pdbx_absDiff_over_sigma_anomalous             ? 
_reflns_shell.pdbx_percent_possible_anomalous               ? 
# 
_refine.aniso_B[1][1]                            -0.480 
_refine.aniso_B[1][2]                            0.000 
_refine.aniso_B[1][3]                            0.000 
_refine.aniso_B[2][2]                            -0.480 
_refine.aniso_B[2][3]                            0.000 
_refine.aniso_B[3][3]                            0.961 
_refine.B_iso_max                                ? 
_refine.B_iso_mean                               31.577 
_refine.B_iso_min                                ? 
_refine.correlation_coeff_Fo_to_Fc               0.961 
_refine.correlation_coeff_Fo_to_Fc_free          0.945 
_refine.details                                  'Hydrogens have been added in their riding positions' 
_refine.diff_density_max                         ? 
_refine.diff_density_max_esd                     ? 
_refine.diff_density_min                         ? 
_refine.diff_density_min_esd                     ? 
_refine.diff_density_rms                         ? 
_refine.diff_density_rms_esd                     ? 
_refine.entry_id                                 9DCL 
_refine.pdbx_refine_id                           'X-RAY DIFFRACTION' 
_refine.ls_abs_structure_details                 ? 
_refine.ls_abs_structure_Flack                   ? 
_refine.ls_abs_structure_Flack_esd               ? 
_refine.ls_abs_structure_Rogers                  ? 
_refine.ls_abs_structure_Rogers_esd              ? 
_refine.ls_d_res_high                            1.950 
_refine.ls_d_res_low                             35.42 
_refine.ls_extinction_coef                       ? 
_refine.ls_extinction_coef_esd                   ? 
_refine.ls_extinction_expression                 ? 
_refine.ls_extinction_method                     ? 
_refine.ls_goodness_of_fit_all                   ? 
_refine.ls_goodness_of_fit_all_esd               ? 
_refine.ls_goodness_of_fit_obs                   ? 
_refine.ls_goodness_of_fit_obs_esd               ? 
_refine.ls_hydrogen_treatment                    ? 
_refine.ls_matrix_type                           ? 
_refine.ls_number_constraints                    ? 
_refine.ls_number_parameters                     ? 
_refine.ls_number_reflns_all                     ? 
_refine.ls_number_reflns_obs                     11605 
_refine.ls_number_reflns_R_free                  578 
_refine.ls_number_reflns_R_work                  11027 
_refine.ls_number_restraints                     ? 
_refine.ls_percent_reflns_obs                    99.983 
_refine.ls_percent_reflns_R_free                 4.981 
_refine.ls_R_factor_all                          0.180 
_refine.ls_R_factor_obs                          ? 
_refine.ls_R_factor_R_free                       0.2099 
_refine.ls_R_factor_R_free_error                 ? 
_refine.ls_R_factor_R_free_error_details         ? 
_refine.ls_R_factor_R_work                       0.1786 
_refine.ls_R_Fsqd_factor_obs                     ? 
_refine.ls_R_I_factor_obs                        ? 
_refine.ls_redundancy_reflns_all                 ? 
_refine.ls_redundancy_reflns_obs                 ? 
_refine.ls_restrained_S_all                      ? 
_refine.ls_restrained_S_obs                      ? 
_refine.ls_shift_over_esd_max                    ? 
_refine.ls_shift_over_esd_mean                   ? 
_refine.ls_structure_factor_coef                 ? 
_refine.ls_weighting_details                     ? 
_refine.ls_weighting_scheme                      ? 
_refine.ls_wR_factor_all                         ? 
_refine.ls_wR_factor_obs                         ? 
_refine.ls_wR_factor_R_free                      ? 
_refine.ls_wR_factor_R_work                      ? 
_refine.occupancy_max                            ? 
_refine.occupancy_min                            ? 
_refine.solvent_model_details                    'MASK BULK SOLVENT' 
_refine.solvent_model_param_bsol                 ? 
_refine.solvent_model_param_ksol                 ? 
_refine.pdbx_R_complete                          ? 
_refine.ls_R_factor_gt                           ? 
_refine.ls_goodness_of_fit_gt                    ? 
_refine.ls_goodness_of_fit_ref                   ? 
_refine.ls_shift_over_su_max                     ? 
_refine.ls_shift_over_su_max_lt                  ? 
_refine.ls_shift_over_su_mean                    ? 
_refine.ls_shift_over_su_mean_lt                 ? 
_refine.pdbx_ls_sigma_I                          ? 
_refine.pdbx_ls_sigma_F                          ? 
_refine.pdbx_ls_sigma_Fsqd                       ? 
_refine.pdbx_data_cutoff_high_absF               ? 
_refine.pdbx_data_cutoff_high_rms_absF           ? 
_refine.pdbx_data_cutoff_low_absF                ? 
_refine.pdbx_isotropic_thermal_model             ? 
_refine.pdbx_ls_cross_valid_method               'FREE R-VALUE' 
_refine.pdbx_method_to_determine_struct          'MOLECULAR REPLACEMENT' 
_refine.pdbx_starting_model                      ? 
_refine.pdbx_stereochemistry_target_values       ? 
_refine.pdbx_R_Free_selection_details            Random 
_refine.pdbx_stereochem_target_val_spec_case     ? 
_refine.pdbx_overall_ESU_R                       0.150 
_refine.pdbx_overall_ESU_R_Free                  0.135 
_refine.pdbx_solvent_vdw_probe_radii             1.000 
_refine.pdbx_solvent_ion_probe_radii             0.700 
_refine.pdbx_solvent_shrinkage_radii             0.700 
_refine.pdbx_real_space_R                        ? 
_refine.pdbx_density_correlation                 ? 
_refine.pdbx_pd_number_of_powder_patterns        ? 
_refine.pdbx_pd_number_of_points                 ? 
_refine.pdbx_pd_meas_number_of_points            ? 
_refine.pdbx_pd_proc_ls_prof_R_factor            ? 
_refine.pdbx_pd_proc_ls_prof_wR_factor           ? 
_refine.pdbx_pd_Marquardt_correlation_coeff      ? 
_refine.pdbx_pd_Fsqrd_R_factor                   ? 
_refine.pdbx_pd_ls_matrix_band_width             ? 
_refine.pdbx_overall_phase_error                 ? 
_refine.pdbx_overall_SU_R_free_Cruickshank_DPI   ? 
_refine.pdbx_overall_SU_R_free_Blow_DPI          ? 
_refine.pdbx_overall_SU_R_Blow_DPI               ? 
_refine.pdbx_TLS_residual_ADP_flag               ? 
_refine.pdbx_diffrn_id                           1 
_refine.overall_SU_B                             4.080 
_refine.overall_SU_ML                            0.111 
_refine.overall_SU_R_Cruickshank_DPI             ? 
_refine.overall_SU_R_free                        ? 
_refine.overall_FOM_free_R_set                   ? 
_refine.overall_FOM_work_R_set                   ? 
_refine.pdbx_average_fsc_overall                 ? 
_refine.pdbx_average_fsc_work                    ? 
_refine.pdbx_average_fsc_free                    ? 
# 
_refine_hist.pdbx_refine_id                   'X-RAY DIFFRACTION' 
_refine_hist.cycle_id                         LAST 
_refine_hist.pdbx_number_atoms_protein        1110 
_refine_hist.pdbx_number_atoms_nucleic_acid   0 
_refine_hist.pdbx_number_atoms_ligand         4 
_refine_hist.number_atoms_solvent             36 
_refine_hist.number_atoms_total               1150 
_refine_hist.d_res_high                       1.950 
_refine_hist.d_res_low                        35.42 
# 
loop_
_refine_ls_restr.pdbx_refine_id 
_refine_ls_restr.criterion 
_refine_ls_restr.dev_ideal 
_refine_ls_restr.dev_ideal_target 
_refine_ls_restr.number 
_refine_ls_restr.rejects 
_refine_ls_restr.type 
_refine_ls_restr.weight 
_refine_ls_restr.pdbx_restraint_function 
'X-RAY DIFFRACTION' ? 0.004  0.012  1139 ? r_bond_refined_d               ? ? 
'X-RAY DIFFRACTION' ? 0.002  0.016  1020 ? r_bond_other_d                 ? ? 
'X-RAY DIFFRACTION' ? 1.289  1.635  1542 ? r_angle_refined_deg            ? ? 
'X-RAY DIFFRACTION' ? 0.397  1.553  2366 ? r_angle_other_deg              ? ? 
'X-RAY DIFFRACTION' ? 5.720  5.000  146  ? r_dihedral_angle_1_deg         ? ? 
'X-RAY DIFFRACTION' ? 9.320  10.000 7    ? r_dihedral_angle_2_deg         ? ? 
'X-RAY DIFFRACTION' ? 12.242 10.000 175  ? r_dihedral_angle_3_deg         ? ? 
'X-RAY DIFFRACTION' ? 12.965 10.000 3    ? r_dihedral_angle_other_3_deg   ? ? 
'X-RAY DIFFRACTION' ? 14.978 10.000 52   ? r_dihedral_angle_6_deg         ? ? 
'X-RAY DIFFRACTION' ? 0.054  0.200  175  ? r_chiral_restr                 ? ? 
'X-RAY DIFFRACTION' ? 0.004  0.020  1320 ? r_gen_planes_refined           ? ? 
'X-RAY DIFFRACTION' ? 0.001  0.020  220  ? r_gen_planes_other             ? ? 
'X-RAY DIFFRACTION' ? 0.208  0.200  212  ? r_nbd_refined                  ? ? 
'X-RAY DIFFRACTION' ? 0.184  0.200  922  ? r_symmetry_nbd_other           ? ? 
'X-RAY DIFFRACTION' ? 0.172  0.200  563  ? r_nbtor_refined                ? ? 
'X-RAY DIFFRACTION' ? 0.074  0.200  595  ? r_symmetry_nbtor_other         ? ? 
'X-RAY DIFFRACTION' ? 0.105  0.200  28   ? r_xyhbond_nbd_refined          ? ? 
'X-RAY DIFFRACTION' ? 0.199  0.200  3    ? r_symmetry_nbd_refined         ? ? 
'X-RAY DIFFRACTION' ? 0.098  0.200  23   ? r_nbd_other                    ? ? 
'X-RAY DIFFRACTION' ? 0.092  0.200  9    ? r_symmetry_xyhbond_nbd_refined ? ? 
'X-RAY DIFFRACTION' ? 3.258  3.039  587  ? r_mcbond_it                    ? ? 
'X-RAY DIFFRACTION' ? 3.259  3.039  587  ? r_mcbond_other                 ? ? 
'X-RAY DIFFRACTION' ? 4.147  4.533  732  ? r_mcangle_it                   ? ? 
'X-RAY DIFFRACTION' ? 4.145  4.540  733  ? r_mcangle_other                ? ? 
'X-RAY DIFFRACTION' ? 5.073  3.692  552  ? r_scbond_it                    ? ? 
'X-RAY DIFFRACTION' ? 5.088  3.691  547  ? r_scbond_other                 ? ? 
'X-RAY DIFFRACTION' ? 7.889  5.317  808  ? r_scangle_it                   ? ? 
'X-RAY DIFFRACTION' ? 7.894  5.331  807  ? r_scangle_other                ? ? 
'X-RAY DIFFRACTION' ? 8.662  42.516 1222 ? r_lrange_it                    ? ? 
'X-RAY DIFFRACTION' ? 8.715  42.094 1218 ? r_lrange_other                 ? ? 
# 
loop_
_refine_ls_shell.pdbx_refine_id 
_refine_ls_shell.d_res_high 
_refine_ls_shell.d_res_low 
_refine_ls_shell.number_reflns_all 
_refine_ls_shell.number_reflns_obs 
_refine_ls_shell.number_reflns_R_free 
_refine_ls_shell.number_reflns_R_work 
_refine_ls_shell.percent_reflns_obs 
_refine_ls_shell.percent_reflns_R_free 
_refine_ls_shell.R_factor_all 
_refine_ls_shell.R_factor_obs 
_refine_ls_shell.R_factor_R_free_error 
_refine_ls_shell.R_factor_R_work 
_refine_ls_shell.redundancy_reflns_all 
_refine_ls_shell.redundancy_reflns_obs 
_refine_ls_shell.wR_factor_all 
_refine_ls_shell.wR_factor_obs 
_refine_ls_shell.wR_factor_R_free 
_refine_ls_shell.wR_factor_R_work 
_refine_ls_shell.pdbx_R_complete 
_refine_ls_shell.pdbx_total_number_of_bins_used 
_refine_ls_shell.pdbx_phase_error 
_refine_ls_shell.pdbx_fsc_work 
_refine_ls_shell.pdbx_fsc_free 
_refine_ls_shell.R_factor_R_free 
'X-RAY DIFFRACTION' 1.950 2.001 . . 43 789 100.0000 . . . . 0.273 . . . . . . . . . . . 0.281 
'X-RAY DIFFRACTION' 2.001 2.055 . . 48 784 100.0000 . . . . 0.247 . . . . . . . . . . . 0.282 
'X-RAY DIFFRACTION' 2.055 2.115 . . 56 758 100.0000 . . . . 0.236 . . . . . . . . . . . 0.184 
'X-RAY DIFFRACTION' 2.115 2.180 . . 38 735 100.0000 . . . . 0.214 . . . . . . . . . . . 0.238 
'X-RAY DIFFRACTION' 2.180 2.251 . . 40 713 100.0000 . . . . 0.203 . . . . . . . . . . . 0.239 
'X-RAY DIFFRACTION' 2.251 2.330 . . 22 713 100.0000 . . . . 0.191 . . . . . . . . . . . 0.256 
'X-RAY DIFFRACTION' 2.330 2.417 . . 37 684 100.0000 . . . . 0.182 . . . . . . . . . . . 0.198 
'X-RAY DIFFRACTION' 2.417 2.515 . . 38 630 100.0000 . . . . 0.166 . . . . . . . . . . . 0.211 
'X-RAY DIFFRACTION' 2.515 2.627 . . 27 637 100.0000 . . . . 0.182 . . . . . . . . . . . 0.201 
'X-RAY DIFFRACTION' 2.627 2.754 . . 32 578 100.0000 . . . . 0.178 . . . . . . . . . . . 0.296 
'X-RAY DIFFRACTION' 2.754 2.902 . . 37 573 100.0000 . . . . 0.179 . . . . . . . . . . . 0.201 
'X-RAY DIFFRACTION' 2.902 3.077 . . 30 525 100.0000 . . . . 0.183 . . . . . . . . . . . 0.208 
'X-RAY DIFFRACTION' 3.077 3.287 . . 21 521 100.0000 . . . . 0.177 . . . . . . . . . . . 0.253 
'X-RAY DIFFRACTION' 3.287 3.548 . . 13 484 100.0000 . . . . 0.168 . . . . . . . . . . . 0.280 
'X-RAY DIFFRACTION' 3.548 3.883 . . 31 433 100.0000 . . . . 0.159 . . . . . . . . . . . 0.168 
'X-RAY DIFFRACTION' 3.883 4.335 . . 25 390 100.0000 . . . . 0.145 . . . . . . . . . . . 0.124 
'X-RAY DIFFRACTION' 4.335 4.993 . . 9  370 100.0000 . . . . 0.128 . . . . . . . . . . . 0.209 
'X-RAY DIFFRACTION' 4.993 6.085 . . 9  319 100.0000 . . . . 0.190 . . . . . . . . . . . 0.205 
'X-RAY DIFFRACTION' 6.085 8.481 . . 11 240 100.0000 . . . . 0.152 . . . . . . . . . . . 0.075 
'X-RAY DIFFRACTION' 8.481 35.42 . . 11 151 100.0000 . . . . 0.198 . . . . . . . . . . . 0.371 
# 
_struct.entry_id                     9DCL 
_struct.title                        '[2Fe-2S] SufU from Mycobacterium tuberculosis' 
_struct.pdbx_model_details           ? 
_struct.pdbx_formula_weight          ? 
_struct.pdbx_formula_weight_method   ? 
_struct.pdbx_model_type_details      ? 
_struct.pdbx_CASP_flag               N 
# 
_struct_keywords.entry_id        9DCL 
_struct_keywords.text            'Fe-S cluster biogenesis Fe-S binding, BIOSYNTHETIC PROTEIN' 
_struct_keywords.pdbx_keywords   'BIOSYNTHETIC PROTEIN' 
# 
loop_
_struct_asym.id 
_struct_asym.pdbx_blank_PDB_chainid_flag 
_struct_asym.pdbx_modified 
_struct_asym.entity_id 
_struct_asym.details 
A N N 1 ? 
B N N 2 ? 
C N N 3 ? 
# 
_struct_ref.id                         1 
_struct_ref.db_name                    UNP 
_struct_ref.db_code                    O53156_MYCTU 
_struct_ref.pdbx_db_accession          O53156 
_struct_ref.pdbx_db_isoform            ? 
_struct_ref.entity_id                  1 
_struct_ref.pdbx_seq_one_letter_code   
;TLRLEQIYQDVILDHYKHPQHRGLREPFGAQVYHVNPICGDEVTLRVALSEDGTRVTDVSYDGQGCSISQAATSVLTEQV
IGQRVPRALNIVDAFTEMVSSRGTVPGDEDVLGDGVAFAGVAKYPARVKCALLGWMAFKDALAQASEAFEEVTDERNQRT
G
;
_struct_ref.pdbx_align_begin           2 
# 
_struct_ref_seq.align_id                      1 
_struct_ref_seq.ref_id                        1 
_struct_ref_seq.pdbx_PDB_id_code              9DCL 
_struct_ref_seq.pdbx_strand_id                A 
_struct_ref_seq.seq_align_beg                 2 
_struct_ref_seq.pdbx_seq_align_beg_ins_code   ? 
_struct_ref_seq.seq_align_end                 162 
_struct_ref_seq.pdbx_seq_align_end_ins_code   ? 
_struct_ref_seq.pdbx_db_accession             O53156 
_struct_ref_seq.db_align_beg                  2 
_struct_ref_seq.pdbx_db_align_beg_ins_code    ? 
_struct_ref_seq.db_align_end                  162 
_struct_ref_seq.pdbx_db_align_end_ins_code    ? 
_struct_ref_seq.pdbx_auth_seq_align_beg       2 
_struct_ref_seq.pdbx_auth_seq_align_end       162 
# 
_struct_ref_seq_dif.align_id                     1 
_struct_ref_seq_dif.pdbx_pdb_id_code             9DCL 
_struct_ref_seq_dif.mon_id                       VAL 
_struct_ref_seq_dif.pdbx_pdb_strand_id           A 
_struct_ref_seq_dif.seq_num                      1 
_struct_ref_seq_dif.pdbx_pdb_ins_code            ? 
_struct_ref_seq_dif.pdbx_seq_db_name             UNP 
_struct_ref_seq_dif.pdbx_seq_db_accession_code   O53156 
_struct_ref_seq_dif.db_mon_id                    ? 
_struct_ref_seq_dif.pdbx_seq_db_seq_num          ? 
_struct_ref_seq_dif.details                      'expression tag' 
_struct_ref_seq_dif.pdbx_auth_seq_num            1 
_struct_ref_seq_dif.pdbx_ordinal                 1 
# 
_pdbx_struct_assembly.id                   1 
_pdbx_struct_assembly.details              author_and_software_defined_assembly 
_pdbx_struct_assembly.method_details       PISA 
_pdbx_struct_assembly.oligomeric_details   tetrameric 
_pdbx_struct_assembly.oligomeric_count     4 
# 
loop_
_pdbx_struct_assembly_prop.biol_id 
_pdbx_struct_assembly_prop.type 
_pdbx_struct_assembly_prop.value 
_pdbx_struct_assembly_prop.details 
1 'ABSA (A^2)' 5020  ? 
1 MORE         -80   ? 
1 'SSA (A^2)'  26130 ? 
# 
_pdbx_struct_assembly_gen.assembly_id       1 
_pdbx_struct_assembly_gen.oper_expression   1,2,3,4 
_pdbx_struct_assembly_gen.asym_id_list      A,B,C 
# 
_pdbx_struct_assembly_auth_evidence.id                     1 
_pdbx_struct_assembly_auth_evidence.assembly_id            1 
_pdbx_struct_assembly_auth_evidence.experimental_support   'light scattering' 
_pdbx_struct_assembly_auth_evidence.details                SEC-MALS 
# 
loop_
_pdbx_struct_oper_list.id 
_pdbx_struct_oper_list.type 
_pdbx_struct_oper_list.name 
_pdbx_struct_oper_list.symmetry_operation 
_pdbx_struct_oper_list.matrix[1][1] 
_pdbx_struct_oper_list.matrix[1][2] 
_pdbx_struct_oper_list.matrix[1][3] 
_pdbx_struct_oper_list.vector[1] 
_pdbx_struct_oper_list.matrix[2][1] 
_pdbx_struct_oper_list.matrix[2][2] 
_pdbx_struct_oper_list.matrix[2][3] 
_pdbx_struct_oper_list.vector[2] 
_pdbx_struct_oper_list.matrix[3][1] 
_pdbx_struct_oper_list.matrix[3][2] 
_pdbx_struct_oper_list.matrix[3][3] 
_pdbx_struct_oper_list.vector[3] 
1 'identity operation'         1_555 x,y,z   1.0000000000  0.0000000000 0.0000000000  0.0000000000   0.0000000000 1.0000000000 0.0000000000  0.0000000000   0.0000000000  0.0000000000  1.0000000000  0.0000000000   
2 'crystal symmetry operation' 2_555 -x,-y,z -0.7665354918 0.6189365092 -0.1712919654 -5.3752187339  0.6189365092 0.6408592696 -0.4541112134 -10.9320671140 -0.1712919654 -0.4541112134 -0.8743237778 -46.8275218730 
3 'crystal symmetry operation' 3_555 -y,x,z  0.1167322541  0.0587929445 -0.9914216916 -25.2654249339 0.5601435647 0.8204296348 0.1146054155  3.2072532495   0.8201297262  -0.5687166289 0.0628381111  -22.8469202694 
4 'crystal symmetry operation' 4_555 y,-x,z  0.1167322541  0.5601435647 0.8201297262  19.8902062001  0.0587929445 0.8204296348 -0.5687166289 -14.1393203634 -0.9914216916 0.1146054155  0.0628381111  -23.9806016036 
# 
loop_
_struct_conf.conf_type_id 
_struct_conf.id 
_struct_conf.pdbx_PDB_helix_id 
_struct_conf.beg_label_comp_id 
_struct_conf.beg_label_asym_id 
_struct_conf.beg_label_seq_id 
_struct_conf.pdbx_beg_PDB_ins_code 
_struct_conf.end_label_comp_id 
_struct_conf.end_label_asym_id 
_struct_conf.end_label_seq_id 
_struct_conf.pdbx_end_PDB_ins_code 
_struct_conf.beg_auth_comp_id 
_struct_conf.beg_auth_asym_id 
_struct_conf.beg_auth_seq_id 
_struct_conf.end_auth_comp_id 
_struct_conf.end_auth_asym_id 
_struct_conf.end_auth_seq_id 
_struct_conf.pdbx_PDB_helix_class 
_struct_conf.details 
_struct_conf.pdbx_PDB_helix_length 
HELX_P HELX_P1 AA1 LEU A 5   ? HIS A 19  ? LEU A 5   HIS A 19  1 ? 15 
HELX_P HELX_P2 AA2 CYS A 67  ? ILE A 82  ? CYS A 67  ILE A 82  1 ? 16 
HELX_P HELX_P3 AA3 ARG A 85  ? SER A 101 ? ARG A 85  SER A 101 1 ? 17 
HELX_P HELX_P4 AA4 ASP A 109 ? GLY A 114 ? ASP A 109 GLY A 114 1 ? 6  
HELX_P HELX_P5 AA5 ASP A 115 ? ALA A 127 ? ASP A 115 ALA A 127 5 ? 13 
HELX_P HELX_P6 AA6 ARG A 128 ? GLU A 148 ? ARG A 128 GLU A 148 1 ? 21 
HELX_P HELX_P7 AA7 ALA A 149 ? GLU A 151 ? ALA A 149 GLU A 151 5 ? 3  
# 
_struct_conf_type.id          HELX_P 
_struct_conf_type.criteria    ? 
_struct_conf_type.reference   ? 
# 
loop_
_struct_conn.id 
_struct_conn.conn_type_id 
_struct_conn.pdbx_leaving_atom_flag 
_struct_conn.pdbx_PDB_id 
_struct_conn.ptnr1_label_asym_id 
_struct_conn.ptnr1_label_comp_id 
_struct_conn.ptnr1_label_seq_id 
_struct_conn.ptnr1_label_atom_id 
_struct_conn.pdbx_ptnr1_label_alt_id 
_struct_conn.pdbx_ptnr1_PDB_ins_code 
_struct_conn.pdbx_ptnr1_standard_comp_id 
_struct_conn.ptnr1_symmetry 
_struct_conn.ptnr2_label_asym_id 
_struct_conn.ptnr2_label_comp_id 
_struct_conn.ptnr2_label_seq_id 
_struct_conn.ptnr2_label_atom_id 
_struct_conn.pdbx_ptnr2_label_alt_id 
_struct_conn.pdbx_ptnr2_PDB_ins_code 
_struct_conn.ptnr1_auth_asym_id 
_struct_conn.ptnr1_auth_comp_id 
_struct_conn.ptnr1_auth_seq_id 
_struct_conn.ptnr2_auth_asym_id 
_struct_conn.ptnr2_auth_comp_id 
_struct_conn.ptnr2_auth_seq_id 
_struct_conn.ptnr2_symmetry 
_struct_conn.pdbx_ptnr3_label_atom_id 
_struct_conn.pdbx_ptnr3_label_seq_id 
_struct_conn.pdbx_ptnr3_label_comp_id 
_struct_conn.pdbx_ptnr3_label_asym_id 
_struct_conn.pdbx_ptnr3_label_alt_id 
_struct_conn.pdbx_ptnr3_PDB_ins_code 
_struct_conn.details 
_struct_conn.pdbx_dist_value 
_struct_conn.pdbx_value_order 
_struct_conn.pdbx_role 
metalc1 metalc ? ? A CYS 40  SG  ? ? ? 1_555 B FES . FE1 ? ? A CYS 40  A FES 201 1_555 ? ? ? ? ? ? ? 2.349 ? ? 
metalc2 metalc ? ? A ASP 42  OD2 ? ? ? 1_555 B FES . FE1 ? ? A ASP 42  A FES 201 1_555 ? ? ? ? ? ? ? 1.954 ? ? 
metalc3 metalc ? ? A CYS 67  SG  ? ? ? 1_555 B FES . FE2 ? ? A CYS 67  A FES 201 1_555 ? ? ? ? ? ? ? 2.350 ? ? 
metalc4 metalc ? ? A CYS 131 SG  ? ? ? 1_555 B FES . FE2 ? ? A CYS 131 A FES 201 1_555 ? ? ? ? ? ? ? 2.336 ? ? 
# 
_struct_conn_type.id          metalc 
_struct_conn_type.criteria    ? 
_struct_conn_type.reference   ? 
# 
loop_
_pdbx_struct_conn_angle.id 
_pdbx_struct_conn_angle.ptnr1_label_atom_id 
_pdbx_struct_conn_angle.ptnr1_label_alt_id 
_pdbx_struct_conn_angle.ptnr1_label_asym_id 
_pdbx_struct_conn_angle.ptnr1_label_comp_id 
_pdbx_struct_conn_angle.ptnr1_label_seq_id 
_pdbx_struct_conn_angle.ptnr1_auth_atom_id 
_pdbx_struct_conn_angle.ptnr1_auth_asym_id 
_pdbx_struct_conn_angle.ptnr1_auth_comp_id 
_pdbx_struct_conn_angle.ptnr1_auth_seq_id 
_pdbx_struct_conn_angle.ptnr1_PDB_ins_code 
_pdbx_struct_conn_angle.ptnr1_symmetry 
_pdbx_struct_conn_angle.ptnr2_label_atom_id 
_pdbx_struct_conn_angle.ptnr2_label_alt_id 
_pdbx_struct_conn_angle.ptnr2_label_asym_id 
_pdbx_struct_conn_angle.ptnr2_label_comp_id 
_pdbx_struct_conn_angle.ptnr2_label_seq_id 
_pdbx_struct_conn_angle.ptnr2_auth_atom_id 
_pdbx_struct_conn_angle.ptnr2_auth_asym_id 
_pdbx_struct_conn_angle.ptnr2_auth_comp_id 
_pdbx_struct_conn_angle.ptnr2_auth_seq_id 
_pdbx_struct_conn_angle.ptnr2_PDB_ins_code 
_pdbx_struct_conn_angle.ptnr2_symmetry 
_pdbx_struct_conn_angle.ptnr3_label_atom_id 
_pdbx_struct_conn_angle.ptnr3_label_alt_id 
_pdbx_struct_conn_angle.ptnr3_label_asym_id 
_pdbx_struct_conn_angle.ptnr3_label_comp_id 
_pdbx_struct_conn_angle.ptnr3_label_seq_id 
_pdbx_struct_conn_angle.ptnr3_auth_atom_id 
_pdbx_struct_conn_angle.ptnr3_auth_asym_id 
_pdbx_struct_conn_angle.ptnr3_auth_comp_id 
_pdbx_struct_conn_angle.ptnr3_auth_seq_id 
_pdbx_struct_conn_angle.ptnr3_PDB_ins_code 
_pdbx_struct_conn_angle.ptnr3_symmetry 
_pdbx_struct_conn_angle.value 
_pdbx_struct_conn_angle.value_esd 
1  SG ? A CYS 40 ? A CYS 40  ? 1_555 FE1 ? B FES . ? A FES 201 ? 1_555 S1  ? B FES .   ? A FES 201 ? 1_555 114.7 ? 
2  SG ? A CYS 40 ? A CYS 40  ? 1_555 FE1 ? B FES . ? A FES 201 ? 1_555 S2  ? B FES .   ? A FES 201 ? 1_555 114.1 ? 
3  S1 ? B FES .  ? A FES 201 ? 1_555 FE1 ? B FES . ? A FES 201 ? 1_555 S2  ? B FES .   ? A FES 201 ? 1_555 103.8 ? 
4  SG ? A CYS 40 ? A CYS 40  ? 1_555 FE1 ? B FES . ? A FES 201 ? 1_555 OD2 ? A ASP 42  ? A ASP 42  ? 1_555 107.0 ? 
5  S1 ? B FES .  ? A FES 201 ? 1_555 FE1 ? B FES . ? A FES 201 ? 1_555 OD2 ? A ASP 42  ? A ASP 42  ? 1_555 108.7 ? 
6  S2 ? B FES .  ? A FES 201 ? 1_555 FE1 ? B FES . ? A FES 201 ? 1_555 OD2 ? A ASP 42  ? A ASP 42  ? 1_555 108.3 ? 
7  SG ? A CYS 67 ? A CYS 67  ? 1_555 FE2 ? B FES . ? A FES 201 ? 1_555 S1  ? B FES .   ? A FES 201 ? 1_555 117.9 ? 
8  SG ? A CYS 67 ? A CYS 67  ? 1_555 FE2 ? B FES . ? A FES 201 ? 1_555 S2  ? B FES .   ? A FES 201 ? 1_555 112.5 ? 
9  S1 ? B FES .  ? A FES 201 ? 1_555 FE2 ? B FES . ? A FES 201 ? 1_555 S2  ? B FES .   ? A FES 201 ? 1_555 103.7 ? 
10 SG ? A CYS 67 ? A CYS 67  ? 1_555 FE2 ? B FES . ? A FES 201 ? 1_555 SG  ? A CYS 131 ? A CYS 131 ? 1_555 104.0 ? 
11 S1 ? B FES .  ? A FES 201 ? 1_555 FE2 ? B FES . ? A FES 201 ? 1_555 SG  ? A CYS 131 ? A CYS 131 ? 1_555 103.5 ? 
12 S2 ? B FES .  ? A FES 201 ? 1_555 FE2 ? B FES . ? A FES 201 ? 1_555 SG  ? A CYS 131 ? A CYS 131 ? 1_555 115.4 ? 
# 
_struct_mon_prot_cis.pdbx_id                1 
_struct_mon_prot_cis.label_comp_id          GLU 
_struct_mon_prot_cis.label_seq_id           27 
_struct_mon_prot_cis.label_asym_id          A 
_struct_mon_prot_cis.label_alt_id           . 
_struct_mon_prot_cis.pdbx_PDB_ins_code      ? 
_struct_mon_prot_cis.auth_comp_id           GLU 
_struct_mon_prot_cis.auth_seq_id            27 
_struct_mon_prot_cis.auth_asym_id           A 
_struct_mon_prot_cis.pdbx_label_comp_id_2   PRO 
_struct_mon_prot_cis.pdbx_label_seq_id_2    28 
_struct_mon_prot_cis.pdbx_label_asym_id_2   A 
_struct_mon_prot_cis.pdbx_PDB_ins_code_2    ? 
_struct_mon_prot_cis.pdbx_auth_comp_id_2    PRO 
_struct_mon_prot_cis.pdbx_auth_seq_id_2     28 
_struct_mon_prot_cis.pdbx_auth_asym_id_2    A 
_struct_mon_prot_cis.pdbx_PDB_model_num     1 
_struct_mon_prot_cis.pdbx_omega_angle       3.17 
# 
_struct_sheet.id               AA1 
_struct_sheet.type             ? 
_struct_sheet.number_strands   3 
_struct_sheet.details          ? 
# 
loop_
_struct_sheet_order.sheet_id 
_struct_sheet_order.range_id_1 
_struct_sheet_order.range_id_2 
_struct_sheet_order.offset 
_struct_sheet_order.sense 
AA1 1 2 ? anti-parallel 
AA1 2 3 ? anti-parallel 
# 
loop_
_struct_sheet_range.sheet_id 
_struct_sheet_range.id 
_struct_sheet_range.beg_label_comp_id 
_struct_sheet_range.beg_label_asym_id 
_struct_sheet_range.beg_label_seq_id 
_struct_sheet_range.pdbx_beg_PDB_ins_code 
_struct_sheet_range.end_label_comp_id 
_struct_sheet_range.end_label_asym_id 
_struct_sheet_range.end_label_seq_id 
_struct_sheet_range.pdbx_end_PDB_ins_code 
_struct_sheet_range.beg_auth_comp_id 
_struct_sheet_range.beg_auth_asym_id 
_struct_sheet_range.beg_auth_seq_id 
_struct_sheet_range.end_auth_comp_id 
_struct_sheet_range.end_auth_asym_id 
_struct_sheet_range.end_auth_seq_id 
AA1 1 ALA A 31 ? VAL A 36 ? ALA A 31 VAL A 36 
AA1 2 GLU A 43 ? LEU A 50 ? GLU A 43 LEU A 50 
AA1 3 VAL A 57 ? GLN A 65 ? VAL A 57 GLN A 65 
# 
loop_
_pdbx_struct_sheet_hbond.sheet_id 
_pdbx_struct_sheet_hbond.range_id_1 
_pdbx_struct_sheet_hbond.range_id_2 
_pdbx_struct_sheet_hbond.range_1_label_atom_id 
_pdbx_struct_sheet_hbond.range_1_label_comp_id 
_pdbx_struct_sheet_hbond.range_1_label_asym_id 
_pdbx_struct_sheet_hbond.range_1_label_seq_id 
_pdbx_struct_sheet_hbond.range_1_PDB_ins_code 
_pdbx_struct_sheet_hbond.range_1_auth_atom_id 
_pdbx_struct_sheet_hbond.range_1_auth_comp_id 
_pdbx_struct_sheet_hbond.range_1_auth_asym_id 
_pdbx_struct_sheet_hbond.range_1_auth_seq_id 
_pdbx_struct_sheet_hbond.range_2_label_atom_id 
_pdbx_struct_sheet_hbond.range_2_label_comp_id 
_pdbx_struct_sheet_hbond.range_2_label_asym_id 
_pdbx_struct_sheet_hbond.range_2_label_seq_id 
_pdbx_struct_sheet_hbond.range_2_PDB_ins_code 
_pdbx_struct_sheet_hbond.range_2_auth_atom_id 
_pdbx_struct_sheet_hbond.range_2_auth_comp_id 
_pdbx_struct_sheet_hbond.range_2_auth_asym_id 
_pdbx_struct_sheet_hbond.range_2_auth_seq_id 
AA1 1 2 N HIS A 35 ? N HIS A 35 O VAL A 44 ? O VAL A 44 
AA1 2 3 N THR A 45 ? N THR A 45 O ASP A 63 ? O ASP A 63 
# 
_pdbx_entry_details.entry_id                   9DCL 
_pdbx_entry_details.has_ligand_of_interest     Y 
_pdbx_entry_details.compound_details           ? 
_pdbx_entry_details.source_details             ? 
_pdbx_entry_details.nonpolymer_details         ? 
_pdbx_entry_details.sequence_details           ? 
_pdbx_entry_details.has_protein_modification   N 
# 
_pdbx_validate_planes.id              1 
_pdbx_validate_planes.PDB_model_num   1 
_pdbx_validate_planes.auth_comp_id    ARG 
_pdbx_validate_planes.auth_asym_id    A 
_pdbx_validate_planes.auth_seq_id     56 
_pdbx_validate_planes.PDB_ins_code    ? 
_pdbx_validate_planes.label_alt_id    ? 
_pdbx_validate_planes.rmsd            0.085 
_pdbx_validate_planes.type            'SIDE CHAIN' 
# 
loop_
_pdbx_unobs_or_zero_occ_residues.id 
_pdbx_unobs_or_zero_occ_residues.PDB_model_num 
_pdbx_unobs_or_zero_occ_residues.polymer_flag 
_pdbx_unobs_or_zero_occ_residues.occupancy_flag 
_pdbx_unobs_or_zero_occ_residues.auth_asym_id 
_pdbx_unobs_or_zero_occ_residues.auth_comp_id 
_pdbx_unobs_or_zero_occ_residues.auth_seq_id 
_pdbx_unobs_or_zero_occ_residues.PDB_ins_code 
_pdbx_unobs_or_zero_occ_residues.label_asym_id 
_pdbx_unobs_or_zero_occ_residues.label_comp_id 
_pdbx_unobs_or_zero_occ_residues.label_seq_id 
1  1 Y 1 A VAL 1   ? A VAL 1   
2  1 Y 1 A THR 2   ? A THR 2   
3  1 Y 1 A LEU 3   ? A LEU 3   
4  1 Y 1 A ARG 4   ? A ARG 4   
5  1 Y 1 A GLU 152 ? A GLU 152 
6  1 Y 1 A VAL 153 ? A VAL 153 
7  1 Y 1 A THR 154 ? A THR 154 
8  1 Y 1 A ASP 155 ? A ASP 155 
9  1 Y 1 A GLU 156 ? A GLU 156 
10 1 Y 1 A ARG 157 ? A ARG 157 
11 1 Y 1 A ASN 158 ? A ASN 158 
12 1 Y 1 A GLN 159 ? A GLN 159 
13 1 Y 1 A ARG 160 ? A ARG 160 
14 1 Y 1 A THR 161 ? A THR 161 
15 1 Y 1 A GLY 162 ? A GLY 162 
# 
loop_
_chem_comp_atom.comp_id 
_chem_comp_atom.atom_id 
_chem_comp_atom.type_symbol 
_chem_comp_atom.pdbx_aromatic_flag 
_chem_comp_atom.pdbx_stereo_config 
_chem_comp_atom.pdbx_ordinal 
ALA N    N  N N 1   
ALA CA   C  N S 2   
ALA C    C  N N 3   
ALA O    O  N N 4   
ALA CB   C  N N 5   
ALA OXT  O  N N 6   
ALA H    H  N N 7   
ALA H2   H  N N 8   
ALA HA   H  N N 9   
ALA HB1  H  N N 10  
ALA HB2  H  N N 11  
ALA HB3  H  N N 12  
ALA HXT  H  N N 13  
ARG N    N  N N 14  
ARG CA   C  N S 15  
ARG C    C  N N 16  
ARG O    O  N N 17  
ARG CB   C  N N 18  
ARG CG   C  N N 19  
ARG CD   C  N N 20  
ARG NE   N  N N 21  
ARG CZ   C  N N 22  
ARG NH1  N  N N 23  
ARG NH2  N  N N 24  
ARG OXT  O  N N 25  
ARG H    H  N N 26  
ARG H2   H  N N 27  
ARG HA   H  N N 28  
ARG HB2  H  N N 29  
ARG HB3  H  N N 30  
ARG HG2  H  N N 31  
ARG HG3  H  N N 32  
ARG HD2  H  N N 33  
ARG HD3  H  N N 34  
ARG HE   H  N N 35  
ARG HH11 H  N N 36  
ARG HH12 H  N N 37  
ARG HH21 H  N N 38  
ARG HH22 H  N N 39  
ARG HXT  H  N N 40  
ASN N    N  N N 41  
ASN CA   C  N S 42  
ASN C    C  N N 43  
ASN O    O  N N 44  
ASN CB   C  N N 45  
ASN CG   C  N N 46  
ASN OD1  O  N N 47  
ASN ND2  N  N N 48  
ASN OXT  O  N N 49  
ASN H    H  N N 50  
ASN H2   H  N N 51  
ASN HA   H  N N 52  
ASN HB2  H  N N 53  
ASN HB3  H  N N 54  
ASN HD21 H  N N 55  
ASN HD22 H  N N 56  
ASN HXT  H  N N 57  
ASP N    N  N N 58  
ASP CA   C  N S 59  
ASP C    C  N N 60  
ASP O    O  N N 61  
ASP CB   C  N N 62  
ASP CG   C  N N 63  
ASP OD1  O  N N 64  
ASP OD2  O  N N 65  
ASP OXT  O  N N 66  
ASP H    H  N N 67  
ASP H2   H  N N 68  
ASP HA   H  N N 69  
ASP HB2  H  N N 70  
ASP HB3  H  N N 71  
ASP HD2  H  N N 72  
ASP HXT  H  N N 73  
CYS N    N  N N 74  
CYS CA   C  N R 75  
CYS C    C  N N 76  
CYS O    O  N N 77  
CYS CB   C  N N 78  
CYS SG   S  N N 79  
CYS OXT  O  N N 80  
CYS H    H  N N 81  
CYS H2   H  N N 82  
CYS HA   H  N N 83  
CYS HB2  H  N N 84  
CYS HB3  H  N N 85  
CYS HG   H  N N 86  
CYS HXT  H  N N 87  
FES FE1  FE N N 88  
FES FE2  FE N N 89  
FES S1   S  N N 90  
FES S2   S  N N 91  
GLN N    N  N N 92  
GLN CA   C  N S 93  
GLN C    C  N N 94  
GLN O    O  N N 95  
GLN CB   C  N N 96  
GLN CG   C  N N 97  
GLN CD   C  N N 98  
GLN OE1  O  N N 99  
GLN NE2  N  N N 100 
GLN OXT  O  N N 101 
GLN H    H  N N 102 
GLN H2   H  N N 103 
GLN HA   H  N N 104 
GLN HB2  H  N N 105 
GLN HB3  H  N N 106 
GLN HG2  H  N N 107 
GLN HG3  H  N N 108 
GLN HE21 H  N N 109 
GLN HE22 H  N N 110 
GLN HXT  H  N N 111 
GLU N    N  N N 112 
GLU CA   C  N S 113 
GLU C    C  N N 114 
GLU O    O  N N 115 
GLU CB   C  N N 116 
GLU CG   C  N N 117 
GLU CD   C  N N 118 
GLU OE1  O  N N 119 
GLU OE2  O  N N 120 
GLU OXT  O  N N 121 
GLU H    H  N N 122 
GLU H2   H  N N 123 
GLU HA   H  N N 124 
GLU HB2  H  N N 125 
GLU HB3  H  N N 126 
GLU HG2  H  N N 127 
GLU HG3  H  N N 128 
GLU HE2  H  N N 129 
GLU HXT  H  N N 130 
GLY N    N  N N 131 
GLY CA   C  N N 132 
GLY C    C  N N 133 
GLY O    O  N N 134 
GLY OXT  O  N N 135 
GLY H    H  N N 136 
GLY H2   H  N N 137 
GLY HA2  H  N N 138 
GLY HA3  H  N N 139 
GLY HXT  H  N N 140 
HIS N    N  N N 141 
HIS CA   C  N S 142 
HIS C    C  N N 143 
HIS O    O  N N 144 
HIS CB   C  N N 145 
HIS CG   C  Y N 146 
HIS ND1  N  Y N 147 
HIS CD2  C  Y N 148 
HIS CE1  C  Y N 149 
HIS NE2  N  Y N 150 
HIS OXT  O  N N 151 
HIS H    H  N N 152 
HIS H2   H  N N 153 
HIS HA   H  N N 154 
HIS HB2  H  N N 155 
HIS HB3  H  N N 156 
HIS HD1  H  N N 157 
HIS HD2  H  N N 158 
HIS HE1  H  N N 159 
HIS HE2  H  N N 160 
HIS HXT  H  N N 161 
HOH O    O  N N 162 
HOH H1   H  N N 163 
HOH H2   H  N N 164 
ILE N    N  N N 165 
ILE CA   C  N S 166 
ILE C    C  N N 167 
ILE O    O  N N 168 
ILE CB   C  N S 169 
ILE CG1  C  N N 170 
ILE CG2  C  N N 171 
ILE CD1  C  N N 172 
ILE OXT  O  N N 173 
ILE H    H  N N 174 
ILE H2   H  N N 175 
ILE HA   H  N N 176 
ILE HB   H  N N 177 
ILE HG12 H  N N 178 
ILE HG13 H  N N 179 
ILE HG21 H  N N 180 
ILE HG22 H  N N 181 
ILE HG23 H  N N 182 
ILE HD11 H  N N 183 
ILE HD12 H  N N 184 
ILE HD13 H  N N 185 
ILE HXT  H  N N 186 
LEU N    N  N N 187 
LEU CA   C  N S 188 
LEU C    C  N N 189 
LEU O    O  N N 190 
LEU CB   C  N N 191 
LEU CG   C  N N 192 
LEU CD1  C  N N 193 
LEU CD2  C  N N 194 
LEU OXT  O  N N 195 
LEU H    H  N N 196 
LEU H2   H  N N 197 
LEU HA   H  N N 198 
LEU HB2  H  N N 199 
LEU HB3  H  N N 200 
LEU HG   H  N N 201 
LEU HD11 H  N N 202 
LEU HD12 H  N N 203 
LEU HD13 H  N N 204 
LEU HD21 H  N N 205 
LEU HD22 H  N N 206 
LEU HD23 H  N N 207 
LEU HXT  H  N N 208 
LYS N    N  N N 209 
LYS CA   C  N S 210 
LYS C    C  N N 211 
LYS O    O  N N 212 
LYS CB   C  N N 213 
LYS CG   C  N N 214 
LYS CD   C  N N 215 
LYS CE   C  N N 216 
LYS NZ   N  N N 217 
LYS OXT  O  N N 218 
LYS H    H  N N 219 
LYS H2   H  N N 220 
LYS HA   H  N N 221 
LYS HB2  H  N N 222 
LYS HB3  H  N N 223 
LYS HG2  H  N N 224 
LYS HG3  H  N N 225 
LYS HD2  H  N N 226 
LYS HD3  H  N N 227 
LYS HE2  H  N N 228 
LYS HE3  H  N N 229 
LYS HZ1  H  N N 230 
LYS HZ2  H  N N 231 
LYS HZ3  H  N N 232 
LYS HXT  H  N N 233 
MET N    N  N N 234 
MET CA   C  N S 235 
MET C    C  N N 236 
MET O    O  N N 237 
MET CB   C  N N 238 
MET CG   C  N N 239 
MET SD   S  N N 240 
MET CE   C  N N 241 
MET OXT  O  N N 242 
MET H    H  N N 243 
MET H2   H  N N 244 
MET HA   H  N N 245 
MET HB2  H  N N 246 
MET HB3  H  N N 247 
MET HG2  H  N N 248 
MET HG3  H  N N 249 
MET HE1  H  N N 250 
MET HE2  H  N N 251 
MET HE3  H  N N 252 
MET HXT  H  N N 253 
PHE N    N  N N 254 
PHE CA   C  N S 255 
PHE C    C  N N 256 
PHE O    O  N N 257 
PHE CB   C  N N 258 
PHE CG   C  Y N 259 
PHE CD1  C  Y N 260 
PHE CD2  C  Y N 261 
PHE CE1  C  Y N 262 
PHE CE2  C  Y N 263 
PHE CZ   C  Y N 264 
PHE OXT  O  N N 265 
PHE H    H  N N 266 
PHE H2   H  N N 267 
PHE HA   H  N N 268 
PHE HB2  H  N N 269 
PHE HB3  H  N N 270 
PHE HD1  H  N N 271 
PHE HD2  H  N N 272 
PHE HE1  H  N N 273 
PHE HE2  H  N N 274 
PHE HZ   H  N N 275 
PHE HXT  H  N N 276 
PRO N    N  N N 277 
PRO CA   C  N S 278 
PRO C    C  N N 279 
PRO O    O  N N 280 
PRO CB   C  N N 281 
PRO CG   C  N N 282 
PRO CD   C  N N 283 
PRO OXT  O  N N 284 
PRO H    H  N N 285 
PRO HA   H  N N 286 
PRO HB2  H  N N 287 
PRO HB3  H  N N 288 
PRO HG2  H  N N 289 
PRO HG3  H  N N 290 
PRO HD2  H  N N 291 
PRO HD3  H  N N 292 
PRO HXT  H  N N 293 
SER N    N  N N 294 
SER CA   C  N S 295 
SER C    C  N N 296 
SER O    O  N N 297 
SER CB   C  N N 298 
SER OG   O  N N 299 
SER OXT  O  N N 300 
SER H    H  N N 301 
SER H2   H  N N 302 
SER HA   H  N N 303 
SER HB2  H  N N 304 
SER HB3  H  N N 305 
SER HG   H  N N 306 
SER HXT  H  N N 307 
THR N    N  N N 308 
THR CA   C  N S 309 
THR C    C  N N 310 
THR O    O  N N 311 
THR CB   C  N R 312 
THR OG1  O  N N 313 
THR CG2  C  N N 314 
THR OXT  O  N N 315 
THR H    H  N N 316 
THR H2   H  N N 317 
THR HA   H  N N 318 
THR HB   H  N N 319 
THR HG1  H  N N 320 
THR HG21 H  N N 321 
THR HG22 H  N N 322 
THR HG23 H  N N 323 
THR HXT  H  N N 324 
TRP N    N  N N 325 
TRP CA   C  N S 326 
TRP C    C  N N 327 
TRP O    O  N N 328 
TRP CB   C  N N 329 
TRP CG   C  Y N 330 
TRP CD1  C  Y N 331 
TRP CD2  C  Y N 332 
TRP NE1  N  Y N 333 
TRP CE2  C  Y N 334 
TRP CE3  C  Y N 335 
TRP CZ2  C  Y N 336 
TRP CZ3  C  Y N 337 
TRP CH2  C  Y N 338 
TRP OXT  O  N N 339 
TRP H    H  N N 340 
TRP H2   H  N N 341 
TRP HA   H  N N 342 
TRP HB2  H  N N 343 
TRP HB3  H  N N 344 
TRP HD1  H  N N 345 
TRP HE1  H  N N 346 
TRP HE3  H  N N 347 
TRP HZ2  H  N N 348 
TRP HZ3  H  N N 349 
TRP HH2  H  N N 350 
TRP HXT  H  N N 351 
TYR N    N  N N 352 
TYR CA   C  N S 353 
TYR C    C  N N 354 
TYR O    O  N N 355 
TYR CB   C  N N 356 
TYR CG   C  Y N 357 
TYR CD1  C  Y N 358 
TYR CD2  C  Y N 359 
TYR CE1  C  Y N 360 
TYR CE2  C  Y N 361 
TYR CZ   C  Y N 362 
TYR OH   O  N N 363 
TYR OXT  O  N N 364 
TYR H    H  N N 365 
TYR H2   H  N N 366 
TYR HA   H  N N 367 
TYR HB2  H  N N 368 
TYR HB3  H  N N 369 
TYR HD1  H  N N 370 
TYR HD2  H  N N 371 
TYR HE1  H  N N 372 
TYR HE2  H  N N 373 
TYR HH   H  N N 374 
TYR HXT  H  N N 375 
VAL N    N  N N 376 
VAL CA   C  N S 377 
VAL C    C  N N 378 
VAL O    O  N N 379 
VAL CB   C  N N 380 
VAL CG1  C  N N 381 
VAL CG2  C  N N 382 
VAL OXT  O  N N 383 
VAL H    H  N N 384 
VAL H2   H  N N 385 
VAL HA   H  N N 386 
VAL HB   H  N N 387 
VAL HG11 H  N N 388 
VAL HG12 H  N N 389 
VAL HG13 H  N N 390 
VAL HG21 H  N N 391 
VAL HG22 H  N N 392 
VAL HG23 H  N N 393 
VAL HXT  H  N N 394 
# 
loop_
_chem_comp_bond.comp_id 
_chem_comp_bond.atom_id_1 
_chem_comp_bond.atom_id_2 
_chem_comp_bond.value_order 
_chem_comp_bond.pdbx_aromatic_flag 
_chem_comp_bond.pdbx_stereo_config 
_chem_comp_bond.pdbx_ordinal 
ALA N   CA   sing N N 1   
ALA N   H    sing N N 2   
ALA N   H2   sing N N 3   
ALA CA  C    sing N N 4   
ALA CA  CB   sing N N 5   
ALA CA  HA   sing N N 6   
ALA C   O    doub N N 7   
ALA C   OXT  sing N N 8   
ALA CB  HB1  sing N N 9   
ALA CB  HB2  sing N N 10  
ALA CB  HB3  sing N N 11  
ALA OXT HXT  sing N N 12  
ARG N   CA   sing N N 13  
ARG N   H    sing N N 14  
ARG N   H2   sing N N 15  
ARG CA  C    sing N N 16  
ARG CA  CB   sing N N 17  
ARG CA  HA   sing N N 18  
ARG C   O    doub N N 19  
ARG C   OXT  sing N N 20  
ARG CB  CG   sing N N 21  
ARG CB  HB2  sing N N 22  
ARG CB  HB3  sing N N 23  
ARG CG  CD   sing N N 24  
ARG CG  HG2  sing N N 25  
ARG CG  HG3  sing N N 26  
ARG CD  NE   sing N N 27  
ARG CD  HD2  sing N N 28  
ARG CD  HD3  sing N N 29  
ARG NE  CZ   sing N N 30  
ARG NE  HE   sing N N 31  
ARG CZ  NH1  sing N N 32  
ARG CZ  NH2  doub N N 33  
ARG NH1 HH11 sing N N 34  
ARG NH1 HH12 sing N N 35  
ARG NH2 HH21 sing N N 36  
ARG NH2 HH22 sing N N 37  
ARG OXT HXT  sing N N 38  
ASN N   CA   sing N N 39  
ASN N   H    sing N N 40  
ASN N   H2   sing N N 41  
ASN CA  C    sing N N 42  
ASN CA  CB   sing N N 43  
ASN CA  HA   sing N N 44  
ASN C   O    doub N N 45  
ASN C   OXT  sing N N 46  
ASN CB  CG   sing N N 47  
ASN CB  HB2  sing N N 48  
ASN CB  HB3  sing N N 49  
ASN CG  OD1  doub N N 50  
ASN CG  ND2  sing N N 51  
ASN ND2 HD21 sing N N 52  
ASN ND2 HD22 sing N N 53  
ASN OXT HXT  sing N N 54  
ASP N   CA   sing N N 55  
ASP N   H    sing N N 56  
ASP N   H2   sing N N 57  
ASP CA  C    sing N N 58  
ASP CA  CB   sing N N 59  
ASP CA  HA   sing N N 60  
ASP C   O    doub N N 61  
ASP C   OXT  sing N N 62  
ASP CB  CG   sing N N 63  
ASP CB  HB2  sing N N 64  
ASP CB  HB3  sing N N 65  
ASP CG  OD1  doub N N 66  
ASP CG  OD2  sing N N 67  
ASP OD2 HD2  sing N N 68  
ASP OXT HXT  sing N N 69  
CYS N   CA   sing N N 70  
CYS N   H    sing N N 71  
CYS N   H2   sing N N 72  
CYS CA  C    sing N N 73  
CYS CA  CB   sing N N 74  
CYS CA  HA   sing N N 75  
CYS C   O    doub N N 76  
CYS C   OXT  sing N N 77  
CYS CB  SG   sing N N 78  
CYS CB  HB2  sing N N 79  
CYS CB  HB3  sing N N 80  
CYS SG  HG   sing N N 81  
CYS OXT HXT  sing N N 82  
FES FE1 S1   sing N N 83  
FES FE1 S2   sing N N 84  
FES FE2 S1   sing N N 85  
FES FE2 S2   sing N N 86  
GLN N   CA   sing N N 87  
GLN N   H    sing N N 88  
GLN N   H2   sing N N 89  
GLN CA  C    sing N N 90  
GLN CA  CB   sing N N 91  
GLN CA  HA   sing N N 92  
GLN C   O    doub N N 93  
GLN C   OXT  sing N N 94  
GLN CB  CG   sing N N 95  
GLN CB  HB2  sing N N 96  
GLN CB  HB3  sing N N 97  
GLN CG  CD   sing N N 98  
GLN CG  HG2  sing N N 99  
GLN CG  HG3  sing N N 100 
GLN CD  OE1  doub N N 101 
GLN CD  NE2  sing N N 102 
GLN NE2 HE21 sing N N 103 
GLN NE2 HE22 sing N N 104 
GLN OXT HXT  sing N N 105 
GLU N   CA   sing N N 106 
GLU N   H    sing N N 107 
GLU N   H2   sing N N 108 
GLU CA  C    sing N N 109 
GLU CA  CB   sing N N 110 
GLU CA  HA   sing N N 111 
GLU C   O    doub N N 112 
GLU C   OXT  sing N N 113 
GLU CB  CG   sing N N 114 
GLU CB  HB2  sing N N 115 
GLU CB  HB3  sing N N 116 
GLU CG  CD   sing N N 117 
GLU CG  HG2  sing N N 118 
GLU CG  HG3  sing N N 119 
GLU CD  OE1  doub N N 120 
GLU CD  OE2  sing N N 121 
GLU OE2 HE2  sing N N 122 
GLU OXT HXT  sing N N 123 
GLY N   CA   sing N N 124 
GLY N   H    sing N N 125 
GLY N   H2   sing N N 126 
GLY CA  C    sing N N 127 
GLY CA  HA2  sing N N 128 
GLY CA  HA3  sing N N 129 
GLY C   O    doub N N 130 
GLY C   OXT  sing N N 131 
GLY OXT HXT  sing N N 132 
HIS N   CA   sing N N 133 
HIS N   H    sing N N 134 
HIS N   H2   sing N N 135 
HIS CA  C    sing N N 136 
HIS CA  CB   sing N N 137 
HIS CA  HA   sing N N 138 
HIS C   O    doub N N 139 
HIS C   OXT  sing N N 140 
HIS CB  CG   sing N N 141 
HIS CB  HB2  sing N N 142 
HIS CB  HB3  sing N N 143 
HIS CG  ND1  sing Y N 144 
HIS CG  CD2  doub Y N 145 
HIS ND1 CE1  doub Y N 146 
HIS ND1 HD1  sing N N 147 
HIS CD2 NE2  sing Y N 148 
HIS CD2 HD2  sing N N 149 
HIS CE1 NE2  sing Y N 150 
HIS CE1 HE1  sing N N 151 
HIS NE2 HE2  sing N N 152 
HIS OXT HXT  sing N N 153 
HOH O   H1   sing N N 154 
HOH O   H2   sing N N 155 
ILE N   CA   sing N N 156 
ILE N   H    sing N N 157 
ILE N   H2   sing N N 158 
ILE CA  C    sing N N 159 
ILE CA  CB   sing N N 160 
ILE CA  HA   sing N N 161 
ILE C   O    doub N N 162 
ILE C   OXT  sing N N 163 
ILE CB  CG1  sing N N 164 
ILE CB  CG2  sing N N 165 
ILE CB  HB   sing N N 166 
ILE CG1 CD1  sing N N 167 
ILE CG1 HG12 sing N N 168 
ILE CG1 HG13 sing N N 169 
ILE CG2 HG21 sing N N 170 
ILE CG2 HG22 sing N N 171 
ILE CG2 HG23 sing N N 172 
ILE CD1 HD11 sing N N 173 
ILE CD1 HD12 sing N N 174 
ILE CD1 HD13 sing N N 175 
ILE OXT HXT  sing N N 176 
LEU N   CA   sing N N 177 
LEU N   H    sing N N 178 
LEU N   H2   sing N N 179 
LEU CA  C    sing N N 180 
LEU CA  CB   sing N N 181 
LEU CA  HA   sing N N 182 
LEU C   O    doub N N 183 
LEU C   OXT  sing N N 184 
LEU CB  CG   sing N N 185 
LEU CB  HB2  sing N N 186 
LEU CB  HB3  sing N N 187 
LEU CG  CD1  sing N N 188 
LEU CG  CD2  sing N N 189 
LEU CG  HG   sing N N 190 
LEU CD1 HD11 sing N N 191 
LEU CD1 HD12 sing N N 192 
LEU CD1 HD13 sing N N 193 
LEU CD2 HD21 sing N N 194 
LEU CD2 HD22 sing N N 195 
LEU CD2 HD23 sing N N 196 
LEU OXT HXT  sing N N 197 
LYS N   CA   sing N N 198 
LYS N   H    sing N N 199 
LYS N   H2   sing N N 200 
LYS CA  C    sing N N 201 
LYS CA  CB   sing N N 202 
LYS CA  HA   sing N N 203 
LYS C   O    doub N N 204 
LYS C   OXT  sing N N 205 
LYS CB  CG   sing N N 206 
LYS CB  HB2  sing N N 207 
LYS CB  HB3  sing N N 208 
LYS CG  CD   sing N N 209 
LYS CG  HG2  sing N N 210 
LYS CG  HG3  sing N N 211 
LYS CD  CE   sing N N 212 
LYS CD  HD2  sing N N 213 
LYS CD  HD3  sing N N 214 
LYS CE  NZ   sing N N 215 
LYS CE  HE2  sing N N 216 
LYS CE  HE3  sing N N 217 
LYS NZ  HZ1  sing N N 218 
LYS NZ  HZ2  sing N N 219 
LYS NZ  HZ3  sing N N 220 
LYS OXT HXT  sing N N 221 
MET N   CA   sing N N 222 
MET N   H    sing N N 223 
MET N   H2   sing N N 224 
MET CA  C    sing N N 225 
MET CA  CB   sing N N 226 
MET CA  HA   sing N N 227 
MET C   O    doub N N 228 
MET C   OXT  sing N N 229 
MET CB  CG   sing N N 230 
MET CB  HB2  sing N N 231 
MET CB  HB3  sing N N 232 
MET CG  SD   sing N N 233 
MET CG  HG2  sing N N 234 
MET CG  HG3  sing N N 235 
MET SD  CE   sing N N 236 
MET CE  HE1  sing N N 237 
MET CE  HE2  sing N N 238 
MET CE  HE3  sing N N 239 
MET OXT HXT  sing N N 240 
PHE N   CA   sing N N 241 
PHE N   H    sing N N 242 
PHE N   H2   sing N N 243 
PHE CA  C    sing N N 244 
PHE CA  CB   sing N N 245 
PHE CA  HA   sing N N 246 
PHE C   O    doub N N 247 
PHE C   OXT  sing N N 248 
PHE CB  CG   sing N N 249 
PHE CB  HB2  sing N N 250 
PHE CB  HB3  sing N N 251 
PHE CG  CD1  doub Y N 252 
PHE CG  CD2  sing Y N 253 
PHE CD1 CE1  sing Y N 254 
PHE CD1 HD1  sing N N 255 
PHE CD2 CE2  doub Y N 256 
PHE CD2 HD2  sing N N 257 
PHE CE1 CZ   doub Y N 258 
PHE CE1 HE1  sing N N 259 
PHE CE2 CZ   sing Y N 260 
PHE CE2 HE2  sing N N 261 
PHE CZ  HZ   sing N N 262 
PHE OXT HXT  sing N N 263 
PRO N   CA   sing N N 264 
PRO N   CD   sing N N 265 
PRO N   H    sing N N 266 
PRO CA  C    sing N N 267 
PRO CA  CB   sing N N 268 
PRO CA  HA   sing N N 269 
PRO C   O    doub N N 270 
PRO C   OXT  sing N N 271 
PRO CB  CG   sing N N 272 
PRO CB  HB2  sing N N 273 
PRO CB  HB3  sing N N 274 
PRO CG  CD   sing N N 275 
PRO CG  HG2  sing N N 276 
PRO CG  HG3  sing N N 277 
PRO CD  HD2  sing N N 278 
PRO CD  HD3  sing N N 279 
PRO OXT HXT  sing N N 280 
SER N   CA   sing N N 281 
SER N   H    sing N N 282 
SER N   H2   sing N N 283 
SER CA  C    sing N N 284 
SER CA  CB   sing N N 285 
SER CA  HA   sing N N 286 
SER C   O    doub N N 287 
SER C   OXT  sing N N 288 
SER CB  OG   sing N N 289 
SER CB  HB2  sing N N 290 
SER CB  HB3  sing N N 291 
SER OG  HG   sing N N 292 
SER OXT HXT  sing N N 293 
THR N   CA   sing N N 294 
THR N   H    sing N N 295 
THR N   H2   sing N N 296 
THR CA  C    sing N N 297 
THR CA  CB   sing N N 298 
THR CA  HA   sing N N 299 
THR C   O    doub N N 300 
THR C   OXT  sing N N 301 
THR CB  OG1  sing N N 302 
THR CB  CG2  sing N N 303 
THR CB  HB   sing N N 304 
THR OG1 HG1  sing N N 305 
THR CG2 HG21 sing N N 306 
THR CG2 HG22 sing N N 307 
THR CG2 HG23 sing N N 308 
THR OXT HXT  sing N N 309 
TRP N   CA   sing N N 310 
TRP N   H    sing N N 311 
TRP N   H2   sing N N 312 
TRP CA  C    sing N N 313 
TRP CA  CB   sing N N 314 
TRP CA  HA   sing N N 315 
TRP C   O    doub N N 316 
TRP C   OXT  sing N N 317 
TRP CB  CG   sing N N 318 
TRP CB  HB2  sing N N 319 
TRP CB  HB3  sing N N 320 
TRP CG  CD1  doub Y N 321 
TRP CG  CD2  sing Y N 322 
TRP CD1 NE1  sing Y N 323 
TRP CD1 HD1  sing N N 324 
TRP CD2 CE2  doub Y N 325 
TRP CD2 CE3  sing Y N 326 
TRP NE1 CE2  sing Y N 327 
TRP NE1 HE1  sing N N 328 
TRP CE2 CZ2  sing Y N 329 
TRP CE3 CZ3  doub Y N 330 
TRP CE3 HE3  sing N N 331 
TRP CZ2 CH2  doub Y N 332 
TRP CZ2 HZ2  sing N N 333 
TRP CZ3 CH2  sing Y N 334 
TRP CZ3 HZ3  sing N N 335 
TRP CH2 HH2  sing N N 336 
TRP OXT HXT  sing N N 337 
TYR N   CA   sing N N 338 
TYR N   H    sing N N 339 
TYR N   H2   sing N N 340 
TYR CA  C    sing N N 341 
TYR CA  CB   sing N N 342 
TYR CA  HA   sing N N 343 
TYR C   O    doub N N 344 
TYR C   OXT  sing N N 345 
TYR CB  CG   sing N N 346 
TYR CB  HB2  sing N N 347 
TYR CB  HB3  sing N N 348 
TYR CG  CD1  doub Y N 349 
TYR CG  CD2  sing Y N 350 
TYR CD1 CE1  sing Y N 351 
TYR CD1 HD1  sing N N 352 
TYR CD2 CE2  doub Y N 353 
TYR CD2 HD2  sing N N 354 
TYR CE1 CZ   doub Y N 355 
TYR CE1 HE1  sing N N 356 
TYR CE2 CZ   sing Y N 357 
TYR CE2 HE2  sing N N 358 
TYR CZ  OH   sing N N 359 
TYR OH  HH   sing N N 360 
TYR OXT HXT  sing N N 361 
VAL N   CA   sing N N 362 
VAL N   H    sing N N 363 
VAL N   H2   sing N N 364 
VAL CA  C    sing N N 365 
VAL CA  CB   sing N N 366 
VAL CA  HA   sing N N 367 
VAL C   O    doub N N 368 
VAL C   OXT  sing N N 369 
VAL CB  CG1  sing N N 370 
VAL CB  CG2  sing N N 371 
VAL CB  HB   sing N N 372 
VAL CG1 HG11 sing N N 373 
VAL CG1 HG12 sing N N 374 
VAL CG1 HG13 sing N N 375 
VAL CG2 HG21 sing N N 376 
VAL CG2 HG22 sing N N 377 
VAL CG2 HG23 sing N N 378 
VAL OXT HXT  sing N N 379 
# 
_pdbx_audit_support.funding_organization   'Health Research Council (HRC)' 
_pdbx_audit_support.country                'New Zealand' 
_pdbx_audit_support.grant_number           ? 
_pdbx_audit_support.ordinal                1 
# 
_pdbx_initial_refinement_model.id               1 
_pdbx_initial_refinement_model.entity_id_list   ? 
_pdbx_initial_refinement_model.type             'in silico model' 
_pdbx_initial_refinement_model.source_name      AlphaFold 
_pdbx_initial_refinement_model.accession_code   AF-O53156 
_pdbx_initial_refinement_model.details          ? 
# 
_atom_sites.entry_id                    9DCL 
_atom_sites.Cartn_transf_matrix[1][1]   ? 
_atom_sites.Cartn_transf_matrix[1][2]   ? 
_atom_sites.Cartn_transf_matrix[1][3]   ? 
_atom_sites.Cartn_transf_matrix[2][1]   ? 
_atom_sites.Cartn_transf_matrix[2][2]   ? 
_atom_sites.Cartn_transf_matrix[2][3]   ? 
_atom_sites.Cartn_transf_matrix[3][1]   ? 
_atom_sites.Cartn_transf_matrix[3][2]   ? 
_atom_sites.Cartn_transf_matrix[3][3]   ? 
_atom_sites.Cartn_transf_vector[1]      ? 
_atom_sites.Cartn_transf_vector[2]      ? 
_atom_sites.Cartn_transf_vector[3]      ? 
_atom_sites.Cartn_transform_axes        ? 
_atom_sites.fract_transf_matrix[1][1]   -0.00644885 
_atom_sites.fract_transf_matrix[1][2]   0.00419532 
_atom_sites.fract_transf_matrix[1][3]   0.00636960 
_atom_sites.fract_transf_matrix[2][1]   -0.00682109 
_atom_sites.fract_transf_matrix[2][2]   0.00055968 
_atom_sites.fract_transf_matrix[2][3]   -0.00727459 
_atom_sites.fract_transf_matrix[3][1]   -0.01090411 
_atom_sites.fract_transf_matrix[3][2]   -0.02890783 
_atom_sites.fract_transf_matrix[3][3]   0.00800030 
_atom_sites.fract_transf_vector[1]      0.154736 
_atom_sites.fract_transf_vector[2]      -0.185599 
_atom_sites.fract_transf_vector[3]      -0.017628 
_atom_sites.solution_primary            ? 
_atom_sites.solution_secondary          ? 
_atom_sites.solution_hydrogens          ? 
_atom_sites.special_details             ? 
# 
loop_
_atom_type.symbol 
_atom_type.pdbx_scat_Z 
_atom_type.pdbx_N_electrons 
_atom_type.scat_Cromer_Mann_a1 
_atom_type.scat_Cromer_Mann_b1 
_atom_type.scat_Cromer_Mann_a2 
_atom_type.scat_Cromer_Mann_b2 
_atom_type.scat_Cromer_Mann_a3 
_atom_type.scat_Cromer_Mann_b3 
_atom_type.scat_Cromer_Mann_a4 
_atom_type.scat_Cromer_Mann_b4 
_atom_type.scat_Cromer_Mann_c 
C  6  6  2.310  20.844 1.020 10.208 1.589 0.569  0.865 51.651 0.216   
FE 26 26 11.774 4.761  7.360 0.307  3.524 15.354 2.305 76.881 1.294   
H  1  1  0.493  10.511 0.323 26.126 0.140 3.142  0.041 57.800 0.003   
N  7  7  12.222 0.006  3.135 9.893  2.014 28.997 1.167 0.583  -11.538 
O  8  8  3.049  13.277 2.287 5.701  1.546 0.324  0.867 32.909 0.251   
S  16 16 6.905  1.468  5.203 22.215 1.438 0.254  1.586 56.172 1.042   
# 
loop_
_atom_site.group_PDB 
_atom_site.id 
_atom_site.type_symbol 
_atom_site.label_atom_id 
_atom_site.label_alt_id 
_atom_site.label_comp_id 
_atom_site.label_asym_id 
_atom_site.label_entity_id 
_atom_site.label_seq_id 
_atom_site.pdbx_PDB_ins_code 
_atom_site.Cartn_x 
_atom_site.Cartn_y 
_atom_site.Cartn_z 
_atom_site.occupancy 
_atom_site.B_iso_or_equiv 
_atom_site.pdbx_formal_charge 
_atom_site.auth_seq_id 
_atom_site.auth_comp_id 
_atom_site.auth_asym_id 
_atom_site.auth_atom_id 
_atom_site.pdbx_PDB_model_num 
_atom_site.calc_flag 
ATOM   1    N  N   . LEU A 1 5   ? 16.777  -9.722  12.486  1.000 47.957  0 5   LEU A N   1 ? 
ATOM   2    C  CA  . LEU A 1 5   ? 15.910  -8.618  11.990  1.000 62.053  0 5   LEU A CA  1 ? 
ATOM   3    C  C   . LEU A 1 5   ? 15.648  -8.813  10.500  1.000 69.573  0 5   LEU A C   1 ? 
ATOM   4    O  O   . LEU A 1 5   ? 14.510  -8.716  10.042  1.000 69.089  0 5   LEU A O   1 ? 
ATOM   5    C  CB  . LEU A 1 5   ? 16.596  -7.272  12.248  1.000 61.491  0 5   LEU A CB  1 ? 
ATOM   6    C  CG  . LEU A 1 5   ? 15.747  -6.038  11.940  1.000 65.509  0 5   LEU A CG  1 ? 
ATOM   7    C  CD1 . LEU A 1 5   ? 14.645  -5.872  12.977  1.000 71.074  0 5   LEU A CD1 1 ? 
ATOM   8    C  CD2 . LEU A 1 5   ? 16.605  -4.784  11.868  1.000 63.039  0 5   LEU A CD2 1 ? 
ATOM   9    N  N   . GLU A 1 6   ? 16.732  -9.069  9.760   1.000 60.062  0 6   GLU A N   1 ? 
ATOM   10   C  CA  . GLU A 1 6   ? 16.671  -9.408  8.350   1.000 62.805  0 6   GLU A CA  1 ? 
ATOM   11   C  C   . GLU A 1 6   ? 15.750  -10.620 8.188   1.000 58.838  0 6   GLU A C   1 ? 
ATOM   12   O  O   . GLU A 1 6   ? 14.887  -10.633 7.315   1.000 48.306  0 6   GLU A O   1 ? 
ATOM   13   C  CB  . GLU A 1 6   ? 18.091  -9.657  7.829   1.000 68.284  0 6   GLU A CB  1 ? 
ATOM   14   C  CG  . GLU A 1 6   ? 18.293  -9.326  6.363   1.000 72.422  0 6   GLU A CG  1 ? 
ATOM   15   C  CD  . GLU A 1 6   ? 17.595  -10.265 5.395   1.000 93.692  0 6   GLU A CD  1 ? 
ATOM   16   O  OE1 . GLU A 1 6   ? 17.810  -11.491 5.505   1.000 103.754 0 6   GLU A OE1 1 ? 
ATOM   17   O  OE2 . GLU A 1 6   ? 16.847  -9.769  4.527   1.000 102.043 0 6   GLU A OE2 1 ? 
ATOM   18   N  N   . GLN A 1 7   ? 15.901  -11.613 9.072   1.000 50.609  0 7   GLN A N   1 ? 
ATOM   19   C  CA  . GLN A 1 7   ? 15.119  -12.836 8.982   1.000 54.775  0 7   GLN A CA  1 ? 
ATOM   20   C  C   . GLN A 1 7   ? 13.672  -12.580 9.407   1.000 49.694  0 7   GLN A C   1 ? 
ATOM   21   O  O   . GLN A 1 7   ? 12.756  -13.201 8.872   1.000 52.297  0 7   GLN A O   1 ? 
ATOM   22   C  CB  . GLN A 1 7   ? 15.753  -13.940 9.830   1.000 63.846  0 7   GLN A CB  1 ? 
ATOM   23   C  CG  . GLN A 1 7   ? 15.235  -15.331 9.488   1.000 71.843  0 7   GLN A CG  1 ? 
ATOM   24   C  CD  . GLN A 1 7   ? 15.739  -15.811 8.149   1.000 81.676  0 7   GLN A CD  1 ? 
ATOM   25   O  OE1 . GLN A 1 7   ? 16.861  -16.299 8.028   1.000 88.081  0 7   GLN A OE1 1 ? 
ATOM   26   N  NE2 . GLN A 1 7   ? 14.903  -15.689 7.130   1.000 82.347  0 7   GLN A NE2 1 ? 
ATOM   27   N  N   . ILE A 1 8   ? 13.466  -11.667 10.365  1.000 46.189  0 8   ILE A N   1 ? 
ATOM   28   C  CA  . ILE A 1 8   ? 12.129  -11.335 10.837  1.000 53.973  0 8   ILE A CA  1 ? 
ATOM   29   C  C   . ILE A 1 8   ? 11.333  -10.661 9.717   1.000 56.025  0 8   ILE A C   1 ? 
ATOM   30   O  O   . ILE A 1 8   ? 10.165  -10.990 9.500   1.000 49.847  0 8   ILE A O   1 ? 
ATOM   31   C  CB  . ILE A 1 8   ? 12.187  -10.442 12.094  1.000 51.070  0 8   ILE A CB  1 ? 
ATOM   32   C  CG1 . ILE A 1 8   ? 12.700  -11.214 13.313  1.000 50.800  0 8   ILE A CG1 1 ? 
ATOM   33   C  CG2 . ILE A 1 8   ? 10.833  -9.796  12.368  1.000 52.186  0 8   ILE A CG2 1 ? 
ATOM   34   C  CD1 . ILE A 1 8   ? 12.916  -10.348 14.529  1.000 45.449  0 8   ILE A CD1 1 ? 
ATOM   35   N  N   . TYR A 1 9   ? 11.967  -9.689  9.048   1.000 51.530  0 9   TYR A N   1 ? 
ATOM   36   C  CA  . TYR A 1 9   ? 11.347  -8.938  7.966   1.000 44.770  0 9   TYR A CA  1 ? 
ATOM   37   C  C   . TYR A 1 9   ? 10.925  -9.879  6.837   1.000 42.288  0 9   TYR A C   1 ? 
ATOM   38   O  O   . TYR A 1 9   ? 9.860   -9.689  6.253   1.000 41.283  0 9   TYR A O   1 ? 
ATOM   39   C  CB  . TYR A 1 9   ? 12.301  -7.845  7.475   1.000 45.791  0 9   TYR A CB  1 ? 
ATOM   40   C  CG  . TYR A 1 9   ? 12.420  -6.621  8.350   1.000 49.423  0 9   TYR A CG  1 ? 
ATOM   41   C  CD1 . TYR A 1 9   ? 11.647  -6.448  9.493   1.000 54.964  0 9   TYR A CD1 1 ? 
ATOM   42   C  CD2 . TYR A 1 9   ? 13.309  -5.609  8.015   1.000 53.257  0 9   TYR A CD2 1 ? 
ATOM   43   C  CE1 . TYR A 1 9   ? 11.760  -5.311  10.280  1.000 52.211  0 9   TYR A CE1 1 ? 
ATOM   44   C  CE2 . TYR A 1 9   ? 13.431  -4.465  8.786   1.000 58.108  0 9   TYR A CE2 1 ? 
ATOM   45   C  CZ  . TYR A 1 9   ? 12.653  -4.315  9.922   1.000 61.760  0 9   TYR A CZ  1 ? 
ATOM   46   O  OH  . TYR A 1 9   ? 12.774  -3.179  10.678  1.000 63.032  0 9   TYR A OH  1 ? 
ATOM   47   N  N   . GLN A 1 10  ? 11.751  -10.896 6.553   1.000 39.599  0 10  GLN A N   1 ? 
ATOM   48   C  CA  . GLN A 1 10  ? 11.443  -11.913 5.554   1.000 42.583  0 10  GLN A CA  1 ? 
ATOM   49   C  C   . GLN A 1 10  ? 10.146  -12.645 5.896   1.000 46.982  0 10  GLN A C   1 ? 
ATOM   50   O  O   . GLN A 1 10  ? 9.373   -12.978 5.001   1.000 40.804  0 10  GLN A O   1 ? 
ATOM   51   C  CB  . GLN A 1 10  ? 12.556  -12.962 5.468   1.000 51.615  0 10  GLN A CB  1 ? 
ATOM   52   C  CG  . GLN A 1 10  ? 13.913  -12.411 5.051   1.000 66.756  0 10  GLN A CG  1 ? 
ATOM   53   C  CD  . GLN A 1 10  ? 14.081  -12.261 3.560   1.000 69.930  0 10  GLN A CD  1 ? 
ATOM   54   O  OE1 . GLN A 1 10  ? 13.208  -12.628 2.776   1.000 74.316  0 10  GLN A OE1 1 ? 
ATOM   55   N  NE2 . GLN A 1 10  ? 15.222  -11.723 3.160   1.000 61.361  0 10  GLN A NE2 1 ? 
ATOM   56   N  N   . ASP A 1 11  ? 9.950   -12.931 7.192   1.000 47.560  0 11  ASP A N   1 ? 
ATOM   57   C  CA  . ASP A 1 11  ? 8.791   -13.658 7.687   1.000 46.614  0 11  ASP A CA  1 ? 
ATOM   58   C  C   . ASP A 1 11  ? 7.530   -12.806 7.531   1.000 38.271  0 11  ASP A C   1 ? 
ATOM   59   O  O   . ASP A 1 11  ? 6.494   -13.318 7.119   1.000 44.792  0 11  ASP A O   1 ? 
ATOM   60   C  CB  . ASP A 1 11  ? 8.993   -14.091 9.145   1.000 49.340  0 11  ASP A CB  1 ? 
ATOM   61   N  N   . VAL A 1 12  ? 7.627   -11.509 7.849   1.000 35.865  0 12  VAL A N   1 ? 
ATOM   62   C  CA  . VAL A 1 12  ? 6.522   -10.578 7.669   1.000 37.828  0 12  VAL A CA  1 ? 
ATOM   63   C  C   . VAL A 1 12  ? 6.045   -10.618 6.215   1.000 36.136  0 12  VAL A C   1 ? 
ATOM   64   O  O   . VAL A 1 12  ? 4.855   -10.791 5.934   1.000 30.931  0 12  VAL A O   1 ? 
ATOM   65   C  CB  . VAL A 1 12  ? 6.933   -9.151  8.086   1.000 38.084  0 12  VAL A CB  1 ? 
ATOM   66   C  CG1 . VAL A 1 12  ? 5.898   -8.113  7.684   1.000 36.542  0 12  VAL A CG1 1 ? 
ATOM   67   C  CG2 . VAL A 1 12  ? 7.221   -9.055  9.577   1.000 42.710  0 12  VAL A CG2 1 ? 
ATOM   68   N  N   . ILE A 1 13  ? 6.999   -10.463 5.288   1.000 33.263  0 13  ILE A N   1 ? 
ATOM   69   C  CA  . ILE A 1 13  ? 6.710   -10.389 3.864   1.000 32.397  0 13  ILE A CA  1 ? 
ATOM   70   C  C   . ILE A 1 13  ? 6.072   -11.700 3.391   1.000 31.460  0 13  ILE A C   1 ? 
ATOM   71   O  O   . ILE A 1 13  ? 5.059   -11.676 2.695   1.000 29.521  0 13  ILE A O   1 ? 
ATOM   72   C  CB  . ILE A 1 13  ? 7.995   -9.991  3.100   1.000 30.915  0 13  ILE A CB  1 ? 
ATOM   73   C  CG1 . ILE A 1 13  ? 8.371   -8.540  3.419   1.000 31.588  0 13  ILE A CG1 1 ? 
ATOM   74   C  CG2 . ILE A 1 13  ? 7.854   -10.227 1.601   1.000 33.154  0 13  ILE A CG2 1 ? 
ATOM   75   C  CD1 . ILE A 1 13  ? 9.755   -8.117  2.961   1.000 34.917  0 13  ILE A CD1 1 ? 
ATOM   76   N  N   . LEU A 1 14  ? 6.639   -12.843 3.796   1.000 33.850  0 14  LEU A N   1 ? 
ATOM   77   C  CA  . LEU A 1 14  ? 6.075   -14.148 3.462   1.000 35.258  0 14  LEU A CA  1 ? 
ATOM   78   C  C   . LEU A 1 14  ? 4.672   -14.304 4.054   1.000 30.443  0 14  LEU A C   1 ? 
ATOM   79   O  O   . LEU A 1 14  ? 3.783   -14.845 3.401   1.000 34.037  0 14  LEU A O   1 ? 
ATOM   80   C  CB  . LEU A 1 14  ? 7.007   -15.261 3.967   1.000 41.089  0 14  LEU A CB  1 ? 
ATOM   81   C  CG  . LEU A 1 14  ? 7.952   -15.878 2.932   1.000 51.487  0 14  LEU A CG  1 ? 
ATOM   82   C  CD1 . LEU A 1 14  ? 7.177   -16.540 1.798   1.000 50.623  0 14  LEU A CD1 1 ? 
ATOM   83   C  CD2 . LEU A 1 14  ? 8.919   -14.845 2.372   1.000 61.534  0 14  LEU A CD2 1 ? 
ATOM   84   N  N   . ASP A 1 15  ? 4.468   -13.834 5.292   1.000 31.207  0 15  ASP A N   1 ? 
ATOM   85   C  CA  . ASP A 1 15  ? 3.165   -13.930 5.934   1.000 38.723  0 15  ASP A CA  1 ? 
ATOM   86   C  C   . ASP A 1 15  ? 2.106   -13.225 5.085   1.000 37.554  0 15  ASP A C   1 ? 
ATOM   87   O  O   . ASP A 1 15  ? 1.020   -13.768 4.876   1.000 33.623  0 15  ASP A O   1 ? 
ATOM   88   C  CB  . ASP A 1 15  ? 3.172   -13.353 7.355   1.000 48.914  0 15  ASP A CB  1 ? 
ATOM   89   C  CG  . ASP A 1 15  ? 1.828   -13.493 8.060   1.000 60.989  0 15  ASP A CG  1 ? 
ATOM   90   O  OD1 . ASP A 1 15  ? 1.347   -14.641 8.173   1.000 65.518  0 15  ASP A OD1 1 ? 
ATOM   91   O  OD2 . ASP A 1 15  ? 1.254   -12.453 8.464   1.000 55.399  0 15  ASP A OD2 1 ? 
ATOM   92   N  N   . HIS A 1 16  ? 2.428   -12.019 4.589   1.000 31.333  0 16  HIS A N   1 ? 
ATOM   93   C  CA  . HIS A 1 16  ? 1.468   -11.218 3.841   1.000 28.609  0 16  HIS A CA  1 ? 
ATOM   94   C  C   . HIS A 1 16  ? 1.307   -11.732 2.415   1.000 27.932  0 16  HIS A C   1 ? 
ATOM   95   O  O   . HIS A 1 16  ? 0.237   -11.602 1.829   1.000 33.152  0 16  HIS A O   1 ? 
ATOM   96   C  CB  . HIS A 1 16  ? 1.877   -9.745  3.857   1.000 31.048  0 16  HIS A CB  1 ? 
ATOM   97   C  CG  . HIS A 1 16  ? 1.439   -9.027  5.093   1.000 27.723  0 16  HIS A CG  1 ? 
ATOM   98   N  ND1 . HIS A 1 16  ? 0.217   -8.414  5.195   1.000 30.763  0 16  HIS A ND1 1 ? 
ATOM   99   C  CD2 . HIS A 1 16  ? 2.052   -8.904  6.305   1.000 30.090  0 16  HIS A CD2 1 ? 
ATOM   100  C  CE1 . HIS A 1 16  ? 0.096   -7.880  6.410   1.000 31.889  0 16  HIS A CE1 1 ? 
ATOM   101  N  NE2 . HIS A 1 16  ? 1.230   -8.171  7.121   1.000 29.750  0 16  HIS A NE2 1 ? 
ATOM   102  N  N   . TYR A 1 17  ? 2.376   -12.309 1.863   1.000 30.447  0 17  TYR A N   1 ? 
ATOM   103  C  CA  . TYR A 1 17  ? 2.321   -12.921 0.545   1.000 35.757  0 17  TYR A CA  1 ? 
ATOM   104  C  C   . TYR A 1 17  ? 1.401   -14.146 0.546   1.000 36.123  0 17  TYR A C   1 ? 
ATOM   105  O  O   . TYR A 1 17  ? 0.588   -14.305 -0.360  1.000 33.199  0 17  TYR A O   1 ? 
ATOM   106  C  CB  . TYR A 1 17  ? 3.732   -13.291 0.083   1.000 37.108  0 17  TYR A CB  1 ? 
ATOM   107  C  CG  . TYR A 1 17  ? 3.769   -14.108 -1.183  1.000 44.311  0 17  TYR A CG  1 ? 
ATOM   108  C  CD1 . TYR A 1 17  ? 3.289   -13.593 -2.378  1.000 44.649  0 17  TYR A CD1 1 ? 
ATOM   109  C  CD2 . TYR A 1 17  ? 4.263   -15.405 -1.178  1.000 50.880  0 17  TYR A CD2 1 ? 
ATOM   110  C  CE1 . TYR A 1 17  ? 3.317   -14.341 -3.544  1.000 47.976  0 17  TYR A CE1 1 ? 
ATOM   111  C  CE2 . TYR A 1 17  ? 4.300   -16.165 -2.335  1.000 47.623  0 17  TYR A CE2 1 ? 
ATOM   112  C  CZ  . TYR A 1 17  ? 3.825   -15.631 -3.519  1.000 48.816  0 17  TYR A CZ  1 ? 
ATOM   113  O  OH  . TYR A 1 17  ? 3.863   -16.386 -4.662  1.000 61.970  0 17  TYR A OH  1 ? 
ATOM   114  N  N   . LYS A 1 18  ? 1.538   -15.008 1.560   1.000 40.219  0 18  LYS A N   1 ? 
ATOM   115  C  CA  . LYS A 1 18  ? 0.777   -16.248 1.633   1.000 45.231  0 18  LYS A CA  1 ? 
ATOM   116  C  C   . LYS A 1 18  ? -0.632  -16.020 2.188   1.000 38.244  0 18  LYS A C   1 ? 
ATOM   117  O  O   . LYS A 1 18  ? -1.560  -16.728 1.808   1.000 40.863  0 18  LYS A O   1 ? 
ATOM   118  C  CB  . LYS A 1 18  ? 1.529   -17.270 2.495   1.000 49.872  0 18  LYS A CB  1 ? 
ATOM   119  C  CG  . LYS A 1 18  ? 2.816   -17.808 1.880   1.000 56.682  0 18  LYS A CG  1 ? 
ATOM   120  C  CD  . LYS A 1 18  ? 3.564   -18.785 2.771   1.000 60.358  0 18  LYS A CD  1 ? 
ATOM   121  C  CE  . LYS A 1 18  ? 4.012   -18.166 4.078   1.000 66.667  0 18  LYS A CE  1 ? 
ATOM   122  N  NZ  . LYS A 1 18  ? 5.083   -18.958 4.726   1.000 67.377  0 18  LYS A NZ  1 ? 
ATOM   123  N  N   . HIS A 1 19  ? -0.788  -15.062 3.109   1.000 36.378  0 19  HIS A N   1 ? 
ATOM   124  C  CA  . HIS A 1 19  ? -2.073  -14.798 3.739   1.000 39.442  0 19  HIS A CA  1 ? 
ATOM   125  C  C   . HIS A 1 19  ? -2.469  -13.350 3.480   1.000 37.180  0 19  HIS A C   1 ? 
ATOM   126  O  O   . HIS A 1 19  ? -2.552  -12.553 4.413   1.000 32.336  0 19  HIS A O   1 ? 
ATOM   127  C  CB  . HIS A 1 19  ? -2.007  -15.103 5.241   1.000 38.606  0 19  HIS A CB  1 ? 
ATOM   128  C  CG  . HIS A 1 19  ? -1.412  -16.442 5.549   1.000 49.123  0 19  HIS A CG  1 ? 
ATOM   129  N  ND1 . HIS A 1 19  ? -0.239  -16.613 6.245   1.000 45.156  0 19  HIS A ND1 1 ? 
ATOM   130  C  CD2 . HIS A 1 19  ? -1.843  -17.680 5.170   1.000 50.917  0 19  HIS A CD2 1 ? 
ATOM   131  C  CE1 . HIS A 1 19  ? 0.035   -17.912 6.318   1.000 50.213  0 19  HIS A CE1 1 ? 
ATOM   132  N  NE2 . HIS A 1 19  ? -0.947  -18.593 5.652   1.000 49.725  0 19  HIS A NE2 1 ? 
ATOM   133  N  N   . PRO A 1 20  ? -2.729  -12.969 2.206   1.000 38.218  0 20  PRO A N   1 ? 
ATOM   134  C  CA  . PRO A 1 20  ? -3.019  -11.576 1.873   1.000 38.789  0 20  PRO A CA  1 ? 
ATOM   135  C  C   . PRO A 1 20  ? -4.293  -11.135 2.581   1.000 39.445  0 20  PRO A C   1 ? 
ATOM   136  O  O   . PRO A 1 20  ? -5.243  -11.906 2.741   1.000 32.777  0 20  PRO A O   1 ? 
ATOM   137  C  CB  . PRO A 1 20  ? -3.126  -11.551 0.339   1.000 36.162  0 20  PRO A CB  1 ? 
ATOM   138  C  CG  . PRO A 1 20  ? -3.444  -12.982 -0.036  1.000 35.272  0 20  PRO A CG  1 ? 
ATOM   139  C  CD  . PRO A 1 20  ? -2.786  -13.843 1.024   1.000 39.579  0 20  PRO A CD  1 ? 
ATOM   140  N  N   . GLN A 1 21  ? -4.244  -9.896  3.068   1.000 44.159  0 21  GLN A N   1 ? 
ATOM   141  C  CA  . GLN A 1 21  ? -5.389  -9.241  3.663   1.000 39.799  0 21  GLN A CA  1 ? 
ATOM   142  C  C   . GLN A 1 21  ? -6.090  -8.461  2.557   1.000 38.669  0 21  GLN A C   1 ? 
ATOM   143  O  O   . GLN A 1 21  ? -5.419  -7.822  1.735   1.000 29.607  0 21  GLN A O   1 ? 
ATOM   144  C  CB  . GLN A 1 21  ? -4.912  -8.345  4.808   1.000 46.489  0 21  GLN A CB  1 ? 
ATOM   145  C  CG  . GLN A 1 21  ? -4.062  -9.074  5.843   1.000 53.868  0 21  GLN A CG  1 ? 
ATOM   146  C  CD  . GLN A 1 21  ? -4.819  -10.200 6.506   1.000 54.448  0 21  GLN A CD  1 ? 
ATOM   147  O  OE1 . GLN A 1 21  ? -5.735  -9.980  7.291   1.000 59.919  0 21  GLN A OE1 1 ? 
ATOM   148  N  NE2 . GLN A 1 21  ? -4.447  -11.430 6.183   1.000 60.328  0 21  GLN A NE2 1 ? 
ATOM   149  N  N   . HIS A 1 22  ? -7.422  -8.616  2.499   1.000 28.781  0 22  HIS A N   1 ? 
ATOM   150  C  CA  . HIS A 1 22  ? -8.313  -7.755  1.739   1.000 28.778  0 22  HIS A CA  1 ? 
ATOM   151  C  C   . HIS A 1 22  ? -8.179  -7.931  0.225   1.000 28.610  0 22  HIS A C   1 ? 
ATOM   152  O  O   . HIS A 1 22  ? -8.619  -7.053  -0.529  1.000 29.755  0 22  HIS A O   1 ? 
ATOM   153  C  CB  . HIS A 1 22  ? -8.082  -6.302  2.174   1.000 31.150  0 22  HIS A CB  1 ? 
ATOM   154  C  CG  . HIS A 1 22  ? -8.347  -6.066  3.631   1.000 28.244  0 22  HIS A CG  1 ? 
ATOM   155  N  ND1 . HIS A 1 22  ? -9.614  -6.042  4.173   1.000 33.086  0 22  HIS A ND1 1 ? 
ATOM   156  C  CD2 . HIS A 1 22  ? -7.473  -5.862  4.659   1.000 31.554  0 22  HIS A CD2 1 ? 
ATOM   157  C  CE1 . HIS A 1 22  ? -9.524  -5.830  5.486   1.000 34.015  0 22  HIS A CE1 1 ? 
ATOM   158  N  NE2 . HIS A 1 22  ? -8.202  -5.713  5.809   1.000 30.834  0 22  HIS A NE2 1 ? 
ATOM   159  N  N   . ARG A 1 23  ? -7.644  -9.075  -0.234  1.000 26.189  0 23  ARG A N   1 ? 
ATOM   160  C  CA  . ARG A 1 23  ? -7.433  -9.286  -1.662  1.000 29.504  0 23  ARG A CA  1 ? 
ATOM   161  C  C   . ARG A 1 23  ? -8.763  -9.565  -2.361  1.000 30.767  0 23  ARG A C   1 ? 
ATOM   162  O  O   . ARG A 1 23  ? -9.685  -10.104 -1.752  1.000 30.138  0 23  ARG A O   1 ? 
ATOM   163  C  CB  . ARG A 1 23  ? -6.431  -10.414 -1.933  1.000 30.821  0 23  ARG A CB  1 ? 
ATOM   164  C  CG  . ARG A 1 23  ? -5.820  -10.349 -3.329  1.000 38.493  0 23  ARG A CG  1 ? 
ATOM   165  C  CD  . ARG A 1 23  ? -4.602  -11.232 -3.546  1.000 42.907  0 23  ARG A CD  1 ? 
ATOM   166  N  NE  . ARG A 1 23  ? -4.922  -12.653 -3.455  1.000 65.202  0 23  ARG A NE  1 ? 
ATOM   167  C  CZ  . ARG A 1 23  ? -4.028  -13.637 -3.530  1.000 78.873  0 23  ARG A CZ  1 ? 
ATOM   168  N  NH1 . ARG A 1 23  ? -2.800  -13.388 -3.952  1.000 78.981  0 23  ARG A NH1 1 ? 
ATOM   169  N  NH2 . ARG A 1 23  ? -4.368  -14.868 -3.185  1.000 78.863  0 23  ARG A NH2 1 ? 
ATOM   170  N  N   . GLY A 1 24  ? -8.836  -9.197  -3.647  1.000 25.072  0 24  GLY A N   1 ? 
ATOM   171  C  CA  . GLY A 1 24  ? -10.031 -9.359  -4.459  1.000 26.453  0 24  GLY A CA  1 ? 
ATOM   172  C  C   . GLY A 1 24  ? -10.877 -8.091  -4.468  1.000 25.679  0 24  GLY A C   1 ? 
ATOM   173  O  O   . GLY A 1 24  ? -11.048 -7.469  -3.425  1.000 31.752  0 24  GLY A O   1 ? 
ATOM   174  N  N   . LEU A 1 25  ? -11.394 -7.720  -5.650  1.000 23.439  0 25  LEU A N   1 ? 
ATOM   175  C  CA  . LEU A 1 25  ? -12.116 -6.467  -5.844  1.000 23.791  0 25  LEU A CA  1 ? 
ATOM   176  C  C   . LEU A 1 25  ? -13.529 -6.581  -5.278  1.000 26.122  0 25  LEU A C   1 ? 
ATOM   177  O  O   . LEU A 1 25  ? -14.195 -7.596  -5.452  1.000 30.626  0 25  LEU A O   1 ? 
ATOM   178  C  CB  . LEU A 1 25  ? -12.147 -6.134  -7.341  1.000 24.198  0 25  LEU A CB  1 ? 
ATOM   179  C  CG  . LEU A 1 25  ? -10.809 -5.721  -7.960  1.000 28.173  0 25  LEU A CG  1 ? 
ATOM   180  C  CD1 . LEU A 1 25  ? -10.952 -5.502  -9.461  1.000 29.224  0 25  LEU A CD1 1 ? 
ATOM   181  C  CD2 . LEU A 1 25  ? -10.258 -4.464  -7.294  1.000 23.921  0 25  LEU A CD2 1 ? 
ATOM   182  N  N   . ARG A 1 26  ? -13.980 -5.530  -4.592  1.000 23.669  0 26  ARG A N   1 ? 
ATOM   183  C  CA  . ARG A 1 26  ? -15.266 -5.563  -3.921  1.000 27.179  0 26  ARG A CA  1 ? 
ATOM   184  C  C   . ARG A 1 26  ? -16.025 -4.274  -4.196  1.000 24.149  0 26  ARG A C   1 ? 
ATOM   185  O  O   . ARG A 1 26  ? -15.435 -3.269  -4.592  1.000 25.151  0 26  ARG A O   1 ? 
ATOM   186  C  CB  . ARG A 1 26  ? -15.099 -5.740  -2.409  1.000 28.150  0 26  ARG A CB  1 ? 
ATOM   187  C  CG  . ARG A 1 26  ? -14.537 -7.093  -1.995  1.000 29.047  0 26  ARG A CG  1 ? 
ATOM   188  C  CD  . ARG A 1 26  ? -14.458 -7.146  -0.484  1.000 30.330  0 26  ARG A CD  1 ? 
ATOM   189  N  NE  . ARG A 1 26  ? -13.389 -6.297  0.014   1.000 28.099  0 26  ARG A NE  1 ? 
ATOM   190  C  CZ  . ARG A 1 26  ? -12.093 -6.587  -0.067  1.000 29.681  0 26  ARG A CZ  1 ? 
ATOM   191  N  NH1 . ARG A 1 26  ? -11.685 -7.742  -0.571  1.000 27.518  0 26  ARG A NH1 1 ? 
ATOM   192  N  NH2 . ARG A 1 26  ? -11.205 -5.708  0.356   1.000 30.153  0 26  ARG A NH2 1 ? 
ATOM   193  N  N   . GLU A 1 27  ? -17.339 -4.338  -3.958  1.000 23.985  0 27  GLU A N   1 ? 
ATOM   194  C  CA  . GLU A 1 27  ? -18.221 -3.188  -4.019  1.000 28.893  0 27  GLU A CA  1 ? 
ATOM   195  C  C   . GLU A 1 27  ? -18.893 -3.017  -2.657  1.000 26.592  0 27  GLU A C   1 ? 
ATOM   196  O  O   . GLU A 1 27  ? -19.089 -3.994  -1.942  1.000 31.535  0 27  GLU A O   1 ? 
ATOM   197  C  CB  . GLU A 1 27  ? -19.208 -3.377  -5.174  1.000 30.699  0 27  GLU A CB  1 ? 
ATOM   198  C  CG  . GLU A 1 27  ? -18.542 -3.159  -6.522  1.000 35.866  0 27  GLU A CG  1 ? 
ATOM   199  C  CD  . GLU A 1 27  ? -19.421 -3.281  -7.755  1.000 45.322  0 27  GLU A CD  1 ? 
ATOM   200  O  OE1 . GLU A 1 27  ? -20.599 -3.659  -7.609  1.000 57.732  0 27  GLU A OE1 1 ? 
ATOM   201  O  OE2 . GLU A 1 27  ? -18.918 -2.997  -8.859  1.000 33.193  0 27  GLU A OE2 1 ? 
ATOM   202  N  N   . PRO A 1 28  ? -19.273 -1.786  -2.247  1.000 25.222  0 28  PRO A N   1 ? 
ATOM   203  C  CA  . PRO A 1 28  ? -19.131 -0.593  -3.087  1.000 24.411  0 28  PRO A CA  1 ? 
ATOM   204  C  C   . PRO A 1 28  ? -17.743 0.051   -3.035  1.000 26.845  0 28  PRO A C   1 ? 
ATOM   205  O  O   . PRO A 1 28  ? -16.873 -0.377  -2.274  1.000 25.279  0 28  PRO A O   1 ? 
ATOM   206  C  CB  . PRO A 1 28  ? -20.199 0.331   -2.487  1.000 27.679  0 28  PRO A CB  1 ? 
ATOM   207  C  CG  . PRO A 1 28  ? -20.195 -0.020  -1.009  1.000 28.342  0 28  PRO A CG  1 ? 
ATOM   208  C  CD  . PRO A 1 28  ? -19.910 -1.503  -0.949  1.000 26.800  0 28  PRO A CD  1 ? 
ATOM   209  N  N   . PHE A 1 29  ? -17.539 1.067   -3.880  1.000 22.621  0 29  PHE A N   1 ? 
ATOM   210  C  CA  . PHE A 1 29  ? -16.293 1.817   -3.903  1.000 24.157  0 29  PHE A CA  1 ? 
ATOM   211  C  C   . PHE A 1 29  ? -16.535 3.186   -4.522  1.000 23.520  0 29  PHE A C   1 ? 
ATOM   212  O  O   . PHE A 1 29  ? -17.532 3.377   -5.222  1.000 21.934  0 29  PHE A O   1 ? 
ATOM   213  C  CB  . PHE A 1 29  ? -15.195 1.057   -4.658  1.000 23.277  0 29  PHE A CB  1 ? 
ATOM   214  C  CG  . PHE A 1 29  ? -15.445 0.847   -6.132  1.000 21.165  0 29  PHE A CG  1 ? 
ATOM   215  C  CD1 . PHE A 1 29  ? -16.198 -0.225  -6.582  1.000 21.993  0 29  PHE A CD1 1 ? 
ATOM   216  C  CD2 . PHE A 1 29  ? -14.948 1.740   -7.071  1.000 22.166  0 29  PHE A CD2 1 ? 
ATOM   217  C  CE1 . PHE A 1 29  ? -16.419 -0.420  -7.938  1.000 23.588  0 29  PHE A CE1 1 ? 
ATOM   218  C  CE2 . PHE A 1 29  ? -15.174 1.550   -8.426  1.000 22.466  0 29  PHE A CE2 1 ? 
ATOM   219  C  CZ  . PHE A 1 29  ? -15.907 0.469   -8.859  1.000 23.177  0 29  PHE A CZ  1 ? 
ATOM   220  N  N   . GLY A 1 30  ? -15.614 4.119   -4.226  1.000 21.835  0 30  GLY A N   1 ? 
ATOM   221  C  CA  . GLY A 1 30  ? -15.666 5.484   -4.721  1.000 23.374  0 30  GLY A CA  1 ? 
ATOM   222  C  C   . GLY A 1 30  ? -14.782 5.718   -5.948  1.000 22.770  0 30  GLY A C   1 ? 
ATOM   223  O  O   . GLY A 1 30  ? -15.082 6.583   -6.774  1.000 23.220  0 30  GLY A O   1 ? 
ATOM   224  N  N   . ALA A 1 31  ? -13.651 5.008   -6.026  1.000 22.223  0 31  ALA A N   1 ? 
ATOM   225  C  CA  . ALA A 1 31  ? -12.752 5.134   -7.161  1.000 20.578  0 31  ALA A CA  1 ? 
ATOM   226  C  C   . ALA A 1 31  ? -11.959 3.847   -7.358  1.000 20.421  0 31  ALA A C   1 ? 
ATOM   227  O  O   . ALA A 1 31  ? -11.525 3.219   -6.390  1.000 22.383  0 31  ALA A O   1 ? 
ATOM   228  C  CB  . ALA A 1 31  ? -11.832 6.318   -6.982  1.000 23.586  0 31  ALA A CB  1 ? 
ATOM   229  N  N   . GLN A 1 32  ? -11.765 3.504   -8.636  1.000 20.469  0 32  GLN A N   1 ? 
ATOM   230  C  CA  . GLN A 1 32  ? -10.880 2.435   -9.068  1.000 20.139  0 32  GLN A CA  1 ? 
ATOM   231  C  C   . GLN A 1 32  ? -9.757  3.031   -9.918  1.000 20.763  0 32  GLN A C   1 ? 
ATOM   232  O  O   . GLN A 1 32  ? -9.997  3.901   -10.753 1.000 20.976  0 32  GLN A O   1 ? 
ATOM   233  C  CB  . GLN A 1 32  ? -11.649 1.394   -9.876  1.000 19.486  0 32  GLN A CB  1 ? 
ATOM   234  C  CG  . GLN A 1 32  ? -10.768 0.264   -10.393 1.000 19.825  0 32  GLN A CG  1 ? 
ATOM   235  C  CD  . GLN A 1 32  ? -11.573 -0.811  -11.073 1.000 18.350  0 32  GLN A CD  1 ? 
ATOM   236  O  OE1 . GLN A 1 32  ? -12.440 -1.434  -10.467 1.000 20.847  0 32  GLN A OE1 1 ? 
ATOM   237  N  NE2 . GLN A 1 32  ? -11.310 -1.011  -12.353 1.000 17.558  0 32  GLN A NE2 1 ? 
ATOM   238  N  N   . VAL A 1 33  ? -8.531  2.551   -9.692  1.000 19.184  0 33  VAL A N   1 ? 
ATOM   239  C  CA  . VAL A 1 33  ? -7.407  2.878   -10.557 1.000 19.938  0 33  VAL A CA  1 ? 
ATOM   240  C  C   . VAL A 1 33  ? -6.714  1.591   -10.992 1.000 19.976  0 33  VAL A C   1 ? 
ATOM   241  O  O   . VAL A 1 33  ? -6.748  0.573   -10.299 1.000 20.578  0 33  VAL A O   1 ? 
ATOM   242  C  CB  . VAL A 1 33  ? -6.424  3.867   -9.897  1.000 20.714  0 33  VAL A CB  1 ? 
ATOM   243  C  CG1 . VAL A 1 33  ? -7.139  5.143   -9.502  1.000 21.086  0 33  VAL A CG1 1 ? 
ATOM   244  C  CG2 . VAL A 1 33  ? -5.712  3.272   -8.692  1.000 22.696  0 33  VAL A CG2 1 ? 
ATOM   245  N  N   . TYR A 1 34  ? -6.158  1.660   -12.205 1.000 20.215  0 34  TYR A N   1 ? 
ATOM   246  C  CA  . TYR A 1 34  ? -5.364  0.612   -12.801 1.000 19.494  0 34  TYR A CA  1 ? 
ATOM   247  C  C   . TYR A 1 34  ? -3.972  1.177   -13.045 1.000 24.243  0 34  TYR A C   1 ? 
ATOM   248  O  O   . TYR A 1 34  ? -3.831  2.103   -13.838 1.000 20.074  0 34  TYR A O   1 ? 
ATOM   249  C  CB  . TYR A 1 34  ? -6.020  0.181   -14.113 1.000 24.929  0 34  TYR A CB  1 ? 
ATOM   250  C  CG  . TYR A 1 34  ? -5.267  -0.869  -14.883 1.000 28.090  0 34  TYR A CG  1 ? 
ATOM   251  C  CD1 . TYR A 1 34  ? -4.957  -2.080  -14.293 1.000 24.955  0 34  TYR A CD1 1 ? 
ATOM   252  C  CD2 . TYR A 1 34  ? -4.891  -0.662  -16.203 1.000 31.971  0 34  TYR A CD2 1 ? 
ATOM   253  C  CE1 . TYR A 1 34  ? -4.274  -3.056  -14.987 1.000 28.786  0 34  TYR A CE1 1 ? 
ATOM   254  C  CE2 . TYR A 1 34  ? -4.204  -1.630  -16.913 1.000 32.150  0 34  TYR A CE2 1 ? 
ATOM   255  C  CZ  . TYR A 1 34  ? -3.901  -2.830  -16.299 1.000 33.792  0 34  TYR A CZ  1 ? 
ATOM   256  O  OH  . TYR A 1 34  ? -3.225  -3.811  -16.965 1.000 35.131  0 34  TYR A OH  1 ? 
ATOM   257  N  N   . HIS A 1 35  ? -2.972  0.674   -12.311 1.000 21.654  0 35  HIS A N   1 ? 
ATOM   258  C  CA  . HIS A 1 35  ? -1.597  1.116   -12.487 1.000 21.266  0 35  HIS A CA  1 ? 
ATOM   259  C  C   . HIS A 1 35  ? -0.778  -0.040  -13.043 1.000 22.208  0 35  HIS A C   1 ? 
ATOM   260  O  O   . HIS A 1 35  ? -0.846  -1.153  -12.520 1.000 21.995  0 35  HIS A O   1 ? 
ATOM   261  C  CB  . HIS A 1 35  ? -0.978  1.629   -11.179 1.000 22.319  0 35  HIS A CB  1 ? 
ATOM   262  C  CG  . HIS A 1 35  ? -1.416  2.988   -10.715 1.000 22.770  0 35  HIS A CG  1 ? 
ATOM   263  N  ND1 . HIS A 1 35  ? -0.734  3.712   -9.766  1.000 24.945  0 35  HIS A ND1 1 ? 
ATOM   264  C  CD2 . HIS A 1 35  ? -2.505  3.738   -11.070 1.000 26.059  0 35  HIS A CD2 1 ? 
ATOM   265  C  CE1 . HIS A 1 35  ? -1.368  4.865   -9.547  1.000 22.535  0 35  HIS A CE1 1 ? 
ATOM   266  N  NE2 . HIS A 1 35  ? -2.480  4.898   -10.344 1.000 23.572  0 35  HIS A NE2 1 ? 
ATOM   267  N  N   . VAL A 1 36  ? -0.026  0.247   -14.112 1.000 25.011  0 36  VAL A N   1 ? 
ATOM   268  C  CA  . VAL A 1 36  ? 0.880   -0.706  -14.728 1.000 25.727  0 36  VAL A CA  1 ? 
ATOM   269  C  C   . VAL A 1 36  ? 2.284   -0.119  -14.654 1.000 25.107  0 36  VAL A C   1 ? 
ATOM   270  O  O   . VAL A 1 36  ? 2.506   1.005   -15.095 1.000 24.980  0 36  VAL A O   1 ? 
ATOM   271  C  CB  . VAL A 1 36  ? 0.515   -1.012  -16.194 1.000 26.326  0 36  VAL A CB  1 ? 
ATOM   272  C  CG1 . VAL A 1 36  ? 1.482   -2.027  -16.793 1.000 26.702  0 36  VAL A CG1 1 ? 
ATOM   273  C  CG2 . VAL A 1 36  ? -0.916  -1.492  -16.351 1.000 31.268  0 36  VAL A CG2 1 ? 
ATOM   274  N  N   . ASN A 1 37  ? 3.230   -0.882  -14.099 1.000 22.038  0 37  ASN A N   1 ? 
ATOM   275  C  CA  . ASN A 1 37  ? 4.599   -0.411  -14.038 1.000 22.434  0 37  ASN A CA  1 ? 
ATOM   276  C  C   . ASN A 1 37  ? 5.211   -0.535  -15.430 1.000 23.435  0 37  ASN A C   1 ? 
ATOM   277  O  O   . ASN A 1 37  ? 5.191   -1.621  -16.015 1.000 22.652  0 37  ASN A O   1 ? 
ATOM   278  C  CB  . ASN A 1 37  ? 5.417   -1.147  -12.982 1.000 22.393  0 37  ASN A CB  1 ? 
ATOM   279  C  CG  . ASN A 1 37  ? 6.805   -0.561  -12.861 1.000 22.807  0 37  ASN A CG  1 ? 
ATOM   280  O  OD1 . ASN A 1 37  ? 7.671   -0.819  -13.697 1.000 23.737  0 37  ASN A OD1 1 ? 
ATOM   281  N  ND2 . ASN A 1 37  ? 7.015   0.244   -11.835 1.000 23.959  0 37  ASN A ND2 1 ? 
ATOM   282  N  N   . PRO A 1 38  ? 5.761   0.565   -16.001 1.000 24.852  0 38  PRO A N   1 ? 
ATOM   283  C  CA  . PRO A 1 38  ? 6.277   0.538   -17.369 1.000 29.725  0 38  PRO A CA  1 ? 
ATOM   284  C  C   . PRO A 1 38  ? 7.572   -0.249  -17.543 1.000 26.054  0 38  PRO A C   1 ? 
ATOM   285  O  O   . PRO A 1 38  ? 7.946   -0.545  -18.672 1.000 28.238  0 38  PRO A O   1 ? 
ATOM   286  C  CB  . PRO A 1 38  ? 6.518   2.014   -17.731 1.000 30.014  0 38  PRO A CB  1 ? 
ATOM   287  C  CG  . PRO A 1 38  ? 6.597   2.743   -16.407 1.000 32.238  0 38  PRO A CG  1 ? 
ATOM   288  C  CD  . PRO A 1 38  ? 5.831   1.910   -15.400 1.000 27.777  0 38  PRO A CD  1 ? 
ATOM   289  N  N   . ILE A 1 39  ? 8.254   -0.573  -16.435 1.000 22.559  0 39  ILE A N   1 ? 
ATOM   290  C  CA  . ILE A 1 39  ? 9.536   -1.264  -16.493 1.000 23.438  0 39  ILE A CA  1 ? 
ATOM   291  C  C   . ILE A 1 39  ? 9.314   -2.776  -16.367 1.000 22.577  0 39  ILE A C   1 ? 
ATOM   292  O  O   . ILE A 1 39  ? 9.731   -3.532  -17.246 1.000 22.161  0 39  ILE A O   1 ? 
ATOM   293  C  CB  . ILE A 1 39  ? 10.505  -0.743  -15.407 1.000 24.559  0 39  ILE A CB  1 ? 
ATOM   294  C  CG1 . ILE A 1 39  ? 10.754  0.771   -15.494 1.000 28.157  0 39  ILE A CG1 1 ? 
ATOM   295  C  CG2 . ILE A 1 39  ? 11.803  -1.538  -15.421 1.000 24.982  0 39  ILE A CG2 1 ? 
ATOM   296  C  CD1 . ILE A 1 39  ? 11.402  1.222   -16.772 1.000 37.008  0 39  ILE A CD1 1 ? 
ATOM   297  N  N   . CYS A 1 40  ? 8.666   -3.221  -15.279 1.000 19.593  0 40  CYS A N   1 ? 
ATOM   298  C  CA  . CYS A 1 40  ? 8.571   -4.648  -14.983 1.000 19.637  0 40  CYS A CA  1 ? 
ATOM   299  C  C   . CYS A 1 40  ? 7.307   -5.295  -15.549 1.000 19.923  0 40  CYS A C   1 ? 
ATOM   300  O  O   . CYS A 1 40  ? 7.198   -6.525  -15.552 1.000 19.647  0 40  CYS A O   1 ? 
ATOM   301  C  CB  . CYS A 1 40  ? 8.657   -4.916  -13.487 1.000 19.537  0 40  CYS A CB  1 ? 
ATOM   302  S  SG  . CYS A 1 40  ? 7.212   -4.358  -12.547 1.000 21.247  0 40  CYS A SG  1 ? 
ATOM   303  N  N   . GLY A 1 41  ? 6.350   -4.473  -15.993 1.000 19.893  0 41  GLY A N   1 ? 
ATOM   304  C  CA  . GLY A 1 41  ? 5.113   -4.950  -16.587 1.000 19.949  0 41  GLY A CA  1 ? 
ATOM   305  C  C   . GLY A 1 41  ? 4.047   -5.369  -15.568 1.000 22.815  0 41  GLY A C   1 ? 
ATOM   306  O  O   . GLY A 1 41  ? 2.955   -5.761  -15.960 1.000 21.007  0 41  GLY A O   1 ? 
ATOM   307  N  N   . ASP A 1 42  ? 4.328   -5.308  -14.262 1.000 20.003  0 42  ASP A N   1 ? 
ATOM   308  C  CA  . ASP A 1 42  ? 3.328   -5.729  -13.288 1.000 20.717  0 42  ASP A CA  1 ? 
ATOM   309  C  C   . ASP A 1 42  ? 2.254   -4.652  -13.115 1.000 21.077  0 42  ASP A C   1 ? 
ATOM   310  O  O   . ASP A 1 42  ? 2.435   -3.497  -13.513 1.000 23.855  0 42  ASP A O   1 ? 
ATOM   311  C  CB  . ASP A 1 42  ? 3.978   -6.128  -11.964 1.000 21.899  0 42  ASP A CB  1 ? 
ATOM   312  C  CG  . ASP A 1 42  ? 4.791   -7.401  -12.095 1.000 22.954  0 42  ASP A CG  1 ? 
ATOM   313  O  OD1 . ASP A 1 42  ? 4.283   -8.338  -12.715 1.000 22.835  0 42  ASP A OD1 1 ? 
ATOM   314  O  OD2 . ASP A 1 42  ? 5.925   -7.433  -11.590 1.000 22.225  0 42  ASP A OD2 1 ? 
ATOM   315  N  N   . GLU A 1 43  ? 1.128   -5.043  -12.513 1.000 20.751  0 43  GLU A N   1 ? 
ATOM   316  C  CA  . GLU A 1 43  ? -0.054  -4.192  -12.506 1.000 23.230  0 43  GLU A CA  1 ? 
ATOM   317  C  C   . GLU A 1 43  ? -0.878  -4.405  -11.240 1.000 23.669  0 43  GLU A C   1 ? 
ATOM   318  O  O   . GLU A 1 43  ? -0.893  -5.489  -10.655 1.000 23.785  0 43  GLU A O   1 ? 
ATOM   319  C  CB  . GLU A 1 43  ? -0.923  -4.479  -13.734 1.000 31.658  0 43  GLU A CB  1 ? 
ATOM   320  C  CG  . GLU A 1 43  ? -1.468  -5.901  -13.768 1.000 35.566  0 43  GLU A CG  1 ? 
ATOM   321  C  CD  . GLU A 1 43  ? -2.508  -6.170  -14.842 1.000 45.222  0 43  GLU A CD  1 ? 
ATOM   322  O  OE1 . GLU A 1 43  ? -2.249  -5.827  -16.005 1.000 45.675  0 43  GLU A OE1 1 ? 
ATOM   323  O  OE2 . GLU A 1 43  ? -3.577  -6.727  -14.506 1.000 53.432  0 43  GLU A OE2 1 ? 
ATOM   324  N  N   . VAL A 1 44  ? -1.597  -3.349  -10.844 1.000 22.615  0 44  VAL A N   1 ? 
ATOM   325  C  CA  . VAL A 1 44  ? -2.569  -3.444  -9.776  1.000 23.255  0 44  VAL A CA  1 ? 
ATOM   326  C  C   . VAL A 1 44  ? -3.828  -2.683  -10.196 1.000 22.546  0 44  VAL A C   1 ? 
ATOM   327  O  O   . VAL A 1 44  ? -3.752  -1.624  -10.813 1.000 19.305  0 44  VAL A O   1 ? 
ATOM   328  C  CB  . VAL A 1 44  ? -1.978  -2.944  -8.443  1.000 24.024  0 44  VAL A CB  1 ? 
ATOM   329  C  CG1 . VAL A 1 44  ? -1.760  -1.443  -8.432  1.000 25.796  0 44  VAL A CG1 1 ? 
ATOM   330  C  CG2 . VAL A 1 44  ? -2.846  -3.362  -7.274  1.000 25.963  0 44  VAL A CG2 1 ? 
ATOM   331  N  N   . THR A 1 45  ? -4.983  -3.297  -9.933  1.000 20.286  0 45  THR A N   1 ? 
ATOM   332  C  CA  . THR A 1 45  ? -6.267  -2.622  -9.939  1.000 22.160  0 45  THR A CA  1 ? 
ATOM   333  C  C   . THR A 1 45  ? -6.710  -2.476  -8.488  1.000 22.785  0 45  THR A C   1 ? 
ATOM   334  O  O   . THR A 1 45  ? -6.750  -3.458  -7.752  1.000 22.162  0 45  THR A O   1 ? 
ATOM   335  C  CB  . THR A 1 45  ? -7.327  -3.404  -10.721 1.000 22.794  0 45  THR A CB  1 ? 
ATOM   336  O  OG1 . THR A 1 45  ? -6.871  -3.589  -12.056 1.000 26.882  0 45  THR A OG1 1 ? 
ATOM   337  C  CG2 . THR A 1 45  ? -8.657  -2.693  -10.761 1.000 21.810  0 45  THR A CG2 1 ? 
ATOM   338  N  N   . LEU A 1 46  ? -7.022  -1.248  -8.074  1.000 24.278  0 46  LEU A N   1 ? 
ATOM   339  C  CA  . LEU A 1 46  ? -7.246  -0.967  -6.663  1.000 22.251  0 46  LEU A CA  1 ? 
ATOM   340  C  C   . LEU A 1 46  ? -8.419  -0.005  -6.524  1.000 22.228  0 46  LEU A C   1 ? 
ATOM   341  O  O   . LEU A 1 46  ? -8.533  0.952   -7.287  1.000 21.229  0 46  LEU A O   1 ? 
ATOM   342  C  CB  . LEU A 1 46  ? -5.970  -0.401  -6.025  1.000 21.724  0 46  LEU A CB  1 ? 
ATOM   343  C  CG  . LEU A 1 46  ? -6.047  -0.135  -4.516  1.000 20.370  0 46  LEU A CG  1 ? 
ATOM   344  C  CD1 . LEU A 1 46  ? -4.710  -0.411  -3.846  1.000 23.446  0 46  LEU A CD1 1 ? 
ATOM   345  C  CD2 . LEU A 1 46  ? -6.505  1.292   -4.228  1.000 21.781  0 46  LEU A CD2 1 ? 
ATOM   346  N  N   . ARG A 1 47  ? -9.282  -0.322  -5.549  1.000 21.120  0 47  ARG A N   1 ? 
ATOM   347  C  CA  . ARG A 1 47  ? -10.480 0.424   -5.237  1.000 20.624  0 47  ARG A CA  1 ? 
ATOM   348  C  C   . ARG A 1 47  ? -10.380 0.957   -3.811  1.000 20.706  0 47  ARG A C   1 ? 
ATOM   349  O  O   . ARG A 1 47  ? -9.873  0.270   -2.922  1.000 21.938  0 47  ARG A O   1 ? 
ATOM   350  C  CB  . ARG A 1 47  ? -11.711 -0.483  -5.324  1.000 21.010  0 47  ARG A CB  1 ? 
ATOM   351  C  CG  . ARG A 1 47  ? -12.013 -0.983  -6.727  1.000 22.320  0 47  ARG A CG  1 ? 
ATOM   352  C  CD  . ARG A 1 47  ? -13.151 -1.974  -6.719  1.000 23.066  0 47  ARG A CD  1 ? 
ATOM   353  N  NE  . ARG A 1 47  ? -13.569 -2.282  -8.073  1.000 21.902  0 47  ARG A NE  1 ? 
ATOM   354  C  CZ  . ARG A 1 47  ? -14.505 -3.170  -8.382  1.000 23.748  0 47  ARG A CZ  1 ? 
ATOM   355  N  NH1 . ARG A 1 47  ? -15.147 -3.817  -7.425  1.000 21.345  0 47  ARG A NH1 1 ? 
ATOM   356  N  NH2 . ARG A 1 47  ? -14.798 -3.403  -9.645  1.000 23.774  0 47  ARG A NH2 1 ? 
ATOM   357  N  N   . VAL A 1 48  ? -10.910 2.167   -3.615  1.000 19.804  0 48  VAL A N   1 ? 
ATOM   358  C  CA  . VAL A 1 48  ? -11.068 2.745   -2.295  1.000 21.417  0 48  VAL A CA  1 ? 
ATOM   359  C  C   . VAL A 1 48  ? -12.547 3.065   -2.069  1.000 22.264  0 48  VAL A C   1 ? 
ATOM   360  O  O   . VAL A 1 48  ? -13.232 3.586   -2.950  1.000 22.380  0 48  VAL A O   1 ? 
ATOM   361  C  CB  . VAL A 1 48  ? -10.181 3.988   -2.114  1.000 21.033  0 48  VAL A CB  1 ? 
ATOM   362  C  CG1 . VAL A 1 48  ? -10.538 4.752   -0.849  1.000 25.044  0 48  VAL A CG1 1 ? 
ATOM   363  C  CG2 . VAL A 1 48  ? -8.707  3.616   -2.108  1.000 21.601  0 48  VAL A CG2 1 ? 
ATOM   364  N  N   . ALA A 1 49  ? -13.014 2.749   -0.855  1.000 23.409  0 49  ALA A N   1 ? 
ATOM   365  C  CA  . ALA A 1 49  ? -14.320 3.166   -0.379  1.000 25.532  0 49  ALA A CA  1 ? 
ATOM   366  C  C   . ALA A 1 49  ? -14.129 4.041   0.853   1.000 24.345  0 49  ALA A C   1 ? 
ATOM   367  O  O   . ALA A 1 49  ? -13.292 3.738   1.699   1.000 23.590  0 49  ALA A O   1 ? 
ATOM   368  C  CB  . ALA A 1 49  ? -15.172 1.954   -0.070  1.000 25.098  0 49  ALA A CB  1 ? 
ATOM   369  N  N   . LEU A 1 50  ? -14.914 5.122   0.929   1.000 27.794  0 50  LEU A N   1 ? 
ATOM   370  C  CA  . LEU A 1 50  ? -14.913 6.033   2.062   1.000 27.047  0 50  LEU A CA  1 ? 
ATOM   371  C  C   . LEU A 1 50  ? -16.245 5.929   2.801   1.000 30.227  0 50  LEU A C   1 ? 
ATOM   372  O  O   . LEU A 1 50  ? -17.239 5.465   2.242   1.000 29.420  0 50  LEU A O   1 ? 
ATOM   373  C  CB  . LEU A 1 50  ? -14.714 7.461   1.540   1.000 31.226  0 50  LEU A CB  1 ? 
ATOM   374  C  CG  . LEU A 1 50  ? -13.407 7.756   0.809   1.000 28.653  0 50  LEU A CG  1 ? 
ATOM   375  C  CD1 . LEU A 1 50  ? -13.341 9.227   0.414   1.000 28.565  0 50  LEU A CD1 1 ? 
ATOM   376  C  CD2 . LEU A 1 50  ? -12.210 7.384   1.662   1.000 28.638  0 50  LEU A CD2 1 ? 
ATOM   377  N  N   . SER A 1 51  ? -16.280 6.403   4.052   1.000 29.616  0 51  SER A N   1 ? 
ATOM   378  C  CA  . SER A 1 51  ? -17.522 6.442   4.809   1.000 34.883  0 51  SER A CA  1 ? 
ATOM   379  C  C   . SER A 1 51  ? -18.490 7.441   4.167   1.000 33.462  0 51  SER A C   1 ? 
ATOM   380  O  O   . SER A 1 51  ? -18.112 8.180   3.258   1.000 30.971  0 51  SER A O   1 ? 
ATOM   381  C  CB  . SER A 1 51  ? -17.235 6.771   6.249   1.000 33.547  0 51  SER A CB  1 ? 
ATOM   382  O  OG  . SER A 1 51  ? -16.447 7.950   6.326   1.000 29.746  0 51  SER A OG  1 ? 
ATOM   383  N  N   . GLU A 1 52  ? -19.739 7.466   4.656   1.000 41.751  0 52  GLU A N   1 ? 
ATOM   384  C  CA  . GLU A 1 52  ? -20.786 8.339   4.133   1.000 41.715  0 52  GLU A CA  1 ? 
ATOM   385  C  C   . GLU A 1 52  ? -20.380 9.812   4.212   1.000 37.160  0 52  GLU A C   1 ? 
ATOM   386  O  O   . GLU A 1 52  ? -20.751 10.600  3.346   1.000 42.669  0 52  GLU A O   1 ? 
ATOM   387  C  CB  . GLU A 1 52  ? -22.096 8.124   4.896   1.000 46.886  0 52  GLU A CB  1 ? 
ATOM   388  C  CG  . GLU A 1 52  ? -22.755 6.780   4.631   1.000 63.262  0 52  GLU A CG  1 ? 
ATOM   389  C  CD  . GLU A 1 52  ? -23.529 6.685   3.325   1.000 79.483  0 52  GLU A CD  1 ? 
ATOM   390  O  OE1 . GLU A 1 52  ? -22.888 6.633   2.253   1.000 79.910  0 52  GLU A OE1 1 ? 
ATOM   391  O  OE2 . GLU A 1 52  ? -24.778 6.673   3.381   1.000 88.185  0 52  GLU A OE2 1 ? 
ATOM   392  N  N   . ASP A 1 53  ? -19.617 10.197  5.241   1.000 37.685  0 53  ASP A N   1 ? 
ATOM   393  C  CA  . ASP A 1 53  ? -19.214 11.590  5.399   1.000 40.638  0 53  ASP A CA  1 ? 
ATOM   394  C  C   . ASP A 1 53  ? -17.850 11.844  4.754   1.000 36.007  0 53  ASP A C   1 ? 
ATOM   395  O  O   . ASP A 1 53  ? -17.371 12.979  4.750   1.000 34.930  0 53  ASP A O   1 ? 
ATOM   396  C  CB  . ASP A 1 53  ? -19.230 12.013  6.873   1.000 47.249  0 53  ASP A CB  1 ? 
ATOM   397  C  CG  . ASP A 1 53  ? -18.277 11.250  7.778   1.000 51.420  0 53  ASP A CG  1 ? 
ATOM   398  O  OD1 . ASP A 1 53  ? -17.475 10.451  7.260   1.000 48.615  0 53  ASP A OD1 1 ? 
ATOM   399  O  OD2 . ASP A 1 53  ? -18.351 11.458  8.999   1.000 56.043  0 53  ASP A OD2 1 ? 
ATOM   400  N  N   . GLY A 1 54  ? -17.214 10.775  4.255   1.000 35.809  0 54  GLY A N   1 ? 
ATOM   401  C  CA  . GLY A 1 54  ? -15.979 10.871  3.495   1.000 30.964  0 54  GLY A CA  1 ? 
ATOM   402  C  C   . GLY A 1 54  ? -14.740 11.047  4.370   1.000 33.505  0 54  GLY A C   1 ? 
ATOM   403  O  O   . GLY A 1 54  ? -13.677 11.422  3.864   1.000 34.968  0 54  GLY A O   1 ? 
ATOM   404  N  N   . THR A 1 55  ? -14.863 10.766  5.671   1.000 29.072  0 55  THR A N   1 ? 
ATOM   405  C  CA  . THR A 1 55  ? -13.772 11.043  6.597   1.000 30.845  0 55  THR A CA  1 ? 
ATOM   406  C  C   . THR A 1 55  ? -12.904 9.809   6.834   1.000 29.717  0 55  THR A C   1 ? 
ATOM   407  O  O   . THR A 1 55  ? -11.759 9.958   7.239   1.000 31.205  0 55  THR A O   1 ? 
ATOM   408  C  CB  . THR A 1 55  ? -14.272 11.590  7.943   1.000 29.153  0 55  THR A CB  1 ? 
ATOM   409  O  OG1 . THR A 1 55  ? -15.140 10.637  8.553   1.000 33.086  0 55  THR A OG1 1 ? 
ATOM   410  C  CG2 . THR A 1 55  ? -14.999 12.909  7.806   1.000 32.614  0 55  THR A CG2 1 ? 
ATOM   411  N  N   . ARG A 1 56  ? -13.443 8.602   6.622   1.000 28.401  0 56  ARG A N   1 ? 
ATOM   412  C  CA  . ARG A 1 56  ? -12.700 7.381   6.897   1.000 33.301  0 56  ARG A CA  1 ? 
ATOM   413  C  C   . ARG A 1 56  ? -12.635 6.492   5.657   1.000 30.508  0 56  ARG A C   1 ? 
ATOM   414  O  O   . ARG A 1 56  ? -13.579 6.441   4.867   1.000 28.486  0 56  ARG A O   1 ? 
ATOM   415  C  CB  . ARG A 1 56  ? -13.348 6.563   8.019   1.000 31.493  0 56  ARG A CB  1 ? 
ATOM   416  C  CG  . ARG A 1 56  ? -13.206 7.159   9.409   1.000 43.333  0 56  ARG A CG  1 ? 
ATOM   417  C  CD  . ARG A 1 56  ? -13.831 6.255   10.454  1.000 40.239  0 56  ARG A CD  1 ? 
ATOM   418  N  NE  . ARG A 1 56  ? -13.720 6.843   11.778  1.000 48.486  0 56  ARG A NE  1 ? 
ATOM   419  C  CZ  . ARG A 1 56  ? -12.596 6.920   12.479  1.000 49.215  0 56  ARG A CZ  1 ? 
ATOM   420  N  NH1 . ARG A 1 56  ? -11.568 6.139   12.191  1.000 38.110  0 56  ARG A NH1 1 ? 
ATOM   421  N  NH2 . ARG A 1 56  ? -12.522 7.757   13.499  1.000 55.667  0 56  ARG A NH2 1 ? 
ATOM   422  N  N   . VAL A 1 57  ? -11.516 5.768   5.544   1.000 25.655  0 57  VAL A N   1 ? 
ATOM   423  C  CA  . VAL A 1 57  ? -11.359 4.686   4.581   1.000 25.996  0 57  VAL A CA  1 ? 
ATOM   424  C  C   . VAL A 1 57  ? -12.082 3.456   5.128   1.000 29.187  0 57  VAL A C   1 ? 
ATOM   425  O  O   . VAL A 1 57  ? -11.678 2.906   6.152   1.000 27.317  0 57  VAL A O   1 ? 
ATOM   426  C  CB  . VAL A 1 57  ? -9.870  4.378   4.327   1.000 25.650  0 57  VAL A CB  1 ? 
ATOM   427  C  CG1 . VAL A 1 57  ? -9.684  3.207   3.369   1.000 26.699  0 57  VAL A CG1 1 ? 
ATOM   428  C  CG2 . VAL A 1 57  ? -9.112  5.603   3.833   1.000 27.525  0 57  VAL A CG2 1 ? 
ATOM   429  N  N   . THR A 1 58  ? -13.162 3.044   4.453   1.000 27.405  0 58  THR A N   1 ? 
ATOM   430  C  CA  . THR A 1 58  ? -13.954 1.909   4.902   1.000 28.776  0 58  THR A CA  1 ? 
ATOM   431  C  C   . THR A 1 58  ? -13.543 0.633   4.174   1.000 27.466  0 58  THR A C   1 ? 
ATOM   432  O  O   . THR A 1 58  ? -13.695 -0.452  4.727   1.000 26.184  0 58  THR A O   1 ? 
ATOM   433  C  CB  . THR A 1 58  ? -15.453 2.165   4.717   1.000 35.262  0 58  THR A CB  1 ? 
ATOM   434  O  OG1 . THR A 1 58  ? -15.641 2.600   3.368   1.000 35.462  0 58  THR A OG1 1 ? 
ATOM   435  C  CG2 . THR A 1 58  ? -15.990 3.190   5.692   1.000 34.243  0 58  THR A CG2 1 ? 
ATOM   436  N  N   . ASP A 1 59  ? -13.046 0.745   2.933   1.000 27.610  0 59  ASP A N   1 ? 
ATOM   437  C  CA  . ASP A 1 59  ? -12.522 -0.427  2.247   1.000 27.422  0 59  ASP A CA  1 ? 
ATOM   438  C  C   . ASP A 1 59  ? -11.384 -0.047  1.296   1.000 27.012  0 59  ASP A C   1 ? 
ATOM   439  O  O   . ASP A 1 59  ? -11.343 1.058   0.756   1.000 23.541  0 59  ASP A O   1 ? 
ATOM   440  C  CB  . ASP A 1 59  ? -13.616 -1.157  1.465   1.000 30.290  0 59  ASP A CB  1 ? 
ATOM   441  C  CG  . ASP A 1 59  ? -13.270 -2.594  1.117   1.000 37.496  0 59  ASP A CG  1 ? 
ATOM   442  O  OD1 . ASP A 1 59  ? -12.374 -3.164  1.788   1.000 37.550  0 59  ASP A OD1 1 ? 
ATOM   443  O  OD2 . ASP A 1 59  ? -13.883 -3.131  0.151   1.000 40.226  0 59  ASP A OD2 1 ? 
ATOM   444  N  N   . VAL A 1 60  ? -10.453 -0.992  1.139   1.000 23.784  0 60  VAL A N   1 ? 
ATOM   445  C  CA  . VAL A 1 60  ? -9.500  -1.013  0.044   1.000 23.410  0 60  VAL A CA  1 ? 
ATOM   446  C  C   . VAL A 1 60  ? -9.492  -2.438  -0.505  1.000 22.271  0 60  VAL A C   1 ? 
ATOM   447  O  O   . VAL A 1 60  ? -9.187  -3.370  0.233   1.000 25.791  0 60  VAL A O   1 ? 
ATOM   448  C  CB  . VAL A 1 60  ? -8.092  -0.584  0.500   1.000 22.873  0 60  VAL A CB  1 ? 
ATOM   449  C  CG1 . VAL A 1 60  ? -7.082  -0.635  -0.635  1.000 22.346  0 60  VAL A CG1 1 ? 
ATOM   450  C  CG2 . VAL A 1 60  ? -8.096  0.795   1.150   1.000 23.658  0 60  VAL A CG2 1 ? 
ATOM   451  N  N   . SER A 1 61  ? -9.834  -2.592  -1.789  1.000 20.248  0 61  SER A N   1 ? 
ATOM   452  C  CA  . SER A 1 61  ? -9.880  -3.891  -2.438  1.000 22.483  0 61  SER A CA  1 ? 
ATOM   453  C  C   . SER A 1 61  ? -8.984  -3.829  -3.667  1.000 21.749  0 61  SER A C   1 ? 
ATOM   454  O  O   . SER A 1 61  ? -8.764  -2.748  -4.218  1.000 22.053  0 61  SER A O   1 ? 
ATOM   455  C  CB  . SER A 1 61  ? -11.304 -4.282  -2.777  1.000 24.301  0 61  SER A CB  1 ? 
ATOM   456  O  OG  . SER A 1 61  ? -11.855 -3.468  -3.807  1.000 22.071  0 61  SER A OG  1 ? 
ATOM   457  N  N   . TYR A 1 62  ? -8.423  -4.970  -4.070  1.000 22.545  0 62  TYR A N   1 ? 
ATOM   458  C  CA  . TYR A 1 62  ? -7.425  -4.944  -5.130  1.000 20.755  0 62  TYR A CA  1 ? 
ATOM   459  C  C   . TYR A 1 62  ? -7.276  -6.309  -5.802  1.000 23.557  0 62  TYR A C   1 ? 
ATOM   460  O  O   . TYR A 1 62  ? -7.578  -7.347  -5.222  1.000 23.391  0 62  TYR A O   1 ? 
ATOM   461  C  CB  . TYR A 1 62  ? -6.076  -4.461  -4.577  1.000 22.056  0 62  TYR A CB  1 ? 
ATOM   462  C  CG  . TYR A 1 62  ? -5.466  -5.367  -3.535  1.000 22.623  0 62  TYR A CG  1 ? 
ATOM   463  C  CD1 . TYR A 1 62  ? -5.811  -5.273  -2.196  1.000 24.919  0 62  TYR A CD1 1 ? 
ATOM   464  C  CD2 . TYR A 1 62  ? -4.572  -6.358  -3.902  1.000 27.519  0 62  TYR A CD2 1 ? 
ATOM   465  C  CE1 . TYR A 1 62  ? -5.270  -6.127  -1.247  1.000 22.552  0 62  TYR A CE1 1 ? 
ATOM   466  C  CE2 . TYR A 1 62  ? -4.020  -7.217  -2.970  1.000 24.032  0 62  TYR A CE2 1 ? 
ATOM   467  C  CZ  . TYR A 1 62  ? -4.378  -7.109  -1.640  1.000 26.487  0 62  TYR A CZ  1 ? 
ATOM   468  O  OH  . TYR A 1 62  ? -3.826  -7.968  -0.730  1.000 23.834  0 62  TYR A OH  1 ? 
ATOM   469  N  N   . ASP A 1 63  ? -6.775  -6.274  -7.041  1.000 23.153  0 63  ASP A N   1 ? 
ATOM   470  C  CA  . ASP A 1 63  ? -6.316  -7.452  -7.750  1.000 30.059  0 63  ASP A CA  1 ? 
ATOM   471  C  C   . ASP A 1 63  ? -5.134  -7.036  -8.623  1.000 28.235  0 63  ASP A C   1 ? 
ATOM   472  O  O   . ASP A 1 63  ? -4.958  -5.864  -8.939  1.000 30.783  0 63  ASP A O   1 ? 
ATOM   473  C  CB  . ASP A 1 63  ? -7.439  -8.069  -8.596  1.000 38.288  0 63  ASP A CB  1 ? 
ATOM   474  C  CG  . ASP A 1 63  ? -7.208  -9.520  -9.010  1.000 53.161  0 63  ASP A CG  1 ? 
ATOM   475  O  OD1 . ASP A 1 63  ? -6.129  -9.820  -9.569  1.000 64.168  0 63  ASP A OD1 1 ? 
ATOM   476  O  OD2 . ASP A 1 63  ? -8.113  -10.351 -8.782  1.000 65.133  0 63  ASP A OD2 1 ? 
ATOM   477  N  N   . GLY A 1 64  ? -4.346  -8.014  -9.047  1.000 34.095  0 64  GLY A N   1 ? 
ATOM   478  C  CA  . GLY A 1 64  ? -3.373  -7.809  -10.105 1.000 37.525  0 64  GLY A CA  1 ? 
ATOM   479  C  C   . GLY A 1 64  ? -2.248  -8.827  -10.002 1.000 39.687  0 64  GLY A C   1 ? 
ATOM   480  O  O   . GLY A 1 64  ? -2.294  -9.727  -9.167  1.000 43.574  0 64  GLY A O   1 ? 
ATOM   481  N  N   . GLN A 1 65  ? -1.236  -8.659  -10.848 1.000 35.921  0 65  GLN A N   1 ? 
ATOM   482  C  CA  . GLN A 1 65  ? -0.094  -9.554  -10.860 1.000 44.342  0 65  GLN A CA  1 ? 
ATOM   483  C  C   . GLN A 1 65  ? 1.134   -8.776  -10.393 1.000 38.881  0 65  GLN A C   1 ? 
ATOM   484  O  O   . GLN A 1 65  ? 1.331   -7.614  -10.745 1.000 40.210  0 65  GLN A O   1 ? 
ATOM   485  C  CB  . GLN A 1 65  ? 0.116   -10.164 -12.250 1.000 52.962  0 65  GLN A CB  1 ? 
ATOM   486  C  CG  . GLN A 1 65  ? 0.353   -9.145  -13.357 1.000 63.383  0 65  GLN A CG  1 ? 
ATOM   487  C  CD  . GLN A 1 65  ? 1.161   -9.715  -14.500 1.000 77.852  0 65  GLN A CD  1 ? 
ATOM   488  O  OE1 . GLN A 1 65  ? 0.863   -10.789 -15.021 1.000 79.275  0 65  GLN A OE1 1 ? 
ATOM   489  N  NE2 . GLN A 1 65  ? 2.211   -9.008  -14.889 1.000 68.383  0 65  GLN A NE2 1 ? 
ATOM   490  N  N   . GLY A 1 66  ? 1.954   -9.433  -9.584  1.000 30.734  0 66  GLY A N   1 ? 
ATOM   491  C  CA  . GLY A 1 66  ? 3.236   -8.873  -9.212  1.000 30.210  0 66  GLY A CA  1 ? 
ATOM   492  C  C   . GLY A 1 66  ? 4.096   -9.898  -8.490  1.000 25.902  0 66  GLY A C   1 ? 
ATOM   493  O  O   . GLY A 1 66  ? 3.648   -10.998 -8.178  1.000 27.634  0 66  GLY A O   1 ? 
ATOM   494  N  N   . CYS A 1 67  ? 5.320   -9.488  -8.184  1.000 20.751  0 67  CYS A N   1 ? 
ATOM   495  C  CA  . CYS A 1 67  ? 6.202   -10.284 -7.367  1.000 22.210  0 67  CYS A CA  1 ? 
ATOM   496  C  C   . CYS A 1 67  ? 5.664   -10.332 -5.939  1.000 26.980  0 67  CYS A C   1 ? 
ATOM   497  O  O   . CYS A 1 67  ? 4.744   -9.598  -5.578  1.000 25.898  0 67  CYS A O   1 ? 
ATOM   498  C  CB  . CYS A 1 67  ? 7.586   -9.662  -7.381  1.000 24.647  0 67  CYS A CB  1 ? 
ATOM   499  S  SG  . CYS A 1 67  ? 7.551   -7.977  -6.724  1.000 21.837  0 67  CYS A SG  1 ? 
ATOM   500  N  N   . SER A 1 68  ? 6.288   -11.181 -5.126  1.000 23.386  0 68  SER A N   1 ? 
ATOM   501  C  CA  . SER A 1 68  ? 5.862   -11.421 -3.761  1.000 26.069  0 68  SER A CA  1 ? 
ATOM   502  C  C   . SER A 1 68  ? 5.978   -10.154 -2.910  1.000 24.880  0 68  SER A C   1 ? 
ATOM   503  O  O   . SER A 1 68  ? 5.153   -9.929  -2.022  1.000 23.920  0 68  SER A O   1 ? 
ATOM   504  C  CB  . SER A 1 68  ? 6.657   -12.559 -3.178  1.000 28.728  0 68  SER A CB  1 ? 
ATOM   505  O  OG  . SER A 1 68  ? 7.978   -12.143 -2.891  1.000 32.744  0 68  SER A OG  1 ? 
ATOM   506  N  N   . ILE A 1 69  ? 7.004   -9.336  -3.170  1.000 22.108  0 69  ILE A N   1 ? 
ATOM   507  C  CA  . ILE A 1 69  ? 7.182   -8.085  -2.446  1.000 24.506  0 69  ILE A CA  1 ? 
ATOM   508  C  C   . ILE A 1 69  ? 6.028   -7.121  -2.735  1.000 23.983  0 69  ILE A C   1 ? 
ATOM   509  O  O   . ILE A 1 69  ? 5.517   -6.505  -1.799  1.000 23.435  0 69  ILE A O   1 ? 
ATOM   510  C  CB  . ILE A 1 69  ? 8.562   -7.452  -2.730  1.000 26.962  0 69  ILE A CB  1 ? 
ATOM   511  C  CG1 . ILE A 1 69  ? 9.668   -8.241  -2.028  1.000 29.544  0 69  ILE A CG1 1 ? 
ATOM   512  C  CG2 . ILE A 1 69  ? 8.584   -5.977  -2.345  1.000 26.865  0 69  ILE A CG2 1 ? 
ATOM   513  C  CD1 . ILE A 1 69  ? 11.042  -7.581  -2.055  1.000 32.422  0 69  ILE A CD1 1 ? 
ATOM   514  N  N   . SER A 1 70  ? 5.627   -6.952  -4.006  1.000 23.779  0 70  SER A N   1 ? 
ATOM   515  C  CA  . SER A 1 70  ? 4.550   -6.022  -4.325  1.000 22.582  0 70  SER A CA  1 ? 
ATOM   516  C  C   . SER A 1 70  ? 3.213   -6.501  -3.757  1.000 24.399  0 70  SER A C   1 ? 
ATOM   517  O  O   . SER A 1 70  ? 2.425   -5.676  -3.306  1.000 24.113  0 70  SER A O   1 ? 
ATOM   518  C  CB  . SER A 1 70  ? 4.440   -5.739  -5.806  1.000 24.157  0 70  SER A CB  1 ? 
ATOM   519  O  OG  . SER A 1 70  ? 3.995   -6.875  -6.517  1.000 24.419  0 70  SER A OG  1 ? 
ATOM   520  N  N   . GLN A 1 71  ? 2.951   -7.820  -3.811  1.000 23.829  0 71  GLN A N   1 ? 
ATOM   521  C  CA  . GLN A 1 71  ? 1.726   -8.402  -3.270  1.000 25.144  0 71  GLN A CA  1 ? 
ATOM   522  C  C   . GLN A 1 71  ? 1.695   -8.263  -1.744  1.000 25.167  0 71  GLN A C   1 ? 
ATOM   523  O  O   . GLN A 1 71  ? 0.655   -7.944  -1.166  1.000 25.413  0 71  GLN A O   1 ? 
ATOM   524  C  CB  . GLN A 1 71  ? 1.617   -9.882  -3.651  1.000 28.020  0 71  GLN A CB  1 ? 
ATOM   525  C  CG  . GLN A 1 71  ? 1.502   -10.164 -5.149  1.000 28.598  0 71  GLN A CG  1 ? 
ATOM   526  C  CD  . GLN A 1 71  ? 1.311   -11.641 -5.419  1.000 39.777  0 71  GLN A CD  1 ? 
ATOM   527  O  OE1 . GLN A 1 71  ? 0.524   -12.308 -4.753  1.000 43.393  0 71  GLN A OE1 1 ? 
ATOM   528  N  NE2 . GLN A 1 71  ? 2.043   -12.174 -6.385  1.000 37.225  0 71  GLN A NE2 1 ? 
ATOM   529  N  N   . ALA A 1 72  ? 2.832   -8.532  -1.088  1.000 21.105  0 72  ALA A N   1 ? 
ATOM   530  C  CA  . ALA A 1 72  ? 2.949   -8.359  0.353   1.000 24.563  0 72  ALA A CA  1 ? 
ATOM   531  C  C   . ALA A 1 72  ? 2.731   -6.899  0.750   1.000 23.514  0 72  ALA A C   1 ? 
ATOM   532  O  O   . ALA A 1 72  ? 2.061   -6.613  1.744   1.000 22.925  0 72  ALA A O   1 ? 
ATOM   533  C  CB  . ALA A 1 72  ? 4.295   -8.843  0.831   1.000 23.142  0 72  ALA A CB  1 ? 
ATOM   534  N  N   . ALA A 1 73  ? 3.317   -5.974  -0.013  1.000 22.434  0 73  ALA A N   1 ? 
ATOM   535  C  CA  . ALA A 1 73  ? 3.216   -4.554  0.298   1.000 22.876  0 73  ALA A CA  1 ? 
ATOM   536  C  C   . ALA A 1 73  ? 1.770   -4.071  0.191   1.000 22.395  0 73  ALA A C   1 ? 
ATOM   537  O  O   . ALA A 1 73  ? 1.334   -3.231  0.972   1.000 20.957  0 73  ALA A O   1 ? 
ATOM   538  C  CB  . ALA A 1 73  ? 4.125   -3.758  -0.606  1.000 24.245  0 73  ALA A CB  1 ? 
ATOM   539  N  N   . THR A 1 74  ? 1.014   -4.575  -0.787  1.000 22.620  0 74  THR A N   1 ? 
ATOM   540  C  CA  . THR A 1 74  ? -0.367  -4.137  -0.942  1.000 22.786  0 74  THR A CA  1 ? 
ATOM   541  C  C   . THR A 1 74  ? -1.223  -4.704  0.194   1.000 25.787  0 74  THR A C   1 ? 
ATOM   542  O  O   . THR A 1 74  ? -2.133  -4.038  0.674   1.000 21.013  0 74  THR A O   1 ? 
ATOM   543  C  CB  . THR A 1 74  ? -0.912  -4.490  -2.330  1.000 23.051  0 74  THR A CB  1 ? 
ATOM   544  O  OG1 . THR A 1 74  ? 0.033   -3.964  -3.262  1.000 23.415  0 74  THR A OG1 1 ? 
ATOM   545  C  CG2 . THR A 1 74  ? -2.291  -3.921  -2.573  1.000 22.508  0 74  THR A CG2 1 ? 
ATOM   546  N  N   . SER A 1 75  ? -0.911  -5.928  0.630   1.000 23.025  0 75  SER A N   1 ? 
ATOM   547  C  CA  . SER A 1 75  ? -1.579  -6.540  1.764   1.000 23.485  0 75  SER A CA  1 ? 
ATOM   548  C  C   . SER A 1 75  ? -1.393  -5.677  3.012   1.000 25.650  0 75  SER A C   1 ? 
ATOM   549  O  O   . SER A 1 75  ? -2.367  -5.358  3.699   1.000 27.140  0 75  SER A O   1 ? 
ATOM   550  C  CB  . SER A 1 75  ? -1.064  -7.950  1.963   1.000 25.645  0 75  SER A CB  1 ? 
ATOM   551  O  OG  . SER A 1 75  ? -1.597  -8.537  3.136   1.000 29.959  0 75  SER A OG  1 ? 
ATOM   552  N  N   . VAL A 1 76  ? -0.137  -5.290  3.283   1.000 22.001  0 76  VAL A N   1 ? 
ATOM   553  C  CA  . VAL A 1 76  ? 0.212   -4.483  4.446   1.000 25.779  0 76  VAL A CA  1 ? 
ATOM   554  C  C   . VAL A 1 76  ? -0.480  -3.120  4.374   1.000 24.618  0 76  VAL A C   1 ? 
ATOM   555  O  O   . VAL A 1 76  ? -0.993  -2.633  5.378   1.000 22.639  0 76  VAL A O   1 ? 
ATOM   556  C  CB  . VAL A 1 76  ? 1.741   -4.328  4.580   1.000 25.909  0 76  VAL A CB  1 ? 
ATOM   557  C  CG1 . VAL A 1 76  ? 2.118   -3.257  5.594   1.000 26.195  0 76  VAL A CG1 1 ? 
ATOM   558  C  CG2 . VAL A 1 76  ? 2.393   -5.655  4.935   1.000 29.184  0 76  VAL A CG2 1 ? 
ATOM   559  N  N   . LEU A 1 77  ? -0.483  -2.506  3.184   1.000 24.095  0 77  LEU A N   1 ? 
ATOM   560  C  CA  . LEU A 1 77  ? -1.179  -1.249  2.960   1.000 23.246  0 77  LEU A CA  1 ? 
ATOM   561  C  C   . LEU A 1 77  ? -2.609  -1.324  3.495   1.000 25.114  0 77  LEU A C   1 ? 
ATOM   562  O  O   . LEU A 1 77  ? -3.028  -0.433  4.242   1.000 23.820  0 77  LEU A O   1 ? 
ATOM   563  C  CB  . LEU A 1 77  ? -1.191  -0.927  1.462   1.000 25.640  0 77  LEU A CB  1 ? 
ATOM   564  C  CG  . LEU A 1 77  ? -2.201  0.140   1.042   1.000 28.456  0 77  LEU A CG  1 ? 
ATOM   565  C  CD1 . LEU A 1 77  ? -1.805  1.504   1.587   1.000 27.631  0 77  LEU A CD1 1 ? 
ATOM   566  C  CD2 . LEU A 1 77  ? -2.351  0.187   -0.467  1.000 36.821  0 77  LEU A CD2 1 ? 
ATOM   567  N  N   . THR A 1 78  ? -3.360  -2.359  3.075   1.000 21.279  0 78  THR A N   1 ? 
ATOM   568  C  CA  . THR A 1 78  ? -4.779  -2.454  3.408   1.000 24.899  0 78  THR A CA  1 ? 
ATOM   569  C  C   . THR A 1 78  ? -4.961  -2.556  4.923   1.000 27.087  0 78  THR A C   1 ? 
ATOM   570  O  O   . THR A 1 78  ? -5.798  -1.863  5.499   1.000 28.714  0 78  THR A O   1 ? 
ATOM   571  C  CB  . THR A 1 78  ? -5.490  -3.586  2.652   1.000 23.630  0 78  THR A CB  1 ? 
ATOM   572  O  OG1 . THR A 1 78  ? -4.935  -4.841  3.036   1.000 27.300  0 78  THR A OG1 1 ? 
ATOM   573  C  CG2 . THR A 1 78  ? -5.405  -3.412  1.150   1.000 24.715  0 78  THR A CG2 1 ? 
ATOM   574  N  N   . GLU A 1 79  ? -4.134  -3.378  5.569   1.000 27.442  0 79  GLU A N   1 ? 
ATOM   575  C  CA  . GLU A 1 79  ? -4.210  -3.541  7.009   1.000 32.875  0 79  GLU A CA  1 ? 
ATOM   576  C  C   . GLU A 1 79  ? -3.914  -2.225  7.742   1.000 29.613  0 79  GLU A C   1 ? 
ATOM   577  O  O   . GLU A 1 79  ? -4.475  -1.986  8.807   1.000 27.034  0 79  GLU A O   1 ? 
ATOM   578  C  CB  . GLU A 1 79  ? -3.262  -4.651  7.449   1.000 37.485  0 79  GLU A CB  1 ? 
ATOM   579  C  CG  . GLU A 1 79  ? -3.803  -5.420  8.634   1.000 50.471  0 79  GLU A CG  1 ? 
ATOM   580  C  CD  . GLU A 1 79  ? -2.787  -6.275  9.365   1.000 56.879  0 79  GLU A CD  1 ? 
ATOM   581  O  OE1 . GLU A 1 79  ? -1.913  -6.856  8.687   1.000 49.579  0 79  GLU A OE1 1 ? 
ATOM   582  O  OE2 . GLU A 1 79  ? -2.893  -6.374  10.606  1.000 57.948  0 79  GLU A OE2 1 ? 
ATOM   583  N  N   . GLN A 1 80  ? -3.040  -1.368  7.189   1.000 22.685  0 80  GLN A N   1 ? 
ATOM   584  C  CA  . GLN A 1 80  ? -2.646  -0.141  7.871   1.000 24.871  0 80  GLN A CA  1 ? 
ATOM   585  C  C   . GLN A 1 80  ? -3.660  0.986   7.670   1.000 25.149  0 80  GLN A C   1 ? 
ATOM   586  O  O   . GLN A 1 80  ? -3.767  1.858   8.534   1.000 27.277  0 80  GLN A O   1 ? 
ATOM   587  C  CB  . GLN A 1 80  ? -1.262  0.333   7.409   1.000 27.165  0 80  GLN A CB  1 ? 
ATOM   588  C  CG  . GLN A 1 80  ? -0.130  -0.601  7.816   1.000 32.165  0 80  GLN A CG  1 ? 
ATOM   589  C  CD  . GLN A 1 80  ? -0.169  -0.886  9.299   1.000 34.784  0 80  GLN A CD  1 ? 
ATOM   590  O  OE1 . GLN A 1 80  ? -0.022  0.008   10.129  1.000 39.897  0 80  GLN A OE1 1 ? 
ATOM   591  N  NE2 . GLN A 1 80  ? -0.399  -2.140  9.638   1.000 34.648  0 80  GLN A NE2 1 ? 
ATOM   592  N  N   . VAL A 1 81  ? -4.380  1.013   6.537   1.000 22.741  0 81  VAL A N   1 ? 
ATOM   593  C  CA  . VAL A 1 81  ? -5.176  2.193   6.208   1.000 24.247  0 81  VAL A CA  1 ? 
ATOM   594  C  C   . VAL A 1 81  ? -6.675  1.950   6.372   1.000 25.291  0 81  VAL A C   1 ? 
ATOM   595  O  O   . VAL A 1 81  ? -7.406  2.929   6.518   1.000 24.426  0 81  VAL A O   1 ? 
ATOM   596  C  CB  . VAL A 1 81  ? -4.869  2.758   4.804   1.000 26.203  0 81  VAL A CB  1 ? 
ATOM   597  C  CG1 . VAL A 1 81  ? -3.386  3.040   4.619   1.000 25.482  0 81  VAL A CG1 1 ? 
ATOM   598  C  CG2 . VAL A 1 81  ? -5.396  1.866   3.687   1.000 26.146  0 81  VAL A CG2 1 ? 
ATOM   599  N  N   . ILE A 1 82  ? -7.159  0.697   6.305   1.000 26.180  0 82  ILE A N   1 ? 
ATOM   600  C  CA  . ILE A 1 82  ? -8.597  0.467   6.402   1.000 26.779  0 82  ILE A CA  1 ? 
ATOM   601  C  C   . ILE A 1 82  ? -9.053  0.797   7.822   1.000 28.135  0 82  ILE A C   1 ? 
ATOM   602  O  O   . ILE A 1 82  ? -8.439  0.346   8.784   1.000 28.235  0 82  ILE A O   1 ? 
ATOM   603  C  CB  . ILE A 1 82  ? -9.021  -0.958  5.991   1.000 27.120  0 82  ILE A CB  1 ? 
ATOM   604  C  CG1 . ILE A 1 82  ? -8.790  -1.219  4.499   1.000 24.861  0 82  ILE A CG1 1 ? 
ATOM   605  C  CG2 . ILE A 1 82  ? -10.480 -1.213  6.342   1.000 27.868  0 82  ILE A CG2 1 ? 
ATOM   606  C  CD1 . ILE A 1 82  ? -9.053  -2.649  4.092   1.000 27.962  0 82  ILE A CD1 1 ? 
ATOM   607  N  N   . GLY A 1 83  ? -10.141 1.578   7.918   1.000 29.245  0 83  GLY A N   1 ? 
ATOM   608  C  CA  . GLY A 1 83  ? -10.665 2.075   9.180   1.000 27.844  0 83  GLY A CA  1 ? 
ATOM   609  C  C   . GLY A 1 83  ? -10.062 3.419   9.591   1.000 34.910  0 83  GLY A C   1 ? 
ATOM   610  O  O   . GLY A 1 83  ? -10.534 4.030   10.550  1.000 33.279  0 83  GLY A O   1 ? 
ATOM   611  N  N   . GLN A 1 84  ? -9.023  3.884   8.876   1.000 30.204  0 84  GLN A N   1 ? 
ATOM   612  C  CA  . GLN A 1 84  ? -8.311  5.082   9.288   1.000 29.021  0 84  GLN A CA  1 ? 
ATOM   613  C  C   . GLN A 1 84  ? -8.983  6.309   8.683   1.000 29.096  0 84  GLN A C   1 ? 
ATOM   614  O  O   . GLN A 1 84  ? -9.515  6.252   7.579   1.000 29.785  0 84  GLN A O   1 ? 
ATOM   615  C  CB  . GLN A 1 84  ? -6.837  5.056   8.870   1.000 32.678  0 84  GLN A CB  1 ? 
ATOM   616  C  CG  . GLN A 1 84  ? -6.006  3.977   9.551   1.000 32.763  0 84  GLN A CG  1 ? 
ATOM   617  C  CD  . GLN A 1 84  ? -6.004  4.101   11.058  1.000 42.639  0 84  GLN A CD  1 ? 
ATOM   618  O  OE1 . GLN A 1 84  ? -5.848  5.191   11.608  1.000 40.539  0 84  GLN A OE1 1 ? 
ATOM   619  N  NE2 . GLN A 1 84  ? -6.216  2.983   11.735  1.000 40.430  0 84  GLN A NE2 1 ? 
ATOM   620  N  N   . ARG A 1 85  ? -8.950  7.421   9.423   1.000 26.953  0 85  ARG A N   1 ? 
ATOM   621  C  CA  . ARG A 1 85  ? -9.345  8.700   8.866   1.000 30.210  0 85  ARG A CA  1 ? 
ATOM   622  C  C   . ARG A 1 85  ? -8.371  9.039   7.744   1.000 27.904  0 85  ARG A C   1 ? 
ATOM   623  O  O   . ARG A 1 85  ? -7.191  8.691   7.814   1.000 27.676  0 85  ARG A O   1 ? 
ATOM   624  C  CB  . ARG A 1 85  ? -9.420  9.768   9.960   1.000 32.636  0 85  ARG A CB  1 ? 
ATOM   625  C  CG  . ARG A 1 85  ? -10.537 9.507   10.964  1.000 37.023  0 85  ARG A CG  1 ? 
ATOM   626  C  CD  . ARG A 1 85  ? -10.826 10.687  11.874  1.000 40.433  0 85  ARG A CD  1 ? 
ATOM   627  N  NE  . ARG A 1 85  ? -9.648  11.005  12.662  1.000 39.514  0 85  ARG A NE  1 ? 
ATOM   628  C  CZ  . ARG A 1 85  ? -8.807  11.988  12.375  1.000 41.041  0 85  ARG A CZ  1 ? 
ATOM   629  N  NH1 . ARG A 1 85  ? -8.978  12.702  11.275  1.000 42.250  0 85  ARG A NH1 1 ? 
ATOM   630  N  NH2 . ARG A 1 85  ? -7.801  12.255  13.192  1.000 53.025  0 85  ARG A NH2 1 ? 
ATOM   631  N  N   . VAL A 1 86  ? -8.897  9.729   6.729   1.000 27.208  0 86  VAL A N   1 ? 
ATOM   632  C  CA  . VAL A 1 86  ? -8.206  9.991   5.479   1.000 28.399  0 86  VAL A CA  1 ? 
ATOM   633  C  C   . VAL A 1 86  ? -6.862  10.674  5.723   1.000 30.374  0 86  VAL A C   1 ? 
ATOM   634  O  O   . VAL A 1 86  ? -5.862  10.261  5.141   1.000 29.401  0 86  VAL A O   1 ? 
ATOM   635  C  CB  . VAL A 1 86  ? -9.101  10.800  4.519   1.000 29.597  0 86  VAL A CB  1 ? 
ATOM   636  C  CG1 . VAL A 1 86  ? -8.323  11.429  3.372   1.000 27.695  0 86  VAL A CG1 1 ? 
ATOM   637  C  CG2 . VAL A 1 86  ? -10.238 9.931   3.999   1.000 29.744  0 86  VAL A CG2 1 ? 
ATOM   638  N  N   . PRO A 1 87  ? -6.785  11.767  6.516   1.000 31.839  0 87  PRO A N   1 ? 
ATOM   639  C  CA  . PRO A 1 87  ? -5.497  12.409  6.789   1.000 31.499  0 87  PRO A CA  1 ? 
ATOM   640  C  C   . PRO A 1 87  ? -4.478  11.447  7.398   1.000 27.819  0 87  PRO A C   1 ? 
ATOM   641  O  O   . PRO A 1 87  ? -3.299  11.524  7.079   1.000 29.493  0 87  PRO A O   1 ? 
ATOM   642  C  CB  . PRO A 1 87  ? -5.854  13.562  7.742   1.000 30.922  0 87  PRO A CB  1 ? 
ATOM   643  C  CG  . PRO A 1 87  ? -7.305  13.858  7.407   1.000 32.949  0 87  PRO A CG  1 ? 
ATOM   644  C  CD  . PRO A 1 87  ? -7.916  12.501  7.114   1.000 31.866  0 87  PRO A CD  1 ? 
ATOM   645  N  N   . ARG A 1 88  ? -4.933  10.522  8.248   1.000 28.280  0 88  ARG A N   1 ? 
ATOM   646  C  CA  . ARG A 1 88  ? -4.033  9.553   8.857   1.000 32.998  0 88  ARG A CA  1 ? 
ATOM   647  C  C   . ARG A 1 88  ? -3.526  8.562   7.795   1.000 29.867  0 88  ARG A C   1 ? 
ATOM   648  O  O   . ARG A 1 88  ? -2.333  8.246   7.762   1.000 27.079  0 88  ARG A O   1 ? 
ATOM   649  C  CB  . ARG A 1 88  ? -4.722  8.880   10.052  1.000 34.975  0 88  ARG A CB  1 ? 
ATOM   650  C  CG  . ARG A 1 88  ? -3.814  7.956   10.854  1.000 43.936  0 88  ARG A CG  1 ? 
ATOM   651  C  CD  . ARG A 1 88  ? -4.292  7.715   12.282  1.000 48.753  0 88  ARG A CD  1 ? 
ATOM   652  N  NE  . ARG A 1 88  ? -3.849  8.733   13.233  1.000 43.570  0 88  ARG A NE  1 ? 
ATOM   653  C  CZ  . ARG A 1 88  ? -4.605  9.286   14.179  1.000 47.868  0 88  ARG A CZ  1 ? 
ATOM   654  N  NH1 . ARG A 1 88  ? -5.796  8.793   14.463  1.000 45.664  0 88  ARG A NH1 1 ? 
ATOM   655  N  NH2 . ARG A 1 88  ? -4.164  10.336  14.850  1.000 49.593  0 88  ARG A NH2 1 ? 
ATOM   656  N  N   . ALA A 1 89  ? -4.423  8.066   6.927   1.000 29.521  0 89  ALA A N   1 ? 
ATOM   657  C  CA  . ALA A 1 89  ? -4.030  7.183   5.831   1.000 28.077  0 89  ALA A CA  1 ? 
ATOM   658  C  C   . ALA A 1 89  ? -2.932  7.836   4.991   1.000 27.211  0 89  ALA A C   1 ? 
ATOM   659  O  O   . ALA A 1 89  ? -1.908  7.216   4.706   1.000 24.002  0 89  ALA A O   1 ? 
ATOM   660  C  CB  . ALA A 1 89  ? -5.228  6.819   4.978   1.000 29.463  0 89  ALA A CB  1 ? 
ATOM   661  N  N   . LEU A 1 90  ? -3.141  9.104   4.624   1.000 26.019  0 90  LEU A N   1 ? 
ATOM   662  C  CA  . LEU A 1 90  ? -2.183  9.860   3.832   1.000 28.537  0 90  LEU A CA  1 ? 
ATOM   663  C  C   . LEU A 1 90  ? -0.828  9.958   4.530   1.000 27.950  0 90  LEU A C   1 ? 
ATOM   664  O  O   . LEU A 1 90  ? 0.205   9.883   3.878   1.000 25.100  0 90  LEU A O   1 ? 
ATOM   665  C  CB  . LEU A 1 90  ? -2.758  11.252  3.564   1.000 32.871  0 90  LEU A CB  1 ? 
ATOM   666  C  CG  . LEU A 1 90  ? -3.794  11.305  2.444   1.000 41.707  0 90  LEU A CG  1 ? 
ATOM   667  C  CD1 . LEU A 1 90  ? -4.408  12.692  2.331   1.000 39.233  0 90  LEU A CD1 1 ? 
ATOM   668  C  CD2 . LEU A 1 90  ? -3.171  10.883  1.122   1.000 45.807  0 90  LEU A CD2 1 ? 
ATOM   669  N  N   . ASN A 1 91  ? -0.852  10.140  5.851   1.000 29.733  0 91  ASN A N   1 ? 
ATOM   670  C  CA  . ASN A 1 91  ? 0.345   10.252  6.671   1.000 34.220  0 91  ASN A CA  1 ? 
ATOM   671  C  C   . ASN A 1 91  ? 1.121   8.929   6.654   1.000 25.911  0 91  ASN A C   1 ? 
ATOM   672  O  O   . ASN A 1 91  ? 2.349   8.920   6.562   1.000 27.505  0 91  ASN A O   1 ? 
ATOM   673  C  CB  . ASN A 1 91  ? -0.076  10.716  8.070   1.000 41.952  0 91  ASN A CB  1 ? 
ATOM   674  C  CG  . ASN A 1 91  ? 1.068   11.048  8.996   1.000 48.963  0 91  ASN A CG  1 ? 
ATOM   675  O  OD1 . ASN A 1 91  ? 1.692   10.157  9.570   1.000 59.991  0 91  ASN A OD1 1 ? 
ATOM   676  N  ND2 . ASN A 1 91  ? 1.311   12.334  9.186   1.000 57.921  0 91  ASN A ND2 1 ? 
ATOM   677  N  N   . ILE A 1 92  ? 0.403   7.806   6.769   1.000 23.563  0 92  ILE A N   1 ? 
ATOM   678  C  CA  . ILE A 1 92  ? 1.000   6.481   6.698   1.000 24.156  0 92  ILE A CA  1 ? 
ATOM   679  C  C   . ILE A 1 92  ? 1.639   6.271   5.325   1.000 22.714  0 92  ILE A C   1 ? 
ATOM   680  O  O   . ILE A 1 92  ? 2.768   5.788   5.228   1.000 24.872  0 92  ILE A O   1 ? 
ATOM   681  C  CB  . ILE A 1 92  ? -0.048  5.399   7.034   1.000 28.616  0 92  ILE A CB  1 ? 
ATOM   682  C  CG1 . ILE A 1 92  ? -0.466  5.488   8.502   1.000 27.085  0 92  ILE A CG1 1 ? 
ATOM   683  C  CG2 . ILE A 1 92  ? 0.451   3.994   6.686   1.000 28.869  0 92  ILE A CG2 1 ? 
ATOM   684  C  CD1 . ILE A 1 92  ? -1.781  4.826   8.813   1.000 29.795  0 92  ILE A CD1 1 ? 
ATOM   685  N  N   . VAL A 1 93  ? 0.936   6.663   4.259   1.000 23.827  0 93  VAL A N   1 ? 
ATOM   686  C  CA  . VAL A 1 93  ? 1.451   6.483   2.914   1.000 24.953  0 93  VAL A CA  1 ? 
ATOM   687  C  C   . VAL A 1 93  ? 2.729   7.297   2.722   1.000 27.146  0 93  VAL A C   1 ? 
ATOM   688  O  O   . VAL A 1 93  ? 3.697   6.783   2.164   1.000 31.750  0 93  VAL A O   1 ? 
ATOM   689  C  CB  . VAL A 1 93  ? 0.394   6.831   1.852   1.000 25.223  0 93  VAL A CB  1 ? 
ATOM   690  C  CG1 . VAL A 1 93  ? 1.004   6.978   0.464   1.000 28.715  0 93  VAL A CG1 1 ? 
ATOM   691  C  CG2 . VAL A 1 93  ? -0.715  5.795   1.854   1.000 27.187  0 93  VAL A CG2 1 ? 
ATOM   692  N  N   . ASP A 1 94  ? 2.727   8.564   3.154   1.000 29.832  0 94  ASP A N   1 ? 
ATOM   693  C  CA  . ASP A 1 94  ? 3.904   9.412   3.021   1.000 34.883  0 94  ASP A CA  1 ? 
ATOM   694  C  C   . ASP A 1 94  ? 5.089   8.835   3.804   1.000 30.382  0 94  ASP A C   1 ? 
ATOM   695  O  O   . ASP A 1 94  ? 6.210   8.854   3.310   1.000 33.924  0 94  ASP A O   1 ? 
ATOM   696  C  CB  . ASP A 1 94  ? 3.599   10.855  3.429   1.000 44.874  0 94  ASP A CB  1 ? 
ATOM   697  C  CG  . ASP A 1 94  ? 2.764   11.622  2.410   1.000 60.132  0 94  ASP A CG  1 ? 
ATOM   698  O  OD1 . ASP A 1 94  ? 2.434   11.045  1.344   1.000 55.931  0 94  ASP A OD1 1 ? 
ATOM   699  O  OD2 . ASP A 1 94  ? 2.452   12.801  2.685   1.000 86.293  0 94  ASP A OD2 1 ? 
ATOM   700  N  N   . ALA A 1 95  ? 4.840   8.321   5.013   1.000 28.166  0 95  ALA A N   1 ? 
ATOM   701  C  CA  . ALA A 1 95  ? 5.872   7.685   5.818   1.000 28.753  0 95  ALA A CA  1 ? 
ATOM   702  C  C   . ALA A 1 95  ? 6.448   6.459   5.110   1.000 29.058  0 95  ALA A C   1 ? 
ATOM   703  O  O   . ALA A 1 95  ? 7.658   6.255   5.126   1.000 28.552  0 95  ALA A O   1 ? 
ATOM   704  C  CB  . ALA A 1 95  ? 5.318   7.302   7.166   1.000 26.840  0 95  ALA A CB  1 ? 
ATOM   705  N  N   . PHE A 1 96  ? 5.581   5.627   4.515   1.000 27.215  0 96  PHE A N   1 ? 
ATOM   706  C  CA  . PHE A 1 96  ? 6.044   4.422   3.843   1.000 25.244  0 96  PHE A CA  1 ? 
ATOM   707  C  C   . PHE A 1 96  ? 6.900   4.803   2.638   1.000 24.936  0 96  PHE A C   1 ? 
ATOM   708  O  O   . PHE A 1 96  ? 7.979   4.252   2.448   1.000 24.290  0 96  PHE A O   1 ? 
ATOM   709  C  CB  . PHE A 1 96  ? 4.870   3.523   3.445   1.000 24.574  0 96  PHE A CB  1 ? 
ATOM   710  C  CG  . PHE A 1 96  ? 5.268   2.191   2.856   1.000 24.787  0 96  PHE A CG  1 ? 
ATOM   711  C  CD1 . PHE A 1 96  ? 5.708   1.155   3.665   1.000 25.516  0 96  PHE A CD1 1 ? 
ATOM   712  C  CD2 . PHE A 1 96  ? 5.203   1.978   1.489   1.000 27.823  0 96  PHE A CD2 1 ? 
ATOM   713  C  CE1 . PHE A 1 96  ? 6.051   -0.074  3.122   1.000 29.509  0 96  PHE A CE1 1 ? 
ATOM   714  C  CE2 . PHE A 1 96  ? 5.559   0.754   0.941   1.000 26.317  0 96  PHE A CE2 1 ? 
ATOM   715  C  CZ  . PHE A 1 96  ? 5.985   -0.270  1.757   1.000 29.834  0 96  PHE A CZ  1 ? 
ATOM   716  N  N   . THR A 1 97  ? 6.415   5.746   1.824   1.000 26.901  0 97  THR A N   1 ? 
ATOM   717  C  CA  . THR A 1 97  ? 7.090   6.103   0.588   1.000 30.443  0 97  THR A CA  1 ? 
ATOM   718  C  C   . THR A 1 97  ? 8.412   6.809   0.882   1.000 32.446  0 97  THR A C   1 ? 
ATOM   719  O  O   . THR A 1 97  ? 9.389   6.590   0.171   1.000 33.535  0 97  THR A O   1 ? 
ATOM   720  C  CB  . THR A 1 97  ? 6.183   6.941   -0.318  1.000 33.696  0 97  THR A CB  1 ? 
ATOM   721  O  OG1 . THR A 1 97  ? 5.758   8.101   0.388   1.000 42.660  0 97  THR A OG1 1 ? 
ATOM   722  C  CG2 . THR A 1 97  ? 4.966   6.176   -0.774  1.000 32.025  0 97  THR A CG2 1 ? 
ATOM   723  N  N   . GLU A 1 98  ? 8.434   7.657   1.914   1.000 36.214  0 98  GLU A N   1 ? 
ATOM   724  C  CA  . GLU A 1 98  ? 9.669   8.254   2.395   1.000 39.787  0 98  GLU A CA  1 ? 
ATOM   725  C  C   . GLU A 1 98  ? 10.669  7.144   2.715   1.000 43.024  0 98  GLU A C   1 ? 
ATOM   726  O  O   . GLU A 1 98  ? 11.808  7.187   2.258   1.000 37.767  0 98  GLU A O   1 ? 
ATOM   727  C  CB  . GLU A 1 98  ? 9.414   9.109   3.640   1.000 48.216  0 98  GLU A CB  1 ? 
ATOM   728  C  CG  . GLU A 1 98  ? 10.571  10.025  4.018   1.000 63.263  0 98  GLU A CG  1 ? 
ATOM   729  C  CD  . GLU A 1 98  ? 10.608  11.363  3.291   1.000 78.777  0 98  GLU A CD  1 ? 
ATOM   730  O  OE1 . GLU A 1 98  ? 10.494  11.369  2.045   1.000 82.488  0 98  GLU A OE1 1 ? 
ATOM   731  O  OE2 . GLU A 1 98  ? 10.765  12.403  3.972   1.000 82.019  0 98  GLU A OE2 1 ? 
ATOM   732  N  N   . MET A 1 99  ? 10.221  6.131   3.471   1.000 31.773  0 99  MET A N   1 ? 
ATOM   733  C  CA  . MET A 1 99  ? 11.103  5.075   3.934   1.000 30.506  0 99  MET A CA  1 ? 
ATOM   734  C  C   . MET A 1 99  ? 11.695  4.315   2.745   1.000 30.788  0 99  MET A C   1 ? 
ATOM   735  O  O   . MET A 1 99  ? 12.914  4.200   2.653   1.000 30.518  0 99  MET A O   1 ? 
ATOM   736  C  CB  . MET A 1 99  ? 10.375  4.111   4.879   1.000 31.898  0 99  MET A CB  1 ? 
ATOM   737  C  CG  . MET A 1 99  ? 11.172  2.867   5.196   1.000 32.198  0 99  MET A CG  1 ? 
ATOM   738  S  SD  . MET A 1 99  ? 10.219  1.643   6.100   1.000 33.994  0 99  MET A SD  1 ? 
ATOM   739  C  CE  . MET A 1 99  ? 9.245   0.926   4.778   1.000 32.475  0 99  MET A CE  1 ? 
ATOM   740  N  N   . VAL A 1 100 ? 10.858  3.807   1.823   1.000 28.514  0 100 VAL A N   1 ? 
ATOM   741  C  CA  . VAL A 1 100 ? 11.345  2.885   0.798   1.000 27.239  0 100 VAL A CA  1 ? 
ATOM   742  C  C   . VAL A 1 100 ? 12.188  3.609   -0.256  1.000 28.100  0 100 VAL A C   1 ? 
ATOM   743  O  O   . VAL A 1 100 ? 12.992  2.959   -0.925  1.000 28.491  0 100 VAL A O   1 ? 
ATOM   744  C  CB  . VAL A 1 100 ? 10.233  2.046   0.125   1.000 26.566  0 100 VAL A CB  1 ? 
ATOM   745  C  CG1 . VAL A 1 100 ? 9.514   1.161   1.121   1.000 25.231  0 100 VAL A CG1 1 ? 
ATOM   746  C  CG2 . VAL A 1 100 ? 9.233   2.881   -0.662  1.000 31.634  0 100 VAL A CG2 1 ? 
ATOM   747  N  N   . SER A 1 101 ? 12.020  4.930   -0.421  1.000 33.548  0 101 SER A N   1 ? 
ATOM   748  C  CA  . SER A 1 101 ? 12.752  5.651   -1.454  1.000 35.605  0 101 SER A CA  1 ? 
ATOM   749  C  C   . SER A 1 101 ? 13.909  6.469   -0.870  1.000 38.019  0 101 SER A C   1 ? 
ATOM   750  O  O   . SER A 1 101 ? 14.485  7.294   -1.572  1.000 42.081  0 101 SER A O   1 ? 
ATOM   751  C  CB  . SER A 1 101 ? 11.817  6.507   -2.267  1.000 37.155  0 101 SER A CB  1 ? 
ATOM   752  O  OG  . SER A 1 101 ? 11.257  7.524   -1.462  1.000 48.051  0 101 SER A OG  1 ? 
ATOM   753  N  N   . SER A 1 102 ? 14.290  6.196   0.384   1.000 34.611  0 102 SER A N   1 ? 
ATOM   754  C  CA  . SER A 1 102 ? 15.307  6.965   1.089   1.000 41.695  0 102 SER A CA  1 ? 
ATOM   755  C  C   . SER A 1 102 ? 16.710  6.389   0.881   1.000 43.151  0 102 SER A C   1 ? 
ATOM   756  O  O   . SER A 1 102 ? 17.672  6.914   1.445   1.000 46.505  0 102 SER A O   1 ? 
ATOM   757  C  CB  . SER A 1 102 ? 15.000  7.027   2.572   1.000 43.226  0 102 SER A CB  1 ? 
ATOM   758  O  OG  . SER A 1 102 ? 15.278  5.779   3.208   1.000 42.195  0 102 SER A OG  1 ? 
ATOM   759  N  N   . ARG A 1 103 ? 16.809  5.287   0.123   1.000 42.411  0 103 ARG A N   1 ? 
ATOM   760  C  CA  . ARG A 1 103 ? 18.061  4.583   -0.118  1.000 44.652  0 103 ARG A CA  1 ? 
ATOM   761  C  C   . ARG A 1 103 ? 18.645  4.070   1.201   1.000 47.164  0 103 ARG A C   1 ? 
ATOM   762  O  O   . ARG A 1 103 ? 19.849  3.870   1.298   1.000 49.776  0 103 ARG A O   1 ? 
ATOM   763  C  CB  . ARG A 1 103 ? 19.053  5.476   -0.876  1.000 38.608  0 103 ARG A CB  1 ? 
ATOM   764  N  N   . GLY A 1 104 ? 17.786  3.838   2.205   1.000 50.912  0 104 GLY A N   1 ? 
ATOM   765  C  CA  . GLY A 1 104 ? 18.200  3.217   3.456   1.000 48.111  0 104 GLY A CA  1 ? 
ATOM   766  C  C   . GLY A 1 104 ? 18.488  4.210   4.583   1.000 48.829  0 104 GLY A C   1 ? 
ATOM   767  O  O   . GLY A 1 104 ? 18.825  3.793   5.687   1.000 55.009  0 104 GLY A O   1 ? 
ATOM   768  N  N   . THR A 1 105 ? 18.335  5.514   4.326   1.000 51.354  0 105 THR A N   1 ? 
ATOM   769  C  CA  . THR A 1 105 ? 18.692  6.523   5.314   1.000 54.955  0 105 THR A CA  1 ? 
ATOM   770  C  C   . THR A 1 105 ? 17.509  6.865   6.225   1.000 66.769  0 105 THR A C   1 ? 
ATOM   771  O  O   . THR A 1 105 ? 17.683  7.619   7.180   1.000 61.230  0 105 THR A O   1 ? 
ATOM   772  C  CB  . THR A 1 105 ? 19.232  7.793   4.644   1.000 53.835  0 105 THR A CB  1 ? 
ATOM   773  O  OG1 . THR A 1 105 ? 18.151  8.409   3.944   1.000 50.678  0 105 THR A OG1 1 ? 
ATOM   774  C  CG2 . THR A 1 105 ? 20.389  7.527   3.703   1.000 49.696  0 105 THR A CG2 1 ? 
ATOM   775  N  N   . VAL A 1 106 ? 16.312  6.335   5.929   1.000 57.177  0 106 VAL A N   1 ? 
ATOM   776  C  CA  . VAL A 1 106 ? 15.141  6.527   6.776   1.000 54.156  0 106 VAL A CA  1 ? 
ATOM   777  C  C   . VAL A 1 106 ? 14.627  5.150   7.186   1.000 55.640  0 106 VAL A C   1 ? 
ATOM   778  O  O   . VAL A 1 106 ? 14.075  4.436   6.354   1.000 62.436  0 106 VAL A O   1 ? 
ATOM   779  C  CB  . VAL A 1 106 ? 14.040  7.337   6.058   1.000 56.240  0 106 VAL A CB  1 ? 
ATOM   780  C  CG1 . VAL A 1 106 ? 12.764  7.418   6.886   1.000 57.002  0 106 VAL A CG1 1 ? 
ATOM   781  C  CG2 . VAL A 1 106 ? 14.510  8.728   5.664   1.000 55.441  0 106 VAL A CG2 1 ? 
ATOM   782  N  N   . PRO A 1 107 ? 14.774  4.730   8.465   1.000 57.154  0 107 PRO A N   1 ? 
ATOM   783  C  CA  . PRO A 1 107 ? 14.454  3.357   8.868   1.000 53.018  0 107 PRO A CA  1 ? 
ATOM   784  C  C   . PRO A 1 107 ? 12.965  3.017   8.935   1.000 53.456  0 107 PRO A C   1 ? 
ATOM   785  O  O   . PRO A 1 107 ? 12.601  1.842   8.891   1.000 43.945  0 107 PRO A O   1 ? 
ATOM   786  C  CB  . PRO A 1 107 ? 15.058  3.257   10.279  1.000 57.744  0 107 PRO A CB  1 ? 
ATOM   787  C  CG  . PRO A 1 107 ? 15.001  4.676   10.807  1.000 59.169  0 107 PRO A CG  1 ? 
ATOM   788  C  CD  . PRO A 1 107 ? 15.244  5.552   9.594   1.000 60.507  0 107 PRO A CD  1 ? 
ATOM   789  N  N   . GLY A 1 108 ? 12.115  4.047   9.064   1.000 42.934  0 108 GLY A N   1 ? 
ATOM   790  C  CA  . GLY A 1 108 ? 10.689  3.852   9.260   1.000 47.572  0 108 GLY A CA  1 ? 
ATOM   791  C  C   . GLY A 1 108 ? 10.346  3.554   10.720  1.000 48.065  0 108 GLY A C   1 ? 
ATOM   792  O  O   . GLY A 1 108 ? 11.144  2.940   11.427  1.000 43.353  0 108 GLY A O   1 ? 
ATOM   793  N  N   . ASP A 1 109 ? 9.145   3.978   11.143  1.000 38.504  0 109 ASP A N   1 ? 
ATOM   794  C  CA  . ASP A 1 109 ? 8.669   3.809   12.509  1.000 44.782  0 109 ASP A CA  1 ? 
ATOM   795  C  C   . ASP A 1 109 ? 7.518   2.803   12.535  1.000 42.912  0 109 ASP A C   1 ? 
ATOM   796  O  O   . ASP A 1 109 ? 6.520   2.991   11.846  1.000 44.136  0 109 ASP A O   1 ? 
ATOM   797  C  CB  . ASP A 1 109 ? 8.247   5.159   13.098  1.000 54.198  0 109 ASP A CB  1 ? 
ATOM   798  C  CG  . ASP A 1 109 ? 7.699   5.069   14.512  1.000 66.989  0 109 ASP A CG  1 ? 
ATOM   799  O  OD1 . ASP A 1 109 ? 8.364   4.431   15.362  1.000 75.003  0 109 ASP A OD1 1 ? 
ATOM   800  O  OD2 . ASP A 1 109 ? 6.616   5.643   14.758  1.000 68.316  0 109 ASP A OD2 1 ? 
ATOM   801  N  N   . GLU A 1 110 ? 7.653   1.762   13.369  1.000 40.054  0 110 GLU A N   1 ? 
ATOM   802  C  CA  . GLU A 1 110 ? 6.696   0.668   13.432  1.000 46.552  0 110 GLU A CA  1 ? 
ATOM   803  C  C   . GLU A 1 110 ? 5.366   1.131   14.034  1.000 46.542  0 110 GLU A C   1 ? 
ATOM   804  O  O   . GLU A 1 110 ? 4.331   0.538   13.748  1.000 38.948  0 110 GLU A O   1 ? 
ATOM   805  C  CB  . GLU A 1 110 ? 7.285   -0.535  14.182  1.000 51.310  0 110 GLU A CB  1 ? 
ATOM   806  C  CG  . GLU A 1 110 ? 7.381   -0.391  15.697  1.000 69.419  0 110 GLU A CG  1 ? 
ATOM   807  C  CD  . GLU A 1 110 ? 8.586   0.348   16.264  1.000 79.038  0 110 GLU A CD  1 ? 
ATOM   808  O  OE1 . GLU A 1 110 ? 9.241   1.108   15.513  1.000 70.966  0 110 GLU A OE1 1 ? 
ATOM   809  O  OE2 . GLU A 1 110 ? 8.881   0.141   17.465  1.000 77.785  0 110 GLU A OE2 1 ? 
ATOM   810  N  N   . ASP A 1 111 ? 5.387   2.192   14.852  1.000 49.856  0 111 ASP A N   1 ? 
ATOM   811  C  CA  . ASP A 1 111 ? 4.167   2.706   15.459  1.000 54.549  0 111 ASP A CA  1 ? 
ATOM   812  C  C   . ASP A 1 111 ? 3.281   3.341   14.383  1.000 50.643  0 111 ASP A C   1 ? 
ATOM   813  O  O   . ASP A 1 111 ? 2.057   3.340   14.518  1.000 49.513  0 111 ASP A O   1 ? 
ATOM   814  C  CB  . ASP A 1 111 ? 4.488   3.664   16.613  1.000 58.977  0 111 ASP A CB  1 ? 
ATOM   815  C  CG  . ASP A 1 111 ? 5.396   3.052   17.670  1.000 67.603  0 111 ASP A CG  1 ? 
ATOM   816  O  OD1 . ASP A 1 111 ? 5.017   2.006   18.237  1.000 71.526  0 111 ASP A OD1 1 ? 
ATOM   817  O  OD2 . ASP A 1 111 ? 6.484   3.611   17.907  1.000 67.188  0 111 ASP A OD2 1 ? 
ATOM   818  N  N   . VAL A 1 112 ? 3.898   3.855   13.309  1.000 43.757  0 112 VAL A N   1 ? 
ATOM   819  C  CA  . VAL A 1 112 ? 3.176   4.445   12.186  1.000 39.084  0 112 VAL A CA  1 ? 
ATOM   820  C  C   . VAL A 1 112 ? 2.841   3.371   11.147  1.000 39.233  0 112 VAL A C   1 ? 
ATOM   821  O  O   . VAL A 1 112 ? 1.704   3.293   10.678  1.000 36.128  0 112 VAL A O   1 ? 
ATOM   822  C  CB  . VAL A 1 112 ? 3.990   5.593   11.557  1.000 43.335  0 112 VAL A CB  1 ? 
ATOM   823  C  CG1 . VAL A 1 112 ? 3.280   6.220   10.363  1.000 40.406  0 112 VAL A CG1 1 ? 
ATOM   824  C  CG2 . VAL A 1 112 ? 4.349   6.660   12.582  1.000 45.964  0 112 VAL A CG2 1 ? 
ATOM   825  N  N   . LEU A 1 113 ? 3.835   2.546   10.786  1.000 35.902  0 113 LEU A N   1 ? 
ATOM   826  C  CA  . LEU A 1 113 ? 3.766   1.694   9.606   1.000 31.667  0 113 LEU A CA  1 ? 
ATOM   827  C  C   . LEU A 1 113 ? 3.350   0.269   9.955   1.000 32.558  0 113 LEU A C   1 ? 
ATOM   828  O  O   . LEU A 1 113 ? 2.888   -0.457  9.083   1.000 35.287  0 113 LEU A O   1 ? 
ATOM   829  C  CB  . LEU A 1 113 ? 5.139   1.658   8.933   1.000 30.776  0 113 LEU A CB  1 ? 
ATOM   830  C  CG  . LEU A 1 113 ? 5.623   2.964   8.310   1.000 29.965  0 113 LEU A CG  1 ? 
ATOM   831  C  CD1 . LEU A 1 113 ? 6.951   2.753   7.596   1.000 33.404  0 113 LEU A CD1 1 ? 
ATOM   832  C  CD2 . LEU A 1 113 ? 4.584   3.519   7.349   1.000 31.732  0 113 LEU A CD2 1 ? 
ATOM   833  N  N   . GLY A 1 114 ? 3.557   -0.144  11.209  1.000 35.137  0 114 GLY A N   1 ? 
ATOM   834  C  CA  . GLY A 1 114 ? 3.389   -1.536  11.591  1.000 31.297  0 114 GLY A CA  1 ? 
ATOM   835  C  C   . GLY A 1 114 ? 4.323   -2.450  10.799  1.000 32.544  0 114 GLY A C   1 ? 
ATOM   836  O  O   . GLY A 1 114 ? 5.526   -2.209  10.744  1.000 29.911  0 114 GLY A O   1 ? 
ATOM   837  N  N   . ASP A 1 115 ? 3.738   -3.478  10.165  1.000 31.766  0 115 ASP A N   1 ? 
ATOM   838  C  CA  . ASP A 1 115 ? 4.450   -4.434  9.326   1.000 34.898  0 115 ASP A CA  1 ? 
ATOM   839  C  C   . ASP A 1 115 ? 5.155   -3.757  8.144   1.000 32.877  0 115 ASP A C   1 ? 
ATOM   840  O  O   . ASP A 1 115 ? 6.067   -4.345  7.563   1.000 36.225  0 115 ASP A O   1 ? 
ATOM   841  C  CB  . ASP A 1 115 ? 3.487   -5.492  8.780   1.000 36.966  0 115 ASP A CB  1 ? 
ATOM   842  C  CG  . ASP A 1 115 ? 3.153   -6.628  9.733   1.000 42.014  0 115 ASP A CG  1 ? 
ATOM   843  O  OD1 . ASP A 1 115 ? 3.975   -6.908  10.633  1.000 40.424  0 115 ASP A OD1 1 ? 
ATOM   844  O  OD2 . ASP A 1 115 ? 2.073   -7.239  9.551   1.000 37.926  0 115 ASP A OD2 1 ? 
ATOM   845  N  N   . GLY A 1 116 ? 4.716   -2.545  7.782   1.000 28.245  0 116 GLY A N   1 ? 
ATOM   846  C  CA  . GLY A 1 116 ? 5.326   -1.754  6.724   1.000 33.519  0 116 GLY A CA  1 ? 
ATOM   847  C  C   . GLY A 1 116 ? 6.831   -1.539  6.907   1.000 33.041  0 116 GLY A C   1 ? 
ATOM   848  O  O   . GLY A 1 116 ? 7.535   -1.347  5.922   1.000 27.796  0 116 GLY A O   1 ? 
ATOM   849  N  N   . VAL A 1 117 ? 7.331   -1.567  8.153   1.000 32.244  0 117 VAL A N   1 ? 
ATOM   850  C  CA  . VAL A 1 117 ? 8.761   -1.396  8.394   1.000 30.353  0 117 VAL A CA  1 ? 
ATOM   851  C  C   . VAL A 1 117 ? 9.561   -2.581  7.837   1.000 27.509  0 117 VAL A C   1 ? 
ATOM   852  O  O   . VAL A 1 117 ? 10.777  -2.475  7.689   1.000 28.681  0 117 VAL A O   1 ? 
ATOM   853  C  CB  . VAL A 1 117 ? 9.086   -1.175  9.887   1.000 31.478  0 117 VAL A CB  1 ? 
ATOM   854  C  CG1 . VAL A 1 117 ? 8.340   0.019   10.451  1.000 32.779  0 117 VAL A CG1 1 ? 
ATOM   855  C  CG2 . VAL A 1 117 ? 8.823   -2.414  10.730  1.000 32.386  0 117 VAL A CG2 1 ? 
ATOM   856  N  N   . ALA A 1 118 ? 8.898   -3.712  7.549   1.000 28.664  0 118 ALA A N   1 ? 
ATOM   857  C  CA  . ALA A 1 118 ? 9.566   -4.875  6.980   1.000 30.450  0 118 ALA A CA  1 ? 
ATOM   858  C  C   . ALA A 1 118 ? 10.138  -4.588  5.585   1.000 27.714  0 118 ALA A C   1 ? 
ATOM   859  O  O   . ALA A 1 118 ? 10.986  -5.336  5.112   1.000 30.889  0 118 ALA A O   1 ? 
ATOM   860  C  CB  . ALA A 1 118 ? 8.615   -6.049  6.940   1.000 36.346  0 118 ALA A CB  1 ? 
ATOM   861  N  N   . PHE A 1 119 ? 9.699   -3.494  4.949   1.000 29.885  0 119 PHE A N   1 ? 
ATOM   862  C  CA  . PHE A 1 119 ? 10.117  -3.140  3.598   1.000 31.006  0 119 PHE A CA  1 ? 
ATOM   863  C  C   . PHE A 1 119 ? 11.262  -2.123  3.610   1.000 31.885  0 119 PHE A C   1 ? 
ATOM   864  O  O   . PHE A 1 119 ? 11.620  -1.614  2.556   1.000 32.020  0 119 PHE A O   1 ? 
ATOM   865  C  CB  . PHE A 1 119 ? 8.913   -2.603  2.821   1.000 27.719  0 119 PHE A CB  1 ? 
ATOM   866  C  CG  . PHE A 1 119 ? 7.833   -3.637  2.638   1.000 28.838  0 119 PHE A CG  1 ? 
ATOM   867  C  CD1 . PHE A 1 119 ? 7.865   -4.517  1.564   1.000 26.488  0 119 PHE A CD1 1 ? 
ATOM   868  C  CD2 . PHE A 1 119 ? 6.840   -3.799  3.590   1.000 26.830  0 119 PHE A CD2 1 ? 
ATOM   869  C  CE1 . PHE A 1 119 ? 6.897   -5.498  1.422   1.000 25.423  0 119 PHE A CE1 1 ? 
ATOM   870  C  CE2 . PHE A 1 119 ? 5.871   -4.781  3.445   1.000 30.781  0 119 PHE A CE2 1 ? 
ATOM   871  C  CZ  . PHE A 1 119 ? 5.902   -5.632  2.364   1.000 24.884  0 119 PHE A CZ  1 ? 
ATOM   872  N  N   . ALA A 1 120 ? 11.857  -1.858  4.782   1.000 33.552  0 120 ALA A N   1 ? 
ATOM   873  C  CA  . ALA A 1 120 ? 12.965  -0.915  4.891   1.000 32.400  0 120 ALA A CA  1 ? 
ATOM   874  C  C   . ALA A 1 120 ? 14.144  -1.348  4.021   1.000 30.893  0 120 ALA A C   1 ? 
ATOM   875  O  O   . ALA A 1 120 ? 14.764  -0.505  3.383   1.000 30.084  0 120 ALA A O   1 ? 
ATOM   876  C  CB  . ALA A 1 120 ? 13.382  -0.769  6.332   1.000 34.113  0 120 ALA A CB  1 ? 
ATOM   877  N  N   . GLY A 1 121 ? 14.430  -2.655  3.978   1.000 33.002  0 121 GLY A N   1 ? 
ATOM   878  C  CA  . GLY A 1 121 ? 15.601  -3.179  3.289   1.000 33.862  0 121 GLY A CA  1 ? 
ATOM   879  C  C   . GLY A 1 121 ? 15.483  -3.104  1.765   1.000 33.172  0 121 GLY A C   1 ? 
ATOM   880  O  O   . GLY A 1 121 ? 16.488  -3.120  1.055   1.000 30.682  0 121 GLY A O   1 ? 
ATOM   881  N  N   . VAL A 1 122 ? 14.246  -2.996  1.269   1.000 30.616  0 122 VAL A N   1 ? 
ATOM   882  C  CA  . VAL A 1 122 ? 13.992  -2.816  -0.152  1.000 31.626  0 122 VAL A CA  1 ? 
ATOM   883  C  C   . VAL A 1 122 ? 14.642  -1.519  -0.637  1.000 31.897  0 122 VAL A C   1 ? 
ATOM   884  O  O   . VAL A 1 122 ? 15.085  -1.438  -1.782  1.000 29.419  0 122 VAL A O   1 ? 
ATOM   885  C  CB  . VAL A 1 122 ? 12.476  -2.841  -0.440  1.000 35.128  0 122 VAL A CB  1 ? 
ATOM   886  C  CG1 . VAL A 1 122 ? 12.169  -2.577  -1.908  1.000 35.509  0 122 VAL A CG1 1 ? 
ATOM   887  C  CG2 . VAL A 1 122 ? 11.847  -4.151  0.020   1.000 35.262  0 122 VAL A CG2 1 ? 
ATOM   888  N  N   . ALA A 1 123 ? 14.721  -0.509  0.243   1.000 28.785  0 123 ALA A N   1 ? 
ATOM   889  C  CA  . ALA A 1 123 ? 15.229  0.811   -0.116  1.000 31.990  0 123 ALA A CA  1 ? 
ATOM   890  C  C   . ALA A 1 123 ? 16.652  0.743   -0.676  1.000 30.043  0 123 ALA A C   1 ? 
ATOM   891  O  O   . ALA A 1 123 ? 17.036  1.625   -1.440  1.000 35.672  0 123 ALA A O   1 ? 
ATOM   892  C  CB  . ALA A 1 123 ? 15.160  1.733   1.090   1.000 34.899  0 123 ALA A CB  1 ? 
ATOM   893  N  N   . LYS A 1 124 ? 17.410  -0.302  -0.307  1.000 31.423  0 124 LYS A N   1 ? 
ATOM   894  C  CA  . LYS A 1 124 ? 18.806  -0.464  -0.706  1.000 34.138  0 124 LYS A CA  1 ? 
ATOM   895  C  C   . LYS A 1 124 ? 18.938  -1.191  -2.052  1.000 34.287  0 124 LYS A C   1 ? 
ATOM   896  O  O   . LYS A 1 124 ? 20.051  -1.402  -2.534  1.000 31.071  0 124 LYS A O   1 ? 
ATOM   897  C  CB  . LYS A 1 124 ? 19.554  -1.229  0.395   1.000 37.243  0 124 LYS A CB  1 ? 
ATOM   898  C  CG  . LYS A 1 124 ? 19.574  -0.536  1.756   1.000 44.987  0 124 LYS A CG  1 ? 
ATOM   899  C  CD  . LYS A 1 124 ? 20.364  -1.274  2.824   1.000 54.184  0 124 LYS A CD  1 ? 
ATOM   900  C  CE  . LYS A 1 124 ? 21.864  -1.194  2.613   1.000 64.697  0 124 LYS A CE  1 ? 
ATOM   901  N  NZ  . LYS A 1 124 ? 22.614  -2.003  3.608   1.000 61.561  0 124 LYS A NZ  1 ? 
ATOM   902  N  N   . TYR A 1 125 ? 17.801  -1.593  -2.639  1.000 26.040  0 125 TYR A N   1 ? 
ATOM   903  C  CA  . TYR A 1 125 ? 17.739  -2.223  -3.950  1.000 25.733  0 125 TYR A CA  1 ? 
ATOM   904  C  C   . TYR A 1 125 ? 16.912  -1.346  -4.879  1.000 27.386  0 125 TYR A C   1 ? 
ATOM   905  O  O   . TYR A 1 125 ? 15.696  -1.522  -4.969  1.000 25.633  0 125 TYR A O   1 ? 
ATOM   906  C  CB  . TYR A 1 125 ? 17.088  -3.606  -3.863  1.000 26.646  0 125 TYR A CB  1 ? 
ATOM   907  C  CG  . TYR A 1 125 ? 17.886  -4.589  -3.055  1.000 33.179  0 125 TYR A CG  1 ? 
ATOM   908  C  CD1 . TYR A 1 125 ? 18.957  -5.271  -3.609  1.000 29.747  0 125 TYR A CD1 1 ? 
ATOM   909  C  CD2 . TYR A 1 125 ? 17.612  -4.782  -1.710  1.000 36.401  0 125 TYR A CD2 1 ? 
ATOM   910  C  CE1 . TYR A 1 125 ? 19.706  -6.163  -2.857  1.000 33.724  0 125 TYR A CE1 1 ? 
ATOM   911  C  CE2 . TYR A 1 125 ? 18.358  -5.657  -0.941  1.000 39.165  0 125 TYR A CE2 1 ? 
ATOM   912  C  CZ  . TYR A 1 125 ? 19.403  -6.354  -1.519  1.000 37.881  0 125 TYR A CZ  1 ? 
ATOM   913  O  OH  . TYR A 1 125 ? 20.124  -7.220  -0.745  1.000 42.451  0 125 TYR A OH  1 ? 
ATOM   914  N  N   . PRO A 1 126 ? 17.537  -0.381  -5.585  1.000 25.732  0 126 PRO A N   1 ? 
ATOM   915  C  CA  . PRO A 1 126 ? 16.790  0.577   -6.400  1.000 25.665  0 126 PRO A CA  1 ? 
ATOM   916  C  C   . PRO A 1 126 ? 15.741  -0.016  -7.347  1.000 25.875  0 126 PRO A C   1 ? 
ATOM   917  O  O   . PRO A 1 126 ? 14.660  0.553   -7.469  1.000 27.381  0 126 PRO A O   1 ? 
ATOM   918  C  CB  . PRO A 1 126 ? 17.905  1.293   -7.173  1.000 25.965  0 126 PRO A CB  1 ? 
ATOM   919  C  CG  . PRO A 1 126 ? 19.081  1.242   -6.229  1.000 29.561  0 126 PRO A CG  1 ? 
ATOM   920  C  CD  . PRO A 1 126 ? 18.988  -0.129  -5.596  1.000 26.360  0 126 PRO A CD  1 ? 
ATOM   921  N  N   . ALA A 1 127 ? 16.046  -1.157  -7.987  1.000 25.320  0 127 ALA A N   1 ? 
ATOM   922  C  CA  . ALA A 1 127 ? 15.151  -1.774  -8.963  1.000 24.663  0 127 ALA A CA  1 ? 
ATOM   923  C  C   . ALA A 1 127 ? 13.970  -2.492  -8.301  1.000 23.129  0 127 ALA A C   1 ? 
ATOM   924  O  O   . ALA A 1 127 ? 13.023  -2.870  -8.996  1.000 21.509  0 127 ALA A O   1 ? 
ATOM   925  C  CB  . ALA A 1 127 ? 15.921  -2.732  -9.847  1.000 22.932  0 127 ALA A CB  1 ? 
ATOM   926  N  N   . ARG A 1 128 ? 14.012  -2.686  -6.976  1.000 24.684  0 128 ARG A N   1 ? 
ATOM   927  C  CA  . ARG A 1 128 ? 12.901  -3.297  -6.252  1.000 23.822  0 128 ARG A CA  1 ? 
ATOM   928  C  C   . ARG A 1 128 ? 12.047  -2.261  -5.515  1.000 24.167  0 128 ARG A C   1 ? 
ATOM   929  O  O   . ARG A 1 128 ? 11.012  -2.623  -4.956  1.000 24.626  0 128 ARG A O   1 ? 
ATOM   930  C  CB  . ARG A 1 128 ? 13.409  -4.357  -5.266  1.000 23.172  0 128 ARG A CB  1 ? 
ATOM   931  C  CG  . ARG A 1 128 ? 14.176  -5.502  -5.912  1.000 23.336  0 128 ARG A CG  1 ? 
ATOM   932  C  CD  . ARG A 1 128 ? 13.429  -6.195  -7.039  1.000 23.420  0 128 ARG A CD  1 ? 
ATOM   933  N  NE  . ARG A 1 128 ? 12.130  -6.716  -6.646  1.000 22.645  0 128 ARG A NE  1 ? 
ATOM   934  C  CZ  . ARG A 1 128 ? 11.936  -7.854  -5.987  1.000 23.956  0 128 ARG A CZ  1 ? 
ATOM   935  N  NH1 . ARG A 1 128 ? 12.958  -8.649  -5.717  1.000 21.412  0 128 ARG A NH1 1 ? 
ATOM   936  N  NH2 . ARG A 1 128 ? 10.717  -8.208  -5.623  1.000 23.377  0 128 ARG A NH2 1 ? 
ATOM   937  N  N   . VAL A 1 129 ? 12.444  -0.981  -5.513  1.000 24.010  0 129 VAL A N   1 ? 
ATOM   938  C  CA  . VAL A 1 129 ? 11.645  0.043   -4.846  1.000 23.151  0 129 VAL A CA  1 ? 
ATOM   939  C  C   . VAL A 1 129 ? 10.238  0.115   -5.454  1.000 24.430  0 129 VAL A C   1 ? 
ATOM   940  O  O   . VAL A 1 129 ? 9.257   0.298   -4.726  1.000 22.229  0 129 VAL A O   1 ? 
ATOM   941  C  CB  . VAL A 1 129 ? 12.341  1.420   -4.875  1.000 25.500  0 129 VAL A CB  1 ? 
ATOM   942  C  CG1 . VAL A 1 129 ? 11.397  2.543   -4.459  1.000 25.997  0 129 VAL A CG1 1 ? 
ATOM   943  C  CG2 . VAL A 1 129 ? 13.592  1.427   -4.005  1.000 26.727  0 129 VAL A CG2 1 ? 
ATOM   944  N  N   . LYS A 1 130 ? 10.147  -0.021  -6.788  1.000 22.242  0 130 LYS A N   1 ? 
ATOM   945  C  CA  . LYS A 1 130 ? 8.887   0.039   -7.521  1.000 22.780  0 130 LYS A CA  1 ? 
ATOM   946  C  C   . LYS A 1 130 ? 7.905   -1.010  -7.007  1.000 21.356  0 130 LYS A C   1 ? 
ATOM   947  O  O   . LYS A 1 130 ? 6.690   -0.818  -7.068  1.000 19.048  0 130 LYS A O   1 ? 
ATOM   948  C  CB  . LYS A 1 130 ? 9.123   -0.221  -9.014  1.000 26.822  0 130 LYS A CB  1 ? 
ATOM   949  C  CG  . LYS A 1 130 ? 9.695   -1.597  -9.345  1.000 31.086  0 130 LYS A CG  1 ? 
ATOM   950  C  CD  . LYS A 1 130 ? 9.756   -1.926  -10.830 1.000 34.366  0 130 LYS A CD  1 ? 
ATOM   951  C  CE  . LYS A 1 130 ? 10.767  -1.102  -11.592 1.000 40.552  0 130 LYS A CE  1 ? 
ATOM   952  N  NZ  . LYS A 1 130 ? 12.157  -1.501  -11.262 1.000 45.799  0 130 LYS A NZ  1 ? 
ATOM   953  N  N   . CYS A 1 131 ? 8.442   -2.135  -6.520  1.000 22.339  0 131 CYS A N   1 ? 
ATOM   954  C  CA  . CYS A 1 131 ? 7.626   -3.244  -6.051  1.000 23.571  0 131 CYS A CA  1 ? 
ATOM   955  C  C   . CYS A 1 131 ? 6.870   -2.838  -4.782  1.000 25.823  0 131 CYS A C   1 ? 
ATOM   956  O  O   . CYS A 1 131 ? 5.670   -3.096  -4.634  1.000 22.613  0 131 CYS A O   1 ? 
ATOM   957  C  CB  . CYS A 1 131 ? 8.499   -4.476  -5.818  1.000 24.615  0 131 CYS A CB  1 ? 
ATOM   958  S  SG  . CYS A 1 131 ? 9.541   -4.911  -7.244  1.000 24.636  0 131 CYS A SG  1 ? 
ATOM   959  N  N   . ALA A 1 132 ? 7.574   -2.161  -3.874  1.000 23.516  0 132 ALA A N   1 ? 
ATOM   960  C  CA  . ALA A 1 132 ? 6.970   -1.698  -2.639  1.000 24.357  0 132 ALA A CA  1 ? 
ATOM   961  C  C   . ALA A 1 132 ? 5.956   -0.578  -2.902  1.000 24.536  0 132 ALA A C   1 ? 
ATOM   962  O  O   . ALA A 1 132 ? 4.944   -0.501  -2.206  1.000 27.580  0 132 ALA A O   1 ? 
ATOM   963  C  CB  . ALA A 1 132 ? 8.070   -1.276  -1.687  1.000 24.316  0 132 ALA A CB  1 ? 
ATOM   964  N  N   . LEU A 1 133 ? 6.203   0.254   -3.930  1.000 22.375  0 133 LEU A N   1 ? 
ATOM   965  C  CA  . LEU A 1 133 ? 5.392   1.434   -4.222  1.000 24.506  0 133 LEU A CA  1 ? 
ATOM   966  C  C   . LEU A 1 133 ? 4.116   1.129   -5.017  1.000 26.895  0 133 LEU A C   1 ? 
ATOM   967  O  O   . LEU A 1 133 ? 3.189   1.934   -5.004  1.000 25.279  0 133 LEU A O   1 ? 
ATOM   968  C  CB  . LEU A 1 133 ? 6.240   2.435   -5.019  1.000 27.525  0 133 LEU A CB  1 ? 
ATOM   969  C  CG  . LEU A 1 133 ? 7.350   3.150   -4.247  1.000 32.064  0 133 LEU A CG  1 ? 
ATOM   970  C  CD1 . LEU A 1 133 ? 8.150   4.053   -5.176  1.000 34.526  0 133 LEU A CD1 1 ? 
ATOM   971  C  CD2 . LEU A 1 133 ? 6.788   3.948   -3.081  1.000 32.216  0 133 LEU A CD2 1 ? 
ATOM   972  N  N   . LEU A 1 134 ? 4.083   0.027   -5.777  1.000 24.608  0 134 LEU A N   1 ? 
ATOM   973  C  CA  . LEU A 1 134 ? 3.047   -0.180  -6.782  1.000 24.759  0 134 LEU A CA  1 ? 
ATOM   974  C  C   . LEU A 1 134 ? 1.662   -0.002  -6.160  1.000 22.255  0 134 LEU A C   1 ? 
ATOM   975  O  O   . LEU A 1 134 ? 0.883   0.833   -6.621  1.000 23.117  0 134 LEU A O   1 ? 
ATOM   976  C  CB  . LEU A 1 134 ? 3.207   -1.573  -7.418  1.000 24.588  0 134 LEU A CB  1 ? 
ATOM   977  C  CG  . LEU A 1 134 ? 2.159   -1.942  -8.472  1.000 27.429  0 134 LEU A CG  1 ? 
ATOM   978  C  CD1 . LEU A 1 134 ? 2.155   -0.944  -9.616  1.000 27.876  0 134 LEU A CD1 1 ? 
ATOM   979  C  CD2 . LEU A 1 134 ? 2.382   -3.351  -9.004  1.000 30.922  0 134 LEU A CD2 1 ? 
ATOM   980  N  N   . GLY A 1 135 ? 1.379   -0.758  -5.090  1.000 21.902  0 135 GLY A N   1 ? 
ATOM   981  C  CA  . GLY A 1 135 ? 0.070   -0.740  -4.456  1.000 20.515  0 135 GLY A CA  1 ? 
ATOM   982  C  C   . GLY A 1 135 ? -0.192  0.538   -3.662  1.000 20.779  0 135 GLY A C   1 ? 
ATOM   983  O  O   . GLY A 1 135 ? -1.323  1.015   -3.592  1.000 19.018  0 135 GLY A O   1 ? 
ATOM   984  N  N   . TRP A 1 136 ? 0.870   1.081   -3.067  1.000 22.776  0 136 TRP A N   1 ? 
ATOM   985  C  CA  . TRP A 1 136 ? 0.768   2.246   -2.210  1.000 21.287  0 136 TRP A CA  1 ? 
ATOM   986  C  C   . TRP A 1 136 ? 0.470   3.502   -3.019  1.000 20.483  0 136 TRP A C   1 ? 
ATOM   987  O  O   . TRP A 1 136 ? -0.352  4.312   -2.590  1.000 19.055  0 136 TRP A O   1 ? 
ATOM   988  C  CB  . TRP A 1 136 ? 2.039   2.383   -1.368  1.000 22.968  0 136 TRP A CB  1 ? 
ATOM   989  C  CG  . TRP A 1 136 ? 2.129   1.360   -0.279  1.000 22.845  0 136 TRP A CG  1 ? 
ATOM   990  C  CD1 . TRP A 1 136 ? 2.398   0.030   -0.420  1.000 22.342  0 136 TRP A CD1 1 ? 
ATOM   991  C  CD2 . TRP A 1 136 ? 1.947   1.589   1.129   1.000 27.430  0 136 TRP A CD2 1 ? 
ATOM   992  N  NE1 . TRP A 1 136 ? 2.384   -0.588  0.799   1.000 24.236  0 136 TRP A NE1 1 ? 
ATOM   993  C  CE2 . TRP A 1 136 ? 2.103   0.340   1.768   1.000 25.417  0 136 TRP A CE2 1 ? 
ATOM   994  C  CE3 . TRP A 1 136 ? 1.649   2.717   1.906   1.000 27.515  0 136 TRP A CE3 1 ? 
ATOM   995  C  CZ2 . TRP A 1 136 ? 2.010   0.198   3.153   1.000 24.503  0 136 TRP A CZ2 1 ? 
ATOM   996  C  CZ3 . TRP A 1 136 ? 1.548   2.576   3.273   1.000 25.491  0 136 TRP A CZ3 1 ? 
ATOM   997  C  CH2 . TRP A 1 136 ? 1.724   1.329   3.883   1.000 27.472  0 136 TRP A CH2 1 ? 
ATOM   998  N  N   . MET A 1 137 ? 1.118   3.658   -4.183  1.000 21.948  0 137 MET A N   1 ? 
ATOM   999  C  CA  . MET A 1 137 ? 0.833   4.788   -5.064  1.000 23.387  0 137 MET A CA  1 ? 
ATOM   1000 C  C   . MET A 1 137 ? -0.520  4.609   -5.766  1.000 22.616  0 137 MET A C   1 ? 
ATOM   1001 O  O   . MET A 1 137 ? -1.199  5.595   -6.057  1.000 23.459  0 137 MET A O   1 ? 
ATOM   1002 C  CB  . MET A 1 137 ? 1.951   4.983   -6.095  1.000 22.654  0 137 MET A CB  1 ? 
ATOM   1003 C  CG  . MET A 1 137 ? 3.301   5.350   -5.468  1.000 26.990  0 137 MET A CG  1 ? 
ATOM   1004 S  SD  . MET A 1 137 ? 3.294   6.898   -4.478  1.000 37.293  0 137 MET A SD  1 ? 
ATOM   1005 C  CE  . MET A 1 137 ? 2.657   6.343   -2.899  1.000 42.013  0 137 MET A CE  1 ? 
ATOM   1006 N  N   . ALA A 1 138 ? -0.948  3.359   -5.997  1.000 20.724  0 138 ALA A N   1 ? 
ATOM   1007 C  CA  . ALA A 1 138 ? -2.296  3.126   -6.502  1.000 20.406  0 138 ALA A CA  1 ? 
ATOM   1008 C  C   . ALA A 1 138 ? -3.312  3.605   -5.465  1.000 20.532  0 138 ALA A C   1 ? 
ATOM   1009 O  O   . ALA A 1 138 ? -4.310  4.245   -5.809  1.000 22.896  0 138 ALA A O   1 ? 
ATOM   1010 C  CB  . ALA A 1 138 ? -2.490  1.673   -6.860  1.000 21.612  0 138 ALA A CB  1 ? 
ATOM   1011 N  N   . PHE A 1 139 ? -3.031  3.338   -4.183  1.000 22.294  0 139 PHE A N   1 ? 
ATOM   1012 C  CA  . PHE A 1 139 ? -3.928  3.762   -3.120  1.000 23.662  0 139 PHE A CA  1 ? 
ATOM   1013 C  C   . PHE A 1 139 ? -3.991  5.293   -3.046  1.000 23.028  0 139 PHE A C   1 ? 
ATOM   1014 O  O   . PHE A 1 139 ? -5.069  5.873   -2.947  1.000 20.842  0 139 PHE A O   1 ? 
ATOM   1015 C  CB  . PHE A 1 139 ? -3.523  3.142   -1.778  1.000 21.541  0 139 PHE A CB  1 ? 
ATOM   1016 C  CG  . PHE A 1 139 ? -4.281  3.725   -0.612  1.000 20.357  0 139 PHE A CG  1 ? 
ATOM   1017 C  CD1 . PHE A 1 139 ? -5.600  3.374   -0.378  1.000 20.876  0 139 PHE A CD1 1 ? 
ATOM   1018 C  CD2 . PHE A 1 139 ? -3.705  4.695   0.195   1.000 22.677  0 139 PHE A CD2 1 ? 
ATOM   1019 C  CE1 . PHE A 1 139 ? -6.314  3.933   0.673   1.000 21.270  0 139 PHE A CE1 1 ? 
ATOM   1020 C  CE2 . PHE A 1 139 ? -4.413  5.240   1.260   1.000 23.742  0 139 PHE A CE2 1 ? 
ATOM   1021 C  CZ  . PHE A 1 139 ? -5.718  4.865   1.493   1.000 22.681  0 139 PHE A CZ  1 ? 
ATOM   1022 N  N   . LYS A 1 140 ? -2.827  5.949   -3.096  1.000 24.592  0 140 LYS A N   1 ? 
ATOM   1023 C  CA  . LYS A 1 140 ? -2.758  7.394   -2.982  1.000 25.615  0 140 LYS A CA  1 ? 
ATOM   1024 C  C   . LYS A 1 140 ? -3.630  8.023   -4.064  1.000 23.884  0 140 LYS A C   1 ? 
ATOM   1025 O  O   . LYS A 1 140 ? -4.379  8.958   -3.790  1.000 22.397  0 140 LYS A O   1 ? 
ATOM   1026 C  CB  . LYS A 1 140 ? -1.296  7.850   -3.065  1.000 32.183  0 140 LYS A CB  1 ? 
ATOM   1027 C  CG  . LYS A 1 140 ? -1.049  9.338   -2.837  1.000 31.481  0 140 LYS A CG  1 ? 
ATOM   1028 C  CD  . LYS A 1 140 ? 0.432   9.678   -2.821  1.000 41.618  0 140 LYS A CD  1 ? 
ATOM   1029 C  CE  . LYS A 1 140 ? 0.726   11.164  -2.769  1.000 51.790  0 140 LYS A CE  1 ? 
ATOM   1030 N  NZ  . LYS A 1 140 ? -0.081  11.852  -1.734  1.000 55.293  0 140 LYS A NZ  1 ? 
ATOM   1031 N  N   . ASP A 1 141 ? -3.525  7.483   -5.286  1.000 22.614  0 141 ASP A N   1 ? 
ATOM   1032 C  CA  . ASP A 1 141 ? -4.270  7.940   -6.448  1.000 23.926  0 141 ASP A CA  1 ? 
ATOM   1033 C  C   . ASP A 1 141 ? -5.770  7.687   -6.256  1.000 25.043  0 141 ASP A C   1 ? 
ATOM   1034 O  O   . ASP A 1 141 ? -6.585  8.591   -6.451  1.000 25.894  0 141 ASP A O   1 ? 
ATOM   1035 C  CB  . ASP A 1 141 ? -3.675  7.281   -7.698  1.000 25.192  0 141 ASP A CB  1 ? 
ATOM   1036 C  CG  . ASP A 1 141 ? -4.205  7.778   -9.029  1.000 29.242  0 141 ASP A CG  1 ? 
ATOM   1037 O  OD1 . ASP A 1 141 ? -4.879  8.831   -9.044  1.000 33.170  0 141 ASP A OD1 1 ? 
ATOM   1038 O  OD2 . ASP A 1 141 ? -3.945  7.098   -10.048 1.000 31.617  0 141 ASP A OD2 1 ? 
ATOM   1039 N  N   . ALA A 1 142 ? -6.151  6.468   -5.850  1.000 22.641  0 142 ALA A N   1 ? 
ATOM   1040 C  CA  . ALA A 1 142 ? -7.561  6.136   -5.697  1.000 21.488  0 142 ALA A CA  1 ? 
ATOM   1041 C  C   . ALA A 1 142 ? -8.196  6.938   -4.559  1.000 21.692  0 142 ALA A C   1 ? 
ATOM   1042 O  O   . ALA A 1 142 ? -9.348  7.338   -4.662  1.000 23.156  0 142 ALA A O   1 ? 
ATOM   1043 C  CB  . ALA A 1 142 ? -7.736  4.659   -5.460  1.000 19.297  0 142 ALA A CB  1 ? 
ATOM   1044 N  N   . LEU A 1 143 ? -7.467  7.118   -3.452  1.000 21.019  0 143 LEU A N   1 ? 
ATOM   1045 C  CA  . LEU A 1 143 ? -7.967  7.880   -2.316  1.000 23.422  0 143 LEU A CA  1 ? 
ATOM   1046 C  C   . LEU A 1 143 ? -8.279  9.317   -2.734  1.000 23.872  0 143 LEU A C   1 ? 
ATOM   1047 O  O   . LEU A 1 143 ? -9.335  9.841   -2.386  1.000 28.884  0 143 LEU A O   1 ? 
ATOM   1048 C  CB  . LEU A 1 143 ? -6.921  7.844   -1.194  1.000 24.756  0 143 LEU A CB  1 ? 
ATOM   1049 C  CG  . LEU A 1 143 ? -7.265  8.653   0.051   1.000 25.363  0 143 LEU A CG  1 ? 
ATOM   1050 C  CD1 . LEU A 1 143 ? -8.583  8.178   0.640   1.000 28.933  0 143 LEU A CD1 1 ? 
ATOM   1051 C  CD2 . LEU A 1 143 ? -6.147  8.559   1.080   1.000 28.176  0 143 LEU A CD2 1 ? 
ATOM   1052 N  N   . ALA A 1 144 ? -7.352  9.942   -3.475  1.000 24.804  0 144 ALA A N   1 ? 
ATOM   1053 C  CA  . ALA A 1 144 ? -7.530  11.290  -4.008  1.000 27.465  0 144 ALA A CA  1 ? 
ATOM   1054 C  C   . ALA A 1 144 ? -8.773  11.391  -4.890  1.000 28.212  0 144 ALA A C   1 ? 
ATOM   1055 O  O   . ALA A 1 144 ? -9.505  12.377  -4.842  1.000 31.690  0 144 ALA A O   1 ? 
ATOM   1056 C  CB  . ALA A 1 144 ? -6.300  11.696  -4.790  1.000 28.047  0 144 ALA A CB  1 ? 
ATOM   1057 N  N   . GLN A 1 145 ? -9.020  10.371  -5.712  1.000 27.640  0 145 GLN A N   1 ? 
ATOM   1058 C  CA  . GLN A 1 145 ? -10.120 10.431  -6.657  1.000 24.736  0 145 GLN A CA  1 ? 
ATOM   1059 C  C   . GLN A 1 145 ? -11.457 10.236  -5.946  1.000 23.231  0 145 GLN A C   1 ? 
ATOM   1060 O  O   . GLN A 1 145 ? -12.422 10.930  -6.264  1.000 24.079  0 145 GLN A O   1 ? 
ATOM   1061 C  CB  . GLN A 1 145 ? -9.870  9.433   -7.782  1.000 29.206  0 145 GLN A CB  1 ? 
ATOM   1062 C  CG  . GLN A 1 145 ? -8.739  9.887   -8.693  1.000 28.066  0 145 GLN A CG  1 ? 
ATOM   1063 C  CD  . GLN A 1 145 ? -8.611  8.999   -9.897  1.000 32.455  0 145 GLN A CD  1 ? 
ATOM   1064 O  OE1 . GLN A 1 145 ? -9.607  8.605   -10.500 1.000 33.330  0 145 GLN A OE1 1 ? 
ATOM   1065 N  NE2 . GLN A 1 145 ? -7.376  8.662   -10.235 1.000 30.348  0 145 GLN A NE2 1 ? 
ATOM   1066 N  N   . ALA A 1 146 ? -11.486 9.318   -4.973  1.000 22.373  0 146 ALA A N   1 ? 
ATOM   1067 C  CA  . ALA A 1 146 ? -12.661 9.051   -4.152  1.000 22.674  0 146 ALA A CA  1 ? 
ATOM   1068 C  C   . ALA A 1 146 ? -13.014 10.266  -3.293  1.000 27.082  0 146 ALA A C   1 ? 
ATOM   1069 O  O   . ALA A 1 146 ? -14.184 10.487  -2.995  1.000 25.897  0 146 ALA A O   1 ? 
ATOM   1070 C  CB  . ALA A 1 146 ? -12.411 7.843   -3.287  1.000 20.898  0 146 ALA A CB  1 ? 
ATOM   1071 N  N   . SER A 1 147 ? -11.992 11.046  -2.914  1.000 28.878  0 147 SER A N   1 ? 
ATOM   1072 C  CA  . SER A 1 147 ? -12.166 12.202  -2.044  1.000 30.703  0 147 SER A CA  1 ? 
ATOM   1073 C  C   . SER A 1 147 ? -12.806 13.370  -2.786  1.000 32.670  0 147 SER A C   1 ? 
ATOM   1074 O  O   . SER A 1 147 ? -13.333 14.277  -2.144  1.000 37.361  0 147 SER A O   1 ? 
ATOM   1075 C  CB  . SER A 1 147 ? -10.852 12.607  -1.425  1.000 29.250  0 147 SER A CB  1 ? 
ATOM   1076 O  OG  . SER A 1 147 ? -10.413 11.600  -0.532  1.000 31.431  0 147 SER A OG  1 ? 
ATOM   1077 N  N   . GLU A 1 148 ? -12.759 13.352  -4.126  1.000 34.381  0 148 GLU A N   1 ? 
ATOM   1078 C  CA  . GLU A 1 148 ? -13.307 14.436  -4.927  1.000 35.393  0 148 GLU A CA  1 ? 
ATOM   1079 C  C   . GLU A 1 148 ? -14.811 14.585  -4.704  1.000 34.432  0 148 GLU A C   1 ? 
ATOM   1080 O  O   . GLU A 1 148 ? -15.347 15.679  -4.873  1.000 37.284  0 148 GLU A O   1 ? 
ATOM   1081 C  CB  . GLU A 1 148 ? -13.035 14.234  -6.415  1.000 40.057  0 148 GLU A CB  1 ? 
ATOM   1082 C  CG  . GLU A 1 148 ? -11.616 14.565  -6.828  1.000 41.235  0 148 GLU A CG  1 ? 
ATOM   1083 C  CD  . GLU A 1 148 ? -11.378 14.332  -8.309  1.000 56.808  0 148 GLU A CD  1 ? 
ATOM   1084 O  OE1 . GLU A 1 148 ? -12.258 14.733  -9.111  1.000 61.650  0 148 GLU A OE1 1 ? 
ATOM   1085 O  OE2 . GLU A 1 148 ? -10.326 13.744  -8.659  1.000 58.361  0 148 GLU A OE2 1 ? 
ATOM   1086 N  N   . ALA A 1 149 ? -15.483 13.490  -4.327  1.000 33.190  0 149 ALA A N   1 ? 
ATOM   1087 C  CA  . ALA A 1 149 ? -16.908 13.511  -4.026  1.000 31.906  0 149 ALA A CA  1 ? 
ATOM   1088 C  C   . ALA A 1 149 ? -17.224 14.399  -2.820  1.000 36.619  0 149 ALA A C   1 ? 
ATOM   1089 O  O   . ALA A 1 149 ? -18.375 14.801  -2.661  1.000 32.549  0 149 ALA A O   1 ? 
ATOM   1090 C  CB  . ALA A 1 149 ? -17.402 12.103  -3.786  1.000 32.606  0 149 ALA A CB  1 ? 
ATOM   1091 N  N   . PHE A 1 150 ? -16.219 14.690  -1.975  1.000 37.142  0 150 PHE A N   1 ? 
ATOM   1092 C  CA  . PHE A 1 150 ? -16.444 15.369  -0.704  1.000 43.863  0 150 PHE A CA  1 ? 
ATOM   1093 C  C   . PHE A 1 150 ? -15.821 16.766  -0.661  1.000 45.792  0 150 PHE A C   1 ? 
ATOM   1094 O  O   . PHE A 1 150 ? -15.993 17.470  0.328   1.000 52.716  0 150 PHE A O   1 ? 
ATOM   1095 C  CB  . PHE A 1 150 ? -15.933 14.488  0.439   1.000 36.440  0 150 PHE A CB  1 ? 
ATOM   1096 C  CG  . PHE A 1 150 ? -16.683 13.186  0.542   1.000 34.149  0 150 PHE A CG  1 ? 
ATOM   1097 C  CD1 . PHE A 1 150 ? -17.899 13.119  1.204   1.000 36.904  0 150 PHE A CD1 1 ? 
ATOM   1098 C  CD2 . PHE A 1 150 ? -16.229 12.054  -0.114  1.000 36.324  0 150 PHE A CD2 1 ? 
ATOM   1099 C  CE1 . PHE A 1 150 ? -18.610 11.930  1.267   1.000 41.723  0 150 PHE A CE1 1 ? 
ATOM   1100 C  CE2 . PHE A 1 150 ? -16.948 10.869  -0.063  1.000 36.347  0 150 PHE A CE2 1 ? 
ATOM   1101 C  CZ  . PHE A 1 150 ? -18.136 10.808  0.631   1.000 39.114  0 150 PHE A CZ  1 ? 
ATOM   1102 N  N   . GLU A 1 151 ? -15.142 17.206  -1.726  1.000 49.371  0 151 GLU A N   1 ? 
ATOM   1103 C  CA  . GLU A 1 151 ? -14.520 18.522  -1.706  1.000 66.451  0 151 GLU A CA  1 ? 
ATOM   1104 C  C   . GLU A 1 151 ? -15.585 19.593  -1.433  1.000 61.124  0 151 GLU A C   1 ? 
ATOM   1105 O  O   . GLU A 1 151 ? -16.322 19.926  -2.382  1.000 64.397  0 151 GLU A O   1 ? 
ATOM   1106 C  CB  . GLU A 1 151 ? -13.774 18.820  -3.011  1.000 71.130  0 151 GLU A CB  1 ? 
ATOM   1107 C  CG  . GLU A 1 151 ? -12.733 17.777  -3.389  1.000 85.082  0 151 GLU A CG  1 ? 
ATOM   1108 C  CD  . GLU A 1 151 ? -11.651 17.464  -2.365  1.000 89.892  0 151 GLU A CD  1 ? 
ATOM   1109 O  OE1 . GLU A 1 151 ? -11.571 18.163  -1.332  1.000 95.731  0 151 GLU A OE1 1 ? 
ATOM   1110 O  OE2 . GLU A 1 151 ? -10.887 16.505  -2.603  1.000 85.976  0 151 GLU A OE2 1 ? 
HETATM 1111 FE FE1 . FES B 2 .   ? 7.041   -5.998  -10.873 1.000 22.460  0 201 FES A FE1 1 ? 
HETATM 1112 FE FE2 . FES B 2 .   ? 7.976   -6.287  -8.301  1.000 22.100  0 201 FES A FE2 1 ? 
HETATM 1113 S  S1  . FES B 2 .   ? 8.997   -6.868  -10.213 1.000 22.734  0 201 FES A S1  1 ? 
HETATM 1114 S  S2  . FES B 2 .   ? 6.119   -5.272  -8.981  1.000 23.736  0 201 FES A S2  1 ? 
HETATM 1115 O  O   . HOH C 3 .   ? -17.317 -4.738  -9.769  1.000 34.311  0 301 HOH A O   1 ? 
HETATM 1116 O  O   . HOH C 3 .   ? -5.301  7.548   -12.155 1.000 28.631  0 302 HOH A O   1 ? 
HETATM 1117 O  O   . HOH C 3 .   ? -2.645  2.061   10.899  1.000 31.625  0 303 HOH A O   1 ? 
HETATM 1118 O  O   . HOH C 3 .   ? 12.340  0.577   -8.700  1.000 23.047  0 304 HOH A O   1 ? 
HETATM 1119 O  O   . HOH C 3 .   ? -20.219 -0.662  -9.155  1.000 32.753  0 305 HOH A O   1 ? 
HETATM 1120 O  O   . HOH C 3 .   ? 9.080   6.460   7.406   1.000 38.503  0 306 HOH A O   1 ? 
HETATM 1121 O  O   . HOH C 3 .   ? -15.100 10.951  -6.657  1.000 25.816  0 307 HOH A O   1 ? 
HETATM 1122 O  O   . HOH C 3 .   ? 1.454   2.472   -8.703  1.000 25.024  0 308 HOH A O   1 ? 
HETATM 1123 O  O   . HOH C 3 .   ? -18.307 -6.837  -3.540  1.000 32.862  0 309 HOH A O   1 ? 
HETATM 1124 O  O   . HOH C 3 .   ? -16.256 8.719   -3.047  1.000 31.180  0 310 HOH A O   1 ? 
HETATM 1125 O  O   . HOH C 3 .   ? -10.789 13.358  9.348   1.000 43.536  0 311 HOH A O   1 ? 
HETATM 1126 O  O   . HOH C 3 .   ? -1.642  -9.275  -1.805  1.000 27.998  0 312 HOH A O   1 ? 
HETATM 1127 O  O   . HOH C 3 .   ? -16.391 -2.041  -0.090  1.000 36.867  0 313 HOH A O   1 ? 
HETATM 1128 O  O   . HOH C 3 .   ? -11.204 6.361   -10.544 1.000 24.673  0 314 HOH A O   1 ? 
HETATM 1129 O  O   . HOH C 3 .   ? 15.412  3.813   -1.912  1.000 31.642  0 315 HOH A O   1 ? 
HETATM 1130 O  O   . HOH C 3 .   ? -16.445 8.801   -5.872  1.000 27.507  0 316 HOH A O   1 ? 
HETATM 1131 O  O   . HOH C 3 .   ? -6.065  0.283   10.182  1.000 34.522  0 317 HOH A O   1 ? 
HETATM 1132 O  O   . HOH C 3 .   ? -7.743  7.287   11.908  1.000 27.351  0 318 HOH A O   1 ? 
HETATM 1133 O  O   . HOH C 3 .   ? 5.734   1.051   -8.919  1.000 31.518  0 319 HOH A O   1 ? 
HETATM 1134 O  O   . HOH C 3 .   ? -5.037  -5.701  -12.179 1.000 37.300  0 320 HOH A O   1 ? 
HETATM 1135 O  O   . HOH C 3 .   ? 2.996   -2.836  -3.842  1.000 22.303  0 321 HOH A O   1 ? 
HETATM 1136 O  O   . HOH C 3 .   ? -13.639 -1.795  -2.388  1.000 30.899  0 322 HOH A O   1 ? 
HETATM 1137 O  O   . HOH C 3 .   ? -17.608 -4.928  0.279   1.000 42.874  0 323 HOH A O   1 ? 
HETATM 1138 O  O   . HOH C 3 .   ? 11.373  -2.642  -19.387 1.000 25.399  0 324 HOH A O   1 ? 
HETATM 1139 O  O   . HOH C 3 .   ? -10.142 -10.694 0.991   1.000 43.556  0 325 HOH A O   1 ? 
HETATM 1140 O  O   . HOH C 3 .   ? -0.580  2.790   -15.319 1.000 32.883  0 326 HOH A O   1 ? 
HETATM 1141 O  O   . HOH C 3 .   ? -0.870  -11.760 6.661   1.000 36.551  0 327 HOH A O   1 ? 
HETATM 1142 O  O   . HOH C 3 .   ? -10.912 -9.455  -7.938  1.000 37.731  0 328 HOH A O   1 ? 
HETATM 1143 O  O   . HOH C 3 .   ? -13.726 4.504   -10.560 1.000 21.389  0 329 HOH A O   1 ? 
HETATM 1144 O  O   . HOH C 3 .   ? 9.124   2.283   -11.742 1.000 32.068  0 330 HOH A O   1 ? 
HETATM 1145 O  O   . HOH C 3 .   ? -18.880 7.338   0.437   1.000 34.518  0 331 HOH A O   1 ? 
HETATM 1146 O  O   . HOH C 3 .   ? -16.615 6.224   -1.490  1.000 17.214  0 332 HOH A O   1 ? 
HETATM 1147 O  O   . HOH C 3 .   ? -18.058 3.605   -1.708  1.000 35.364  0 333 HOH A O   1 ? 
HETATM 1148 O  O   . HOH C 3 .   ? 4.075   3.072   -8.609  1.000 31.627  0 334 HOH A O   1 ? 
HETATM 1149 O  O   . HOH C 3 .   ? 7.826   3.316   -8.900  1.000 37.967  0 335 HOH A O   1 ? 
HETATM 1150 O  O   . HOH C 3 .   ? -17.412 -1.134  2.035   1.000 42.483  0 336 HOH A O   1 ? 
# 
